data_1WHN
#
_entry.id   1WHN
#
_entity_poly.entity_id   1
_entity_poly.type   'polypeptide(L)'
_entity_poly.pdbx_seq_one_letter_code
;GSSGSSGSGIIKMAIRFDRRAYPPQITPKMCLLEWCRREKLPQPVYETVQRTIDRMFCSVVTVAEQKYQSTLWDKSKKLA
EQTAAIVCLRSQGLPEGRLGEESPSLNKRKREAPDQDPGGPRSGPSSG
;
_entity_poly.pdbx_strand_id   A
#
# COMPACT_ATOMS: atom_id res chain seq x y z
N GLY A 1 5.91 -14.87 13.86
CA GLY A 1 5.21 -13.79 14.54
C GLY A 1 5.46 -12.44 13.89
N SER A 2 4.49 -11.54 14.00
CA SER A 2 4.61 -10.21 13.41
C SER A 2 5.85 -9.50 13.94
N SER A 3 6.34 -8.52 13.18
CA SER A 3 7.52 -7.77 13.57
C SER A 3 7.16 -6.64 14.53
N GLY A 4 6.08 -5.93 14.22
CA GLY A 4 5.65 -4.84 15.07
C GLY A 4 5.21 -3.63 14.27
N SER A 5 4.07 -3.76 13.58
CA SER A 5 3.54 -2.67 12.77
C SER A 5 3.40 -1.39 13.60
N SER A 6 3.50 -0.25 12.93
CA SER A 6 3.38 1.04 13.60
C SER A 6 2.08 1.73 13.24
N GLY A 7 1.03 1.42 13.99
CA GLY A 7 -0.28 2.02 13.73
C GLY A 7 -1.41 1.03 13.90
N SER A 8 -2.38 1.39 14.76
CA SER A 8 -3.53 0.53 15.02
C SER A 8 -4.59 0.70 13.93
N GLY A 9 -4.71 -0.32 13.08
CA GLY A 9 -5.70 -0.27 12.01
C GLY A 9 -5.08 -0.52 10.65
N ILE A 10 -4.62 0.55 10.00
CA ILE A 10 -4.01 0.44 8.68
C ILE A 10 -2.49 0.40 8.79
N ILE A 11 -1.89 -0.64 8.22
CA ILE A 11 -0.44 -0.81 8.25
C ILE A 11 0.23 0.15 7.25
N LYS A 12 0.80 1.23 7.78
CA LYS A 12 1.48 2.22 6.95
C LYS A 12 2.96 1.91 6.85
N MET A 13 3.50 2.03 5.65
CA MET A 13 4.92 1.76 5.41
C MET A 13 5.47 2.67 4.32
N ALA A 14 6.76 2.99 4.40
CA ALA A 14 7.40 3.84 3.41
C ALA A 14 7.82 3.04 2.19
N ILE A 15 7.07 3.20 1.10
CA ILE A 15 7.37 2.50 -0.14
C ILE A 15 7.05 3.36 -1.36
N ARG A 16 7.88 3.28 -2.38
CA ARG A 16 7.68 4.04 -3.60
C ARG A 16 7.86 3.16 -4.84
N PHE A 17 6.77 2.88 -5.53
CA PHE A 17 6.80 2.05 -6.72
C PHE A 17 8.03 2.37 -7.57
N ASP A 18 8.84 1.36 -7.86
CA ASP A 18 10.04 1.54 -8.66
C ASP A 18 9.97 0.73 -9.95
N ARG A 19 9.70 1.42 -11.06
CA ARG A 19 9.59 0.76 -12.36
C ARG A 19 10.80 -0.14 -12.62
N ARG A 20 11.99 0.45 -12.54
CA ARG A 20 13.23 -0.29 -12.76
C ARG A 20 13.25 -1.58 -11.94
N ALA A 21 12.49 -1.59 -10.85
CA ALA A 21 12.41 -2.76 -9.98
C ALA A 21 11.80 -3.95 -10.72
N TYR A 22 10.82 -3.68 -11.57
CA TYR A 22 10.16 -4.73 -12.33
C TYR A 22 10.17 -4.41 -13.82
N PRO A 23 10.31 -5.46 -14.64
CA PRO A 23 10.34 -5.32 -16.10
C PRO A 23 8.99 -4.92 -16.68
N PRO A 24 8.98 -4.50 -17.95
CA PRO A 24 7.75 -4.09 -18.64
C PRO A 24 6.82 -5.26 -18.92
N GLN A 25 7.29 -6.47 -18.60
CA GLN A 25 6.49 -7.67 -18.82
C GLN A 25 5.93 -8.20 -17.50
N ILE A 26 6.33 -7.58 -16.40
CA ILE A 26 5.86 -7.98 -15.09
C ILE A 26 5.45 -6.77 -14.25
N THR A 27 4.40 -6.94 -13.44
CA THR A 27 3.91 -5.86 -12.59
C THR A 27 3.72 -6.34 -11.15
N PRO A 28 3.88 -5.42 -10.19
CA PRO A 28 3.74 -5.72 -8.77
C PRO A 28 2.28 -6.01 -8.39
N LYS A 29 1.36 -5.51 -9.19
CA LYS A 29 -0.07 -5.71 -8.94
C LYS A 29 -0.48 -7.14 -9.29
N MET A 30 0.10 -7.68 -10.35
CA MET A 30 -0.20 -9.04 -10.78
C MET A 30 0.37 -10.06 -9.81
N CYS A 31 1.54 -9.76 -9.26
CA CYS A 31 2.20 -10.65 -8.31
C CYS A 31 1.31 -10.90 -7.10
N LEU A 32 0.64 -9.86 -6.63
CA LEU A 32 -0.24 -9.97 -5.48
C LEU A 32 -1.38 -10.95 -5.75
N LEU A 33 -2.15 -10.67 -6.78
CA LEU A 33 -3.28 -11.53 -7.16
C LEU A 33 -2.83 -12.98 -7.27
N GLU A 34 -1.73 -13.19 -7.99
CA GLU A 34 -1.19 -14.54 -8.18
C GLU A 34 -0.91 -15.21 -6.84
N TRP A 35 -0.71 -14.40 -5.81
CA TRP A 35 -0.43 -14.92 -4.47
C TRP A 35 -1.73 -15.18 -3.71
N CYS A 36 -2.77 -14.42 -4.03
CA CYS A 36 -4.06 -14.58 -3.38
C CYS A 36 -4.76 -15.85 -3.85
N ARG A 37 -4.27 -16.41 -4.95
CA ARG A 37 -4.86 -17.63 -5.52
C ARG A 37 -4.45 -18.85 -4.69
N ARG A 38 -3.19 -18.87 -4.25
CA ARG A 38 -2.67 -19.98 -3.46
C ARG A 38 -3.21 -19.93 -2.03
N GLU A 39 -3.26 -18.72 -1.48
CA GLU A 39 -3.75 -18.52 -0.12
C GLU A 39 -5.27 -18.50 -0.08
N LYS A 40 -5.89 -18.93 -1.17
CA LYS A 40 -7.34 -18.96 -1.28
C LYS A 40 -7.94 -17.65 -0.78
N LEU A 41 -7.16 -16.58 -0.85
CA LEU A 41 -7.62 -15.27 -0.41
C LEU A 41 -8.39 -14.56 -1.51
N PRO A 42 -9.44 -13.80 -1.13
CA PRO A 42 -10.28 -13.06 -2.07
C PRO A 42 -9.54 -11.88 -2.70
N GLN A 43 -9.72 -11.70 -4.00
CA GLN A 43 -9.08 -10.61 -4.72
C GLN A 43 -9.11 -9.32 -3.90
N PRO A 44 -7.99 -8.57 -3.93
CA PRO A 44 -7.87 -7.32 -3.20
C PRO A 44 -8.75 -6.21 -3.78
N VAL A 45 -8.67 -5.02 -3.19
CA VAL A 45 -9.46 -3.89 -3.66
C VAL A 45 -8.63 -2.61 -3.65
N TYR A 46 -8.29 -2.12 -4.85
CA TYR A 46 -7.50 -0.92 -4.98
C TYR A 46 -8.38 0.32 -4.89
N GLU A 47 -7.91 1.33 -4.17
CA GLU A 47 -8.65 2.57 -4.00
C GLU A 47 -7.71 3.78 -4.01
N THR A 48 -7.81 4.58 -5.07
CA THR A 48 -6.97 5.77 -5.20
C THR A 48 -7.78 7.05 -5.02
N VAL A 49 -7.35 7.88 -4.08
CA VAL A 49 -8.04 9.14 -3.80
C VAL A 49 -7.15 10.33 -4.14
N GLN A 50 -7.76 11.52 -4.16
CA GLN A 50 -7.03 12.75 -4.47
C GLN A 50 -7.12 13.74 -3.31
N ARG A 51 -5.97 14.10 -2.76
CA ARG A 51 -5.92 15.05 -1.65
C ARG A 51 -6.06 16.48 -2.15
N THR A 52 -6.07 17.42 -1.22
CA THR A 52 -6.20 18.84 -1.56
C THR A 52 -4.94 19.60 -1.20
N ILE A 53 -4.15 19.06 -0.27
CA ILE A 53 -2.92 19.69 0.16
C ILE A 53 -1.86 19.64 -0.94
N ASP A 54 -1.64 18.44 -1.47
CA ASP A 54 -0.66 18.25 -2.54
C ASP A 54 -1.31 17.67 -3.78
N ARG A 55 -2.63 17.73 -3.83
CA ARG A 55 -3.38 17.21 -4.97
C ARG A 55 -2.70 15.97 -5.54
N MET A 56 -2.06 15.20 -4.67
CA MET A 56 -1.37 13.99 -5.10
C MET A 56 -2.31 12.78 -5.05
N PHE A 57 -1.92 11.70 -5.72
CA PHE A 57 -2.73 10.49 -5.75
C PHE A 57 -2.11 9.40 -4.88
N CYS A 58 -2.96 8.63 -4.22
CA CYS A 58 -2.49 7.56 -3.34
C CYS A 58 -3.48 6.39 -3.34
N SER A 59 -2.98 5.20 -3.65
CA SER A 59 -3.83 4.02 -3.70
C SER A 59 -3.73 3.23 -2.39
N VAL A 60 -4.77 2.46 -2.08
CA VAL A 60 -4.81 1.67 -0.86
C VAL A 60 -5.44 0.30 -1.10
N VAL A 61 -4.65 -0.75 -0.97
CA VAL A 61 -5.14 -2.11 -1.17
C VAL A 61 -5.62 -2.72 0.13
N THR A 62 -6.54 -3.67 0.03
CA THR A 62 -7.09 -4.34 1.19
C THR A 62 -7.17 -5.85 0.99
N VAL A 63 -6.48 -6.60 1.84
CA VAL A 63 -6.47 -8.05 1.75
C VAL A 63 -6.59 -8.69 3.13
N ALA A 64 -7.33 -9.79 3.20
CA ALA A 64 -7.53 -10.50 4.47
C ALA A 64 -7.99 -9.55 5.56
N GLU A 65 -8.89 -8.64 5.22
CA GLU A 65 -9.41 -7.66 6.17
C GLU A 65 -8.28 -6.78 6.70
N GLN A 66 -7.28 -6.55 5.87
CA GLN A 66 -6.13 -5.72 6.26
C GLN A 66 -5.81 -4.71 5.17
N LYS A 67 -5.84 -3.43 5.53
CA LYS A 67 -5.54 -2.36 4.59
C LYS A 67 -4.06 -2.03 4.59
N TYR A 68 -3.53 -1.73 3.41
CA TYR A 68 -2.11 -1.40 3.27
C TYR A 68 -1.93 -0.10 2.48
N GLN A 69 -1.62 0.98 3.20
CA GLN A 69 -1.41 2.28 2.57
C GLN A 69 0.02 2.75 2.74
N SER A 70 0.58 3.36 1.70
CA SER A 70 1.95 3.86 1.75
C SER A 70 1.99 5.30 2.23
N THR A 71 3.09 5.68 2.87
CA THR A 71 3.25 7.03 3.38
C THR A 71 3.86 7.95 2.33
N LEU A 72 3.92 7.46 1.09
CA LEU A 72 4.48 8.25 -0.01
C LEU A 72 3.52 8.27 -1.20
N TRP A 73 2.99 9.45 -1.51
CA TRP A 73 2.06 9.59 -2.62
C TRP A 73 2.78 9.41 -3.95
N ASP A 74 2.04 9.52 -5.04
CA ASP A 74 2.60 9.37 -6.38
C ASP A 74 2.16 10.50 -7.29
N LYS A 75 3.05 10.91 -8.20
CA LYS A 75 2.75 11.98 -9.14
C LYS A 75 1.44 11.72 -9.88
N SER A 76 1.25 10.47 -10.30
CA SER A 76 0.04 10.10 -11.02
C SER A 76 -0.72 9.00 -10.26
N LYS A 77 -2.00 8.86 -10.58
CA LYS A 77 -2.84 7.86 -9.93
C LYS A 77 -2.43 6.45 -10.35
N LYS A 78 -2.12 6.28 -11.63
CA LYS A 78 -1.71 4.99 -12.16
C LYS A 78 -0.53 4.44 -11.37
N LEU A 79 0.46 5.29 -11.11
CA LEU A 79 1.65 4.88 -10.37
C LEU A 79 1.28 4.49 -8.94
N ALA A 80 0.50 5.32 -8.28
CA ALA A 80 0.07 5.06 -6.91
C ALA A 80 -0.47 3.65 -6.77
N GLU A 81 -1.18 3.17 -7.80
CA GLU A 81 -1.75 1.84 -7.78
C GLU A 81 -0.66 0.78 -7.61
N GLN A 82 0.46 1.00 -8.27
CA GLN A 82 1.59 0.07 -8.20
C GLN A 82 2.06 -0.10 -6.75
N THR A 83 2.31 1.02 -6.08
CA THR A 83 2.77 1.01 -4.71
C THR A 83 1.93 0.06 -3.85
N ALA A 84 0.62 0.25 -3.89
CA ALA A 84 -0.29 -0.59 -3.12
C ALA A 84 0.21 -2.02 -3.05
N ALA A 85 0.12 -2.73 -4.18
CA ALA A 85 0.57 -4.12 -4.25
C ALA A 85 1.84 -4.32 -3.42
N ILE A 86 2.95 -3.75 -3.88
CA ILE A 86 4.22 -3.87 -3.19
C ILE A 86 4.02 -3.84 -1.67
N VAL A 87 3.36 -2.80 -1.19
CA VAL A 87 3.11 -2.65 0.24
C VAL A 87 2.48 -3.92 0.82
N CYS A 88 1.49 -4.45 0.12
CA CYS A 88 0.80 -5.66 0.57
C CYS A 88 1.77 -6.83 0.66
N LEU A 89 2.48 -7.10 -0.44
CA LEU A 89 3.44 -8.19 -0.49
C LEU A 89 4.42 -8.10 0.67
N ARG A 90 5.09 -6.95 0.80
CA ARG A 90 6.06 -6.73 1.85
C ARG A 90 5.46 -7.08 3.21
N SER A 91 4.22 -6.64 3.44
CA SER A 91 3.54 -6.89 4.70
C SER A 91 3.38 -8.39 4.95
N GLN A 92 3.05 -9.12 3.89
CA GLN A 92 2.88 -10.57 3.99
C GLN A 92 4.22 -11.27 4.13
N GLY A 93 5.27 -10.64 3.63
CA GLY A 93 6.61 -11.21 3.70
C GLY A 93 6.95 -12.05 2.48
N LEU A 94 6.44 -11.65 1.33
CA LEU A 94 6.69 -12.36 0.08
C LEU A 94 7.98 -11.86 -0.58
N PRO A 95 8.63 -12.76 -1.33
CA PRO A 95 9.88 -12.43 -2.03
C PRO A 95 9.65 -11.47 -3.19
N GLU A 96 8.41 -11.04 -3.37
CA GLU A 96 8.06 -10.12 -4.44
C GLU A 96 8.40 -8.68 -4.07
N GLY A 97 9.60 -8.50 -3.52
CA GLY A 97 10.03 -7.17 -3.11
C GLY A 97 11.54 -7.05 -3.02
N ARG A 98 12.18 -8.13 -2.59
CA ARG A 98 13.64 -8.14 -2.46
C ARG A 98 14.29 -7.34 -3.58
N LEU A 99 13.71 -7.40 -4.77
CA LEU A 99 14.24 -6.69 -5.93
C LEU A 99 14.78 -5.32 -5.52
N GLY A 100 13.90 -4.49 -4.94
CA GLY A 100 14.30 -3.17 -4.51
C GLY A 100 13.65 -2.76 -3.20
N GLU A 101 13.45 -3.73 -2.31
CA GLU A 101 12.83 -3.46 -1.02
C GLU A 101 13.54 -2.32 -0.31
N GLU A 102 14.87 -2.39 -0.25
CA GLU A 102 15.66 -1.36 0.41
C GLU A 102 16.22 -0.37 -0.60
N SER A 103 16.42 0.87 -0.17
CA SER A 103 16.94 1.92 -1.04
C SER A 103 17.30 3.16 -0.24
N PRO A 104 18.39 3.82 -0.63
CA PRO A 104 18.87 5.04 0.03
C PRO A 104 17.95 6.24 -0.22
N SER A 105 17.17 6.59 0.80
CA SER A 105 16.24 7.71 0.69
C SER A 105 16.09 8.43 2.02
N LEU A 106 16.07 9.76 1.97
CA LEU A 106 15.94 10.57 3.18
C LEU A 106 14.54 11.16 3.28
N ASN A 107 13.53 10.31 3.09
CA ASN A 107 12.14 10.75 3.17
C ASN A 107 11.47 10.19 4.42
N LYS A 108 10.85 11.07 5.19
CA LYS A 108 10.15 10.65 6.42
C LYS A 108 9.04 11.64 6.76
N ARG A 109 7.80 11.22 6.53
CA ARG A 109 6.64 12.06 6.82
C ARG A 109 5.48 11.23 7.36
N LYS A 110 5.17 11.42 8.65
CA LYS A 110 4.10 10.68 9.28
C LYS A 110 2.84 11.55 9.41
N ARG A 111 1.87 11.30 8.54
CA ARG A 111 0.63 12.05 8.55
C ARG A 111 -0.27 11.62 9.71
N GLU A 112 -0.89 12.58 10.37
CA GLU A 112 -1.77 12.29 11.50
C GLU A 112 -3.15 12.90 11.27
N ALA A 113 -4.19 12.15 11.64
CA ALA A 113 -5.57 12.62 11.48
C ALA A 113 -6.32 12.56 12.80
N PRO A 114 -7.11 13.61 13.07
CA PRO A 114 -7.89 13.70 14.30
C PRO A 114 -9.05 12.70 14.33
N ASP A 115 -9.21 12.00 15.45
CA ASP A 115 -10.27 11.03 15.60
C ASP A 115 -10.59 10.80 17.08
N GLN A 116 -11.84 11.06 17.45
CA GLN A 116 -12.28 10.89 18.84
C GLN A 116 -12.63 9.44 19.12
N ASP A 117 -13.07 8.72 18.08
CA ASP A 117 -13.44 7.33 18.21
C ASP A 117 -13.39 6.62 16.86
N PRO A 118 -13.15 5.30 16.89
CA PRO A 118 -13.08 4.48 15.68
C PRO A 118 -14.44 4.32 15.00
N GLY A 119 -14.47 3.58 13.89
CA GLY A 119 -15.71 3.36 13.18
C GLY A 119 -15.62 2.21 12.20
N GLY A 120 -15.63 2.53 10.91
CA GLY A 120 -15.56 1.50 9.88
C GLY A 120 -16.88 1.25 9.21
N PRO A 121 -17.01 0.09 8.55
CA PRO A 121 -18.24 -0.30 7.85
C PRO A 121 -19.38 -0.61 8.81
N ARG A 122 -20.40 -1.29 8.29
CA ARG A 122 -21.56 -1.66 9.10
C ARG A 122 -21.57 -3.15 9.39
N SER A 123 -20.60 -3.60 10.17
CA SER A 123 -20.49 -5.02 10.51
C SER A 123 -21.76 -5.50 11.22
N GLY A 124 -22.66 -6.11 10.46
CA GLY A 124 -23.90 -6.61 11.02
C GLY A 124 -24.97 -5.54 11.11
N PRO A 125 -26.24 -5.96 10.99
CA PRO A 125 -27.39 -5.04 11.06
C PRO A 125 -27.59 -4.47 12.46
N SER A 126 -26.96 -5.09 13.45
CA SER A 126 -27.08 -4.64 14.84
C SER A 126 -25.73 -4.20 15.38
N SER A 127 -25.74 -3.40 16.44
CA SER A 127 -24.52 -2.91 17.06
C SER A 127 -23.54 -4.06 17.31
N GLY A 128 -22.25 -3.76 17.25
CA GLY A 128 -21.24 -4.77 17.48
C GLY A 128 -19.96 -4.19 18.06
N GLY A 1 4.92 -1.27 10.26
CA GLY A 1 4.01 -1.76 11.28
C GLY A 1 3.78 -0.75 12.40
N SER A 2 2.63 -0.86 13.05
CA SER A 2 2.29 0.04 14.14
C SER A 2 2.07 -0.72 15.44
N SER A 3 2.93 -1.70 15.70
CA SER A 3 2.81 -2.52 16.91
C SER A 3 3.38 -1.78 18.11
N GLY A 4 2.53 -1.54 19.10
CA GLY A 4 2.96 -0.84 20.30
C GLY A 4 2.63 0.64 20.26
N SER A 5 1.41 0.96 19.80
CA SER A 5 0.97 2.35 19.70
C SER A 5 -0.53 2.45 19.93
N SER A 6 -0.95 3.55 20.56
CA SER A 6 -2.36 3.77 20.83
C SER A 6 -3.22 3.41 19.62
N GLY A 7 -3.89 2.27 19.71
CA GLY A 7 -4.74 1.83 18.61
C GLY A 7 -3.95 1.42 17.39
N SER A 8 -4.64 0.93 16.37
CA SER A 8 -3.99 0.49 15.14
C SER A 8 -5.02 0.10 14.09
N GLY A 9 -4.78 0.54 12.85
CA GLY A 9 -5.70 0.21 11.77
C GLY A 9 -4.97 -0.10 10.48
N ILE A 10 -4.78 0.91 9.64
CA ILE A 10 -4.10 0.72 8.36
C ILE A 10 -2.59 0.67 8.55
N ILE A 11 -1.98 -0.42 8.08
CA ILE A 11 -0.53 -0.60 8.19
C ILE A 11 0.21 0.32 7.22
N LYS A 12 0.79 1.38 7.74
CA LYS A 12 1.53 2.33 6.91
C LYS A 12 3.01 1.93 6.82
N MET A 13 3.61 2.18 5.66
CA MET A 13 5.01 1.85 5.45
C MET A 13 5.62 2.75 4.37
N ALA A 14 6.90 3.08 4.54
CA ALA A 14 7.60 3.92 3.57
C ALA A 14 8.06 3.13 2.36
N ILE A 15 7.39 3.32 1.24
CA ILE A 15 7.73 2.62 0.01
C ILE A 15 7.34 3.43 -1.22
N ARG A 16 8.17 3.37 -2.26
CA ARG A 16 7.90 4.09 -3.49
C ARG A 16 8.03 3.18 -4.70
N PHE A 17 6.91 2.88 -5.34
CA PHE A 17 6.89 2.01 -6.51
C PHE A 17 8.02 2.38 -7.47
N ASP A 18 8.69 1.36 -8.00
CA ASP A 18 9.80 1.57 -8.93
C ASP A 18 9.61 0.73 -10.18
N ARG A 19 9.72 1.38 -11.34
CA ARG A 19 9.56 0.68 -12.62
C ARG A 19 10.70 -0.31 -12.84
N ARG A 20 11.93 0.20 -12.87
CA ARG A 20 13.10 -0.64 -13.07
C ARG A 20 12.99 -1.94 -12.27
N ALA A 21 12.47 -1.83 -11.05
CA ALA A 21 12.30 -2.98 -10.18
C ALA A 21 11.71 -4.16 -10.94
N TYR A 22 10.73 -3.87 -11.80
CA TYR A 22 10.06 -4.90 -12.58
C TYR A 22 10.06 -4.55 -14.06
N PRO A 23 10.07 -5.58 -14.92
CA PRO A 23 10.06 -5.40 -16.37
C PRO A 23 8.74 -4.86 -16.89
N PRO A 24 8.73 -4.42 -18.16
CA PRO A 24 7.54 -3.86 -18.79
C PRO A 24 6.47 -4.93 -19.05
N GLN A 25 6.78 -6.16 -18.68
CA GLN A 25 5.86 -7.27 -18.87
C GLN A 25 5.32 -7.78 -17.55
N ILE A 26 5.96 -7.36 -16.46
CA ILE A 26 5.54 -7.76 -15.12
C ILE A 26 5.23 -6.55 -14.25
N THR A 27 4.21 -6.68 -13.42
CA THR A 27 3.80 -5.60 -12.53
C THR A 27 3.52 -6.10 -11.12
N PRO A 28 3.71 -5.22 -10.13
CA PRO A 28 3.49 -5.57 -8.72
C PRO A 28 2.01 -5.78 -8.40
N LYS A 29 1.14 -5.29 -9.29
CA LYS A 29 -0.29 -5.42 -9.10
C LYS A 29 -0.75 -6.86 -9.30
N MET A 30 -0.05 -7.57 -10.17
CA MET A 30 -0.37 -8.98 -10.46
C MET A 30 0.30 -9.89 -9.44
N CYS A 31 1.54 -9.58 -9.08
CA CYS A 31 2.29 -10.38 -8.13
C CYS A 31 1.44 -10.69 -6.90
N LEU A 32 0.67 -9.69 -6.45
CA LEU A 32 -0.17 -9.86 -5.28
C LEU A 32 -1.34 -10.79 -5.58
N LEU A 33 -2.00 -10.57 -6.71
CA LEU A 33 -3.14 -11.39 -7.11
C LEU A 33 -2.74 -12.86 -7.23
N GLU A 34 -1.56 -13.09 -7.80
CA GLU A 34 -1.05 -14.45 -7.98
C GLU A 34 -0.88 -15.14 -6.63
N TRP A 35 -0.68 -14.33 -5.58
CA TRP A 35 -0.50 -14.87 -4.24
C TRP A 35 -1.83 -15.10 -3.55
N CYS A 36 -2.84 -14.34 -3.95
CA CYS A 36 -4.18 -14.45 -3.38
C CYS A 36 -4.91 -15.67 -3.94
N ARG A 37 -4.51 -16.09 -5.14
CA ARG A 37 -5.12 -17.23 -5.79
C ARG A 37 -4.73 -18.53 -5.10
N ARG A 38 -3.46 -18.65 -4.72
CA ARG A 38 -2.96 -19.84 -4.05
C ARG A 38 -3.39 -19.85 -2.59
N GLU A 39 -3.39 -18.68 -1.96
CA GLU A 39 -3.79 -18.57 -0.56
C GLU A 39 -5.30 -18.67 -0.41
N LYS A 40 -5.98 -18.92 -1.53
CA LYS A 40 -7.43 -19.04 -1.52
C LYS A 40 -8.08 -17.80 -0.91
N LEU A 41 -7.39 -16.67 -1.01
CA LEU A 41 -7.90 -15.41 -0.47
C LEU A 41 -8.70 -14.65 -1.52
N PRO A 42 -9.66 -13.84 -1.07
CA PRO A 42 -10.52 -13.04 -1.95
C PRO A 42 -9.75 -11.91 -2.63
N GLN A 43 -10.03 -11.71 -3.92
CA GLN A 43 -9.37 -10.66 -4.69
C GLN A 43 -9.30 -9.36 -3.89
N PRO A 44 -8.17 -8.66 -4.00
CA PRO A 44 -7.94 -7.40 -3.29
C PRO A 44 -8.81 -6.26 -3.85
N VAL A 45 -8.67 -5.08 -3.27
CA VAL A 45 -9.44 -3.91 -3.70
C VAL A 45 -8.55 -2.68 -3.82
N TYR A 46 -8.16 -2.35 -5.04
CA TYR A 46 -7.31 -1.19 -5.29
C TYR A 46 -8.14 0.08 -5.34
N GLU A 47 -7.78 1.04 -4.49
CA GLU A 47 -8.49 2.32 -4.42
C GLU A 47 -7.51 3.48 -4.39
N THR A 48 -7.56 4.33 -5.41
CA THR A 48 -6.68 5.49 -5.49
C THR A 48 -7.43 6.78 -5.19
N VAL A 49 -7.11 7.39 -4.05
CA VAL A 49 -7.75 8.63 -3.65
C VAL A 49 -6.92 9.84 -4.05
N GLN A 50 -7.54 11.02 -4.04
CA GLN A 50 -6.85 12.25 -4.40
C GLN A 50 -7.04 13.32 -3.34
N ARG A 51 -5.95 13.70 -2.67
CA ARG A 51 -6.01 14.71 -1.62
C ARG A 51 -6.16 16.10 -2.22
N THR A 52 -6.25 17.11 -1.35
CA THR A 52 -6.39 18.49 -1.80
C THR A 52 -5.17 19.32 -1.42
N ILE A 53 -4.56 18.98 -0.30
CA ILE A 53 -3.37 19.70 0.17
C ILE A 53 -2.33 19.82 -0.94
N ASP A 54 -1.88 18.67 -1.45
CA ASP A 54 -0.88 18.65 -2.51
C ASP A 54 -1.50 18.11 -3.80
N ARG A 55 -2.77 17.74 -3.75
CA ARG A 55 -3.46 17.21 -4.92
C ARG A 55 -2.77 15.96 -5.44
N MET A 56 -2.15 15.21 -4.53
CA MET A 56 -1.44 13.98 -4.90
C MET A 56 -2.38 12.78 -4.83
N PHE A 57 -1.96 11.68 -5.42
CA PHE A 57 -2.76 10.46 -5.44
C PHE A 57 -2.12 9.39 -4.55
N CYS A 58 -2.95 8.48 -4.04
CA CYS A 58 -2.47 7.40 -3.18
C CYS A 58 -3.38 6.19 -3.27
N SER A 59 -2.80 5.03 -3.59
CA SER A 59 -3.57 3.80 -3.71
C SER A 59 -3.60 3.05 -2.38
N VAL A 60 -4.70 2.36 -2.12
CA VAL A 60 -4.87 1.60 -0.88
C VAL A 60 -5.48 0.23 -1.16
N VAL A 61 -4.65 -0.81 -1.09
CA VAL A 61 -5.11 -2.17 -1.32
C VAL A 61 -5.59 -2.83 -0.03
N THR A 62 -6.47 -3.80 -0.16
CA THR A 62 -7.01 -4.51 1.00
C THR A 62 -7.02 -6.02 0.76
N VAL A 63 -6.35 -6.76 1.65
CA VAL A 63 -6.29 -8.21 1.54
C VAL A 63 -6.36 -8.87 2.91
N ALA A 64 -7.08 -9.97 2.99
CA ALA A 64 -7.22 -10.71 4.24
C ALA A 64 -7.75 -9.79 5.35
N GLU A 65 -8.65 -8.89 4.98
CA GLU A 65 -9.24 -7.96 5.94
C GLU A 65 -8.17 -7.03 6.52
N GLN A 66 -7.20 -6.67 5.70
CA GLN A 66 -6.11 -5.79 6.13
C GLN A 66 -5.81 -4.75 5.05
N LYS A 67 -5.86 -3.48 5.44
CA LYS A 67 -5.59 -2.37 4.52
C LYS A 67 -4.11 -2.02 4.53
N TYR A 68 -3.60 -1.59 3.37
CA TYR A 68 -2.20 -1.22 3.25
C TYR A 68 -2.05 0.08 2.46
N GLN A 69 -1.33 1.04 3.04
CA GLN A 69 -1.10 2.32 2.39
C GLN A 69 0.30 2.83 2.66
N SER A 70 0.95 3.35 1.62
CA SER A 70 2.30 3.87 1.73
C SER A 70 2.29 5.33 2.18
N THR A 71 3.28 5.71 2.99
CA THR A 71 3.38 7.08 3.49
C THR A 71 3.88 8.02 2.39
N LEU A 72 4.18 7.46 1.23
CA LEU A 72 4.66 8.26 0.11
C LEU A 72 3.64 8.26 -1.03
N TRP A 73 3.13 9.46 -1.35
CA TRP A 73 2.15 9.60 -2.41
C TRP A 73 2.79 9.38 -3.78
N ASP A 74 2.01 9.59 -4.84
CA ASP A 74 2.52 9.42 -6.20
C ASP A 74 2.05 10.56 -7.09
N LYS A 75 2.91 10.94 -8.04
CA LYS A 75 2.59 12.03 -8.96
C LYS A 75 1.37 11.68 -9.82
N SER A 76 1.29 10.44 -10.24
CA SER A 76 0.17 9.98 -11.07
C SER A 76 -0.52 8.77 -10.43
N LYS A 77 -1.82 8.64 -10.69
CA LYS A 77 -2.59 7.54 -10.14
C LYS A 77 -1.97 6.19 -10.51
N LYS A 78 -1.73 5.99 -11.79
CA LYS A 78 -1.15 4.75 -12.28
C LYS A 78 -0.10 4.23 -11.30
N LEU A 79 0.87 5.07 -10.97
CA LEU A 79 1.93 4.69 -10.04
C LEU A 79 1.34 4.26 -8.70
N ALA A 80 0.63 5.17 -8.04
CA ALA A 80 0.02 4.89 -6.75
C ALA A 80 -0.47 3.44 -6.69
N GLU A 81 -1.22 3.03 -7.70
CA GLU A 81 -1.76 1.68 -7.76
C GLU A 81 -0.64 0.65 -7.58
N GLN A 82 0.44 0.82 -8.34
CA GLN A 82 1.57 -0.10 -8.27
C GLN A 82 2.13 -0.16 -6.85
N THR A 83 2.14 0.98 -6.17
CA THR A 83 2.65 1.05 -4.81
C THR A 83 1.87 0.13 -3.88
N ALA A 84 0.54 0.23 -3.92
CA ALA A 84 -0.32 -0.59 -3.10
C ALA A 84 0.22 -2.01 -2.97
N ALA A 85 0.21 -2.74 -4.09
CA ALA A 85 0.70 -4.11 -4.11
C ALA A 85 2.00 -4.24 -3.31
N ILE A 86 3.06 -3.63 -3.81
CA ILE A 86 4.36 -3.69 -3.15
C ILE A 86 4.19 -3.63 -1.63
N VAL A 87 3.66 -2.52 -1.14
CA VAL A 87 3.45 -2.35 0.29
C VAL A 87 2.83 -3.60 0.91
N CYS A 88 1.84 -4.17 0.23
CA CYS A 88 1.16 -5.36 0.71
C CYS A 88 2.13 -6.53 0.81
N LEU A 89 2.61 -7.00 -0.33
CA LEU A 89 3.54 -8.12 -0.38
C LEU A 89 4.49 -8.09 0.82
N ARG A 90 5.30 -7.04 0.90
CA ARG A 90 6.25 -6.89 2.00
C ARG A 90 5.55 -7.07 3.34
N SER A 91 4.51 -6.28 3.57
CA SER A 91 3.76 -6.36 4.82
C SER A 91 3.40 -7.80 5.16
N GLN A 92 2.95 -8.55 4.16
CA GLN A 92 2.58 -9.94 4.36
C GLN A 92 3.80 -10.79 4.73
N GLY A 93 4.96 -10.37 4.26
CA GLY A 93 6.18 -11.10 4.55
C GLY A 93 6.58 -12.04 3.44
N LEU A 94 6.28 -11.66 2.20
CA LEU A 94 6.61 -12.48 1.05
C LEU A 94 7.98 -12.12 0.49
N PRO A 95 8.66 -13.11 -0.10
CA PRO A 95 9.99 -12.92 -0.68
C PRO A 95 9.96 -12.06 -1.94
N GLU A 96 8.76 -11.65 -2.34
CA GLU A 96 8.59 -10.82 -3.53
C GLU A 96 9.55 -9.64 -3.51
N GLY A 97 9.90 -9.18 -2.30
CA GLY A 97 10.81 -8.07 -2.17
C GLY A 97 12.22 -8.42 -2.58
N ARG A 98 12.60 -9.68 -2.39
CA ARG A 98 13.94 -10.13 -2.73
C ARG A 98 14.42 -9.48 -4.03
N LEU A 99 13.51 -9.35 -4.99
CA LEU A 99 13.83 -8.75 -6.27
C LEU A 99 14.35 -7.33 -6.09
N GLY A 100 13.56 -6.50 -5.42
CA GLY A 100 13.95 -5.12 -5.19
C GLY A 100 13.87 -4.74 -3.72
N GLU A 101 14.65 -5.41 -2.89
CA GLU A 101 14.67 -5.14 -1.47
C GLU A 101 15.55 -3.93 -1.15
N GLU A 102 16.75 -3.92 -1.73
CA GLU A 102 17.70 -2.82 -1.51
C GLU A 102 17.27 -1.58 -2.29
N SER A 103 17.47 -0.42 -1.67
CA SER A 103 17.10 0.85 -2.30
C SER A 103 17.80 2.02 -1.61
N PRO A 104 18.21 3.02 -2.41
CA PRO A 104 18.89 4.21 -1.89
C PRO A 104 17.96 5.10 -1.08
N SER A 105 18.52 6.16 -0.49
CA SER A 105 17.74 7.09 0.31
C SER A 105 18.58 8.31 0.69
N LEU A 106 17.91 9.35 1.18
CA LEU A 106 18.59 10.57 1.59
C LEU A 106 18.34 10.89 3.06
N ASN A 107 19.18 11.74 3.63
CA ASN A 107 19.04 12.12 5.04
C ASN A 107 17.57 12.26 5.42
N LYS A 108 17.09 11.33 6.23
CA LYS A 108 15.71 11.34 6.69
C LYS A 108 15.52 12.29 7.86
N ARG A 109 14.37 12.95 7.91
CA ARG A 109 14.07 13.89 8.99
C ARG A 109 12.67 13.64 9.56
N LYS A 110 12.43 14.16 10.76
CA LYS A 110 11.13 14.00 11.41
C LYS A 110 10.13 15.01 10.87
N ARG A 111 8.90 14.57 10.67
CA ARG A 111 7.85 15.42 10.16
C ARG A 111 7.51 16.54 11.16
N GLU A 112 7.28 17.74 10.66
CA GLU A 112 6.96 18.88 11.51
C GLU A 112 5.48 19.24 11.39
N ALA A 113 4.88 19.62 12.52
CA ALA A 113 3.48 20.00 12.54
C ALA A 113 3.31 21.48 12.85
N PRO A 114 3.43 22.33 11.82
CA PRO A 114 3.29 23.78 11.97
C PRO A 114 1.86 24.20 12.28
N ASP A 115 1.72 25.32 12.98
CA ASP A 115 0.41 25.83 13.35
C ASP A 115 -0.60 25.59 12.22
N GLN A 116 -1.79 25.13 12.59
CA GLN A 116 -2.84 24.86 11.61
C GLN A 116 -4.20 24.80 12.28
N ASP A 117 -5.23 25.23 11.56
CA ASP A 117 -6.59 25.22 12.09
C ASP A 117 -7.50 24.32 11.24
N PRO A 118 -7.45 23.01 11.54
CA PRO A 118 -8.26 22.02 10.81
C PRO A 118 -9.74 22.13 11.14
N GLY A 119 -10.58 21.82 10.15
CA GLY A 119 -12.01 21.90 10.36
C GLY A 119 -12.74 22.47 9.15
N GLY A 120 -13.03 21.61 8.18
CA GLY A 120 -13.72 22.06 6.98
C GLY A 120 -15.19 21.70 6.99
N PRO A 121 -16.02 22.55 6.37
CA PRO A 121 -17.47 22.34 6.29
C PRO A 121 -17.84 21.17 5.39
N ARG A 122 -18.92 20.47 5.75
CA ARG A 122 -19.38 19.33 4.97
C ARG A 122 -19.44 19.67 3.49
N SER A 123 -19.21 18.67 2.64
CA SER A 123 -19.24 18.86 1.19
C SER A 123 -19.25 17.53 0.47
N GLY A 124 -20.39 17.20 -0.15
CA GLY A 124 -20.51 15.96 -0.87
C GLY A 124 -20.38 14.74 0.03
N PRO A 125 -20.87 13.59 -0.45
CA PRO A 125 -20.83 12.34 0.31
C PRO A 125 -19.41 11.79 0.44
N SER A 126 -19.15 11.06 1.52
CA SER A 126 -17.84 10.48 1.76
C SER A 126 -17.90 8.96 1.76
N SER A 127 -16.74 8.31 1.86
CA SER A 127 -16.66 6.86 1.87
C SER A 127 -17.49 6.28 3.01
N GLY A 128 -18.20 5.20 2.72
CA GLY A 128 -19.02 4.55 3.74
C GLY A 128 -19.65 3.26 3.25
N GLY A 1 -1.29 -22.71 19.39
CA GLY A 1 -0.42 -21.78 20.10
C GLY A 1 -0.86 -20.34 19.93
N SER A 2 -0.67 -19.54 20.98
CA SER A 2 -1.05 -18.13 20.95
C SER A 2 -0.84 -17.54 19.55
N SER A 3 -1.93 -17.29 18.85
CA SER A 3 -1.87 -16.74 17.51
C SER A 3 -1.65 -15.23 17.56
N GLY A 4 -2.54 -14.53 18.25
CA GLY A 4 -2.42 -13.09 18.36
C GLY A 4 -3.71 -12.37 18.03
N SER A 5 -3.76 -11.08 18.31
CA SER A 5 -4.96 -10.28 18.04
C SER A 5 -4.86 -9.62 16.66
N SER A 6 -5.55 -10.20 15.69
CA SER A 6 -5.54 -9.67 14.33
C SER A 6 -6.96 -9.28 13.89
N GLY A 7 -7.03 -8.36 12.93
CA GLY A 7 -8.33 -7.92 12.43
C GLY A 7 -8.29 -6.49 11.93
N SER A 8 -8.49 -5.53 12.83
CA SER A 8 -8.49 -4.13 12.47
C SER A 8 -7.09 -3.53 12.62
N GLY A 9 -6.86 -2.41 11.93
CA GLY A 9 -5.57 -1.75 12.00
C GLY A 9 -4.94 -1.58 10.64
N ILE A 10 -4.76 -0.33 10.22
CA ILE A 10 -4.16 -0.03 8.93
C ILE A 10 -2.64 0.09 9.04
N ILE A 11 -1.93 -0.79 8.36
CA ILE A 11 -0.47 -0.78 8.39
C ILE A 11 0.09 0.22 7.39
N LYS A 12 0.82 1.22 7.89
CA LYS A 12 1.40 2.24 7.04
C LYS A 12 2.90 2.00 6.86
N MET A 13 3.37 2.15 5.62
CA MET A 13 4.77 1.95 5.31
C MET A 13 5.23 2.89 4.19
N ALA A 14 6.49 3.31 4.26
CA ALA A 14 7.04 4.22 3.26
C ALA A 14 7.66 3.43 2.10
N ILE A 15 6.97 3.43 0.96
CA ILE A 15 7.46 2.72 -0.21
C ILE A 15 7.06 3.46 -1.50
N ARG A 16 7.81 3.22 -2.56
CA ARG A 16 7.54 3.86 -3.85
C ARG A 16 7.71 2.87 -4.99
N PHE A 17 6.62 2.53 -5.65
CA PHE A 17 6.64 1.60 -6.76
C PHE A 17 7.80 1.91 -7.71
N ASP A 18 8.66 0.92 -7.93
CA ASP A 18 9.81 1.10 -8.81
C ASP A 18 9.76 0.10 -9.97
N ARG A 19 9.01 0.44 -11.00
CA ARG A 19 8.88 -0.43 -12.17
C ARG A 19 10.22 -1.05 -12.54
N ARG A 20 11.26 -0.22 -12.56
CA ARG A 20 12.60 -0.69 -12.91
C ARG A 20 12.92 -2.00 -12.19
N ALA A 21 12.70 -2.02 -10.88
CA ALA A 21 12.95 -3.21 -10.08
C ALA A 21 12.40 -4.46 -10.75
N TYR A 22 11.24 -4.31 -11.39
CA TYR A 22 10.60 -5.43 -12.07
C TYR A 22 10.72 -5.29 -13.59
N PRO A 23 10.70 -6.43 -14.29
CA PRO A 23 10.82 -6.46 -15.75
C PRO A 23 9.57 -5.91 -16.44
N PRO A 24 9.69 -5.60 -17.73
CA PRO A 24 8.58 -5.07 -18.53
C PRO A 24 7.49 -6.10 -18.78
N GLN A 25 7.68 -7.30 -18.24
CA GLN A 25 6.72 -8.39 -18.40
C GLN A 25 6.05 -8.73 -17.06
N ILE A 26 6.64 -8.24 -15.98
CA ILE A 26 6.11 -8.50 -14.64
C ILE A 26 5.74 -7.19 -13.94
N THR A 27 4.60 -7.20 -13.27
CA THR A 27 4.12 -6.01 -12.55
C THR A 27 3.81 -6.34 -11.09
N PRO A 28 3.94 -5.34 -10.22
CA PRO A 28 3.69 -5.49 -8.79
C PRO A 28 2.19 -5.69 -8.49
N LYS A 29 1.35 -5.16 -9.36
CA LYS A 29 -0.09 -5.28 -9.18
C LYS A 29 -0.56 -6.72 -9.43
N MET A 30 0.10 -7.40 -10.36
CA MET A 30 -0.23 -8.78 -10.68
C MET A 30 0.37 -9.74 -9.65
N CYS A 31 1.57 -9.41 -9.19
CA CYS A 31 2.25 -10.24 -8.21
C CYS A 31 1.35 -10.52 -7.00
N LEU A 32 0.60 -9.51 -6.59
CA LEU A 32 -0.31 -9.64 -5.45
C LEU A 32 -1.54 -10.44 -5.83
N LEU A 33 -2.31 -9.93 -6.79
CA LEU A 33 -3.52 -10.60 -7.24
C LEU A 33 -3.25 -12.07 -7.54
N GLU A 34 -2.07 -12.35 -8.09
CA GLU A 34 -1.70 -13.71 -8.43
C GLU A 34 -1.44 -14.53 -7.16
N TRP A 35 -0.79 -13.91 -6.19
CA TRP A 35 -0.48 -14.58 -4.93
C TRP A 35 -1.76 -14.94 -4.18
N CYS A 36 -2.76 -14.07 -4.27
CA CYS A 36 -4.03 -14.31 -3.59
C CYS A 36 -4.62 -15.66 -3.99
N ARG A 37 -4.65 -15.92 -5.29
CA ARG A 37 -5.18 -17.18 -5.80
C ARG A 37 -4.61 -18.37 -5.04
N ARG A 38 -3.29 -18.46 -4.99
CA ARG A 38 -2.61 -19.55 -4.30
C ARG A 38 -3.15 -19.69 -2.87
N GLU A 39 -3.22 -18.57 -2.16
CA GLU A 39 -3.71 -18.57 -0.78
C GLU A 39 -5.24 -18.52 -0.76
N LYS A 40 -5.86 -18.91 -1.86
CA LYS A 40 -7.32 -18.90 -1.96
C LYS A 40 -7.90 -17.66 -1.31
N LEU A 41 -7.16 -16.55 -1.38
CA LEU A 41 -7.62 -15.30 -0.79
C LEU A 41 -8.49 -14.53 -1.77
N PRO A 42 -9.45 -13.75 -1.22
CA PRO A 42 -10.37 -12.95 -2.04
C PRO A 42 -9.67 -11.78 -2.73
N GLN A 43 -10.01 -11.56 -3.98
CA GLN A 43 -9.42 -10.47 -4.75
C GLN A 43 -9.28 -9.21 -3.89
N PRO A 44 -8.14 -8.51 -4.05
CA PRO A 44 -7.86 -7.28 -3.30
C PRO A 44 -8.75 -6.13 -3.73
N VAL A 45 -8.55 -4.96 -3.12
CA VAL A 45 -9.33 -3.78 -3.44
C VAL A 45 -8.46 -2.53 -3.48
N TYR A 46 -8.28 -1.97 -4.66
CA TYR A 46 -7.46 -0.78 -4.84
C TYR A 46 -8.31 0.48 -4.76
N GLU A 47 -7.95 1.38 -3.85
CA GLU A 47 -8.68 2.63 -3.68
C GLU A 47 -7.74 3.83 -3.71
N THR A 48 -7.77 4.57 -4.82
CA THR A 48 -6.92 5.74 -4.97
C THR A 48 -7.67 7.02 -4.66
N VAL A 49 -7.26 7.70 -3.59
CA VAL A 49 -7.91 8.95 -3.18
C VAL A 49 -7.13 10.16 -3.68
N GLN A 50 -7.71 11.34 -3.51
CA GLN A 50 -7.07 12.58 -3.94
C GLN A 50 -7.12 13.63 -2.85
N ARG A 51 -5.95 14.01 -2.34
CA ARG A 51 -5.86 15.01 -1.29
C ARG A 51 -6.07 16.41 -1.85
N THR A 52 -6.05 17.41 -0.96
CA THR A 52 -6.24 18.80 -1.37
C THR A 52 -4.98 19.62 -1.14
N ILE A 53 -4.14 19.17 -0.22
CA ILE A 53 -2.90 19.86 0.08
C ILE A 53 -1.94 19.84 -1.11
N ASP A 54 -1.68 18.65 -1.63
CA ASP A 54 -0.79 18.49 -2.77
C ASP A 54 -1.54 17.89 -3.96
N ARG A 55 -2.86 17.81 -3.84
CA ARG A 55 -3.68 17.25 -4.91
C ARG A 55 -3.06 15.98 -5.47
N MET A 56 -2.32 15.26 -4.63
CA MET A 56 -1.68 14.02 -5.05
C MET A 56 -2.61 12.83 -4.87
N PHE A 57 -2.27 11.72 -5.52
CA PHE A 57 -3.08 10.51 -5.43
C PHE A 57 -2.40 9.46 -4.58
N CYS A 58 -3.19 8.62 -3.91
CA CYS A 58 -2.66 7.57 -3.06
C CYS A 58 -3.56 6.34 -3.09
N SER A 59 -2.99 5.21 -3.53
CA SER A 59 -3.75 3.97 -3.61
C SER A 59 -3.62 3.17 -2.32
N VAL A 60 -4.67 2.41 -1.99
CA VAL A 60 -4.67 1.60 -0.79
C VAL A 60 -5.30 0.23 -1.05
N VAL A 61 -4.48 -0.80 -0.99
CA VAL A 61 -4.94 -2.17 -1.22
C VAL A 61 -5.38 -2.83 0.08
N THR A 62 -6.37 -3.71 0.00
CA THR A 62 -6.88 -4.41 1.16
C THR A 62 -6.97 -5.90 0.91
N VAL A 63 -6.23 -6.68 1.70
CA VAL A 63 -6.23 -8.13 1.56
C VAL A 63 -6.19 -8.81 2.94
N ALA A 64 -6.96 -9.88 3.07
CA ALA A 64 -7.02 -10.63 4.33
C ALA A 64 -7.49 -9.73 5.47
N GLU A 65 -8.53 -8.96 5.21
CA GLU A 65 -9.08 -8.05 6.22
C GLU A 65 -8.01 -7.11 6.75
N GLN A 66 -7.09 -6.72 5.87
CA GLN A 66 -6.01 -5.82 6.24
C GLN A 66 -5.80 -4.75 5.18
N LYS A 67 -5.68 -3.49 5.63
CA LYS A 67 -5.48 -2.37 4.73
C LYS A 67 -4.03 -1.92 4.73
N TYR A 68 -3.47 -1.72 3.53
CA TYR A 68 -2.09 -1.30 3.40
C TYR A 68 -2.00 0.01 2.62
N GLN A 69 -1.59 1.07 3.30
CA GLN A 69 -1.46 2.38 2.68
C GLN A 69 -0.03 2.91 2.80
N SER A 70 0.50 3.43 1.70
CA SER A 70 1.86 3.96 1.68
C SER A 70 1.86 5.45 2.07
N THR A 71 2.85 5.83 2.87
CA THR A 71 2.97 7.21 3.32
C THR A 71 3.59 8.09 2.23
N LEU A 72 3.78 7.51 1.06
CA LEU A 72 4.36 8.23 -0.06
C LEU A 72 3.40 8.29 -1.24
N TRP A 73 2.97 9.50 -1.60
CA TRP A 73 2.05 9.69 -2.71
C TRP A 73 2.74 9.50 -4.04
N ASP A 74 1.97 9.49 -5.12
CA ASP A 74 2.52 9.31 -6.46
C ASP A 74 2.05 10.43 -7.38
N LYS A 75 2.91 10.83 -8.31
CA LYS A 75 2.59 11.88 -9.27
C LYS A 75 1.20 11.68 -9.86
N SER A 76 0.87 10.43 -10.17
CA SER A 76 -0.42 10.10 -10.74
C SER A 76 -0.97 8.81 -10.13
N LYS A 77 -2.26 8.57 -10.33
CA LYS A 77 -2.92 7.38 -9.81
C LYS A 77 -2.29 6.11 -10.40
N LYS A 78 -2.18 6.07 -11.72
CA LYS A 78 -1.60 4.92 -12.40
C LYS A 78 -0.47 4.31 -11.58
N LEU A 79 0.54 5.12 -11.28
CA LEU A 79 1.68 4.65 -10.49
C LEU A 79 1.26 4.38 -9.05
N ALA A 80 0.41 5.23 -8.51
CA ALA A 80 -0.07 5.08 -7.14
C ALA A 80 -0.59 3.67 -6.89
N GLU A 81 -1.37 3.15 -7.85
CA GLU A 81 -1.94 1.82 -7.73
C GLU A 81 -0.84 0.78 -7.54
N GLN A 82 0.17 0.82 -8.40
CA GLN A 82 1.29 -0.11 -8.34
C GLN A 82 1.89 -0.14 -6.93
N THR A 83 2.13 1.05 -6.38
CA THR A 83 2.71 1.17 -5.04
C THR A 83 1.97 0.26 -4.04
N ALA A 84 0.66 0.43 -3.97
CA ALA A 84 -0.16 -0.37 -3.06
C ALA A 84 0.33 -1.81 -3.02
N ALA A 85 0.14 -2.53 -4.12
CA ALA A 85 0.55 -3.92 -4.20
C ALA A 85 1.84 -4.16 -3.42
N ILE A 86 2.95 -3.64 -3.92
CA ILE A 86 4.24 -3.78 -3.26
C ILE A 86 4.12 -3.62 -1.75
N VAL A 87 3.57 -2.48 -1.33
CA VAL A 87 3.40 -2.19 0.08
C VAL A 87 2.78 -3.38 0.80
N CYS A 88 1.90 -4.10 0.11
CA CYS A 88 1.23 -5.27 0.69
C CYS A 88 2.18 -6.46 0.75
N LEU A 89 2.64 -6.90 -0.42
CA LEU A 89 3.56 -8.04 -0.49
C LEU A 89 4.58 -7.99 0.64
N ARG A 90 5.27 -6.85 0.75
CA ARG A 90 6.29 -6.68 1.78
C ARG A 90 5.69 -6.91 3.17
N SER A 91 4.53 -6.30 3.42
CA SER A 91 3.85 -6.44 4.70
C SER A 91 3.59 -7.90 5.03
N GLN A 92 3.31 -8.69 4.00
CA GLN A 92 3.04 -10.11 4.18
C GLN A 92 4.33 -10.90 4.37
N GLY A 93 5.43 -10.34 3.85
CA GLY A 93 6.72 -11.01 3.98
C GLY A 93 7.02 -11.92 2.81
N LEU A 94 6.67 -11.46 1.60
CA LEU A 94 6.91 -12.24 0.39
C LEU A 94 8.21 -11.82 -0.28
N PRO A 95 8.83 -12.77 -1.00
CA PRO A 95 10.09 -12.53 -1.71
C PRO A 95 9.92 -11.59 -2.90
N GLU A 96 8.69 -11.10 -3.08
CA GLU A 96 8.39 -10.20 -4.19
C GLU A 96 8.90 -8.78 -3.89
N GLY A 97 10.14 -8.69 -3.43
CA GLY A 97 10.72 -7.40 -3.11
C GLY A 97 12.24 -7.43 -3.07
N ARG A 98 12.79 -8.57 -2.64
CA ARG A 98 14.23 -8.72 -2.54
C ARG A 98 14.92 -8.06 -3.72
N LEU A 99 14.26 -8.04 -4.87
CA LEU A 99 14.81 -7.45 -6.07
C LEU A 99 15.58 -6.17 -5.74
N GLY A 100 14.90 -5.20 -5.16
CA GLY A 100 15.54 -3.95 -4.80
C GLY A 100 15.28 -3.56 -3.36
N GLU A 101 15.29 -4.54 -2.47
CA GLU A 101 15.04 -4.30 -1.05
C GLU A 101 16.09 -3.33 -0.48
N GLU A 102 17.35 -3.58 -0.79
CA GLU A 102 18.44 -2.73 -0.31
C GLU A 102 18.07 -1.25 -0.44
N SER A 103 18.79 -0.41 0.30
CA SER A 103 18.53 1.02 0.28
C SER A 103 17.04 1.32 0.20
N PRO A 104 16.27 0.72 1.13
CA PRO A 104 14.82 0.90 1.19
C PRO A 104 14.43 2.30 1.63
N SER A 105 13.12 2.57 1.64
CA SER A 105 12.61 3.88 2.04
C SER A 105 12.09 3.85 3.48
N LEU A 106 12.04 5.02 4.10
CA LEU A 106 11.55 5.13 5.47
C LEU A 106 11.39 6.59 5.88
N ASN A 107 10.17 6.97 6.26
CA ASN A 107 9.89 8.33 6.67
C ASN A 107 9.32 8.37 8.09
N LYS A 108 9.30 9.56 8.68
CA LYS A 108 8.77 9.73 10.03
C LYS A 108 7.36 10.30 10.00
N ARG A 109 6.43 9.60 10.63
CA ARG A 109 5.04 10.04 10.68
C ARG A 109 4.29 9.39 11.84
N LYS A 110 3.50 10.17 12.55
CA LYS A 110 2.73 9.66 13.68
C LYS A 110 1.24 9.70 13.39
N ARG A 111 0.52 8.68 13.84
CA ARG A 111 -0.92 8.60 13.63
C ARG A 111 -1.50 7.39 14.34
N GLU A 112 -2.60 7.61 15.06
CA GLU A 112 -3.26 6.54 15.80
C GLU A 112 -4.64 6.26 15.23
N ALA A 113 -5.05 4.99 15.28
CA ALA A 113 -6.35 4.58 14.77
C ALA A 113 -7.12 3.78 15.80
N PRO A 114 -8.45 3.99 15.84
CA PRO A 114 -9.34 3.29 16.78
C PRO A 114 -9.47 1.81 16.47
N ASP A 115 -9.13 0.96 17.43
CA ASP A 115 -9.21 -0.48 17.25
C ASP A 115 -10.60 -0.99 17.64
N GLN A 116 -10.96 -2.16 17.11
CA GLN A 116 -12.27 -2.75 17.40
C GLN A 116 -12.10 -4.14 18.01
N ASP A 117 -12.25 -4.22 19.32
CA ASP A 117 -12.13 -5.49 20.03
C ASP A 117 -13.50 -6.07 20.36
N PRO A 118 -13.61 -7.41 20.32
CA PRO A 118 -14.86 -8.10 20.62
C PRO A 118 -15.22 -8.03 22.10
N GLY A 119 -14.31 -7.51 22.91
CA GLY A 119 -14.56 -7.38 24.33
C GLY A 119 -13.73 -8.35 25.15
N GLY A 120 -12.49 -7.98 25.44
CA GLY A 120 -11.62 -8.84 26.21
C GLY A 120 -11.01 -9.94 25.38
N PRO A 121 -9.77 -10.32 25.71
CA PRO A 121 -9.05 -11.38 24.99
C PRO A 121 -9.64 -12.76 25.26
N ARG A 122 -9.46 -13.67 24.30
CA ARG A 122 -9.98 -15.03 24.43
C ARG A 122 -8.85 -16.05 24.38
N SER A 123 -8.14 -16.18 25.50
CA SER A 123 -7.03 -17.12 25.60
C SER A 123 -6.48 -17.17 27.02
N GLY A 124 -5.52 -18.07 27.24
CA GLY A 124 -4.92 -18.20 28.56
C GLY A 124 -4.09 -19.46 28.70
N PRO A 125 -3.01 -19.38 29.48
CA PRO A 125 -2.11 -20.51 29.71
C PRO A 125 -2.76 -21.61 30.56
N SER A 126 -2.30 -22.84 30.37
CA SER A 126 -2.84 -23.97 31.11
C SER A 126 -2.12 -24.14 32.44
N SER A 127 -2.90 -24.32 33.51
CA SER A 127 -2.33 -24.49 34.84
C SER A 127 -2.08 -25.97 35.14
N GLY A 128 -0.85 -26.29 35.51
CA GLY A 128 -0.50 -27.66 35.82
C GLY A 128 0.80 -27.77 36.60
N GLY A 1 5.32 -6.13 22.12
CA GLY A 1 5.38 -6.05 20.67
C GLY A 1 6.80 -5.87 20.16
N SER A 2 7.53 -6.97 20.06
CA SER A 2 8.91 -6.93 19.58
C SER A 2 8.97 -6.50 18.12
N SER A 3 9.46 -5.27 17.90
CA SER A 3 9.56 -4.73 16.55
C SER A 3 8.20 -4.74 15.85
N GLY A 4 7.17 -4.35 16.59
CA GLY A 4 5.83 -4.30 16.04
C GLY A 4 5.32 -2.88 15.85
N SER A 5 4.46 -2.69 14.85
CA SER A 5 3.92 -1.36 14.56
C SER A 5 2.56 -1.18 15.25
N SER A 6 2.50 -0.21 16.16
CA SER A 6 1.26 0.07 16.89
C SER A 6 0.39 1.04 16.11
N GLY A 7 0.29 0.83 14.81
CA GLY A 7 -0.51 1.71 13.97
C GLY A 7 -1.95 1.78 14.44
N SER A 8 -2.80 2.44 13.65
CA SER A 8 -4.21 2.59 14.00
C SER A 8 -5.07 1.67 13.14
N GLY A 9 -4.64 0.41 13.01
CA GLY A 9 -5.39 -0.55 12.23
C GLY A 9 -4.74 -0.83 10.89
N ILE A 10 -4.55 0.21 10.08
CA ILE A 10 -3.94 0.07 8.77
C ILE A 10 -2.42 0.06 8.88
N ILE A 11 -1.79 -0.85 8.14
CA ILE A 11 -0.35 -0.97 8.15
C ILE A 11 0.29 0.03 7.18
N LYS A 12 0.91 1.06 7.74
CA LYS A 12 1.56 2.09 6.93
C LYS A 12 3.04 1.78 6.74
N MET A 13 3.56 2.10 5.56
CA MET A 13 4.97 1.85 5.26
C MET A 13 5.45 2.77 4.14
N ALA A 14 6.70 3.22 4.24
CA ALA A 14 7.28 4.10 3.24
C ALA A 14 7.77 3.31 2.03
N ILE A 15 7.05 3.44 0.92
CA ILE A 15 7.42 2.73 -0.31
C ILE A 15 6.99 3.51 -1.54
N ARG A 16 7.78 3.42 -2.60
CA ARG A 16 7.48 4.12 -3.84
C ARG A 16 7.67 3.19 -5.04
N PHE A 17 6.56 2.77 -5.65
CA PHE A 17 6.61 1.89 -6.80
C PHE A 17 7.80 2.22 -7.70
N ASP A 18 8.61 1.22 -8.00
CA ASP A 18 9.78 1.41 -8.85
C ASP A 18 9.74 0.47 -10.05
N ARG A 19 9.46 1.04 -11.23
CA ARG A 19 9.39 0.26 -12.45
C ARG A 19 10.67 -0.54 -12.67
N ARG A 20 11.81 0.12 -12.57
CA ARG A 20 13.11 -0.52 -12.74
C ARG A 20 13.22 -1.75 -11.85
N ALA A 21 12.49 -1.74 -10.74
CA ALA A 21 12.52 -2.86 -9.80
C ALA A 21 12.05 -4.14 -10.47
N TYR A 22 11.08 -4.02 -11.37
CA TYR A 22 10.54 -5.17 -12.07
C TYR A 22 10.61 -4.97 -13.59
N PRO A 23 10.72 -6.09 -14.33
CA PRO A 23 10.80 -6.07 -15.79
C PRO A 23 9.50 -5.64 -16.44
N PRO A 24 9.56 -5.30 -17.73
CA PRO A 24 8.39 -4.87 -18.50
C PRO A 24 7.40 -6.01 -18.75
N GLN A 25 7.73 -7.19 -18.22
CA GLN A 25 6.87 -8.36 -18.39
C GLN A 25 6.23 -8.74 -17.06
N ILE A 26 6.68 -8.13 -15.98
CA ILE A 26 6.14 -8.41 -14.66
C ILE A 26 5.74 -7.12 -13.95
N THR A 27 4.64 -7.17 -13.21
CA THR A 27 4.15 -6.02 -12.47
C THR A 27 3.83 -6.38 -11.03
N PRO A 28 3.89 -5.38 -10.14
CA PRO A 28 3.60 -5.56 -8.71
C PRO A 28 2.12 -5.84 -8.45
N LYS A 29 1.26 -5.35 -9.34
CA LYS A 29 -0.18 -5.54 -9.21
C LYS A 29 -0.55 -7.00 -9.44
N MET A 30 0.13 -7.64 -10.38
CA MET A 30 -0.13 -9.04 -10.69
C MET A 30 0.51 -9.96 -9.65
N CYS A 31 1.66 -9.56 -9.14
CA CYS A 31 2.37 -10.35 -8.13
C CYS A 31 1.50 -10.57 -6.91
N LEU A 32 0.68 -9.59 -6.58
CA LEU A 32 -0.21 -9.68 -5.43
C LEU A 32 -1.47 -10.47 -5.76
N LEU A 33 -2.12 -10.10 -6.86
CA LEU A 33 -3.33 -10.77 -7.29
C LEU A 33 -3.07 -12.25 -7.55
N GLU A 34 -1.89 -12.56 -8.07
CA GLU A 34 -1.52 -13.94 -8.36
C GLU A 34 -1.23 -14.70 -7.08
N TRP A 35 -0.93 -13.97 -6.01
CA TRP A 35 -0.64 -14.58 -4.71
C TRP A 35 -1.92 -14.85 -3.94
N CYS A 36 -2.97 -14.10 -4.25
CA CYS A 36 -4.26 -14.26 -3.58
C CYS A 36 -5.02 -15.46 -4.14
N ARG A 37 -4.68 -15.84 -5.37
CA ARG A 37 -5.33 -16.97 -6.02
C ARG A 37 -4.89 -18.29 -5.40
N ARG A 38 -3.59 -18.41 -5.14
CA ARG A 38 -3.04 -19.62 -4.55
C ARG A 38 -3.42 -19.73 -3.07
N GLU A 39 -3.55 -18.59 -2.41
CA GLU A 39 -3.92 -18.55 -1.00
C GLU A 39 -5.43 -18.55 -0.83
N LYS A 40 -6.14 -18.94 -1.89
CA LYS A 40 -7.60 -18.98 -1.87
C LYS A 40 -8.17 -17.80 -1.10
N LEU A 41 -7.52 -16.64 -1.23
CA LEU A 41 -7.96 -15.43 -0.56
C LEU A 41 -8.87 -14.61 -1.46
N PRO A 42 -9.73 -13.78 -0.83
CA PRO A 42 -10.67 -12.92 -1.56
C PRO A 42 -9.98 -11.80 -2.31
N GLN A 43 -10.41 -11.54 -3.53
CA GLN A 43 -9.83 -10.48 -4.35
C GLN A 43 -9.68 -9.20 -3.55
N PRO A 44 -8.55 -8.50 -3.74
CA PRO A 44 -8.25 -7.25 -3.04
C PRO A 44 -9.15 -6.11 -3.51
N VAL A 45 -8.94 -4.92 -2.94
CA VAL A 45 -9.71 -3.75 -3.31
C VAL A 45 -8.83 -2.51 -3.40
N TYR A 46 -8.57 -2.08 -4.64
CA TYR A 46 -7.73 -0.91 -4.88
C TYR A 46 -8.56 0.36 -4.80
N GLU A 47 -8.07 1.33 -4.03
CA GLU A 47 -8.75 2.61 -3.88
C GLU A 47 -7.77 3.78 -3.91
N THR A 48 -7.83 4.56 -4.98
CA THR A 48 -6.95 5.71 -5.14
C THR A 48 -7.65 7.00 -4.76
N VAL A 49 -7.23 7.59 -3.65
CA VAL A 49 -7.81 8.84 -3.17
C VAL A 49 -7.05 10.05 -3.69
N GLN A 50 -7.63 11.23 -3.54
CA GLN A 50 -7.00 12.46 -3.99
C GLN A 50 -7.11 13.55 -2.94
N ARG A 51 -5.96 13.98 -2.42
CA ARG A 51 -5.93 15.03 -1.40
C ARG A 51 -6.16 16.40 -2.02
N THR A 52 -6.19 17.43 -1.18
CA THR A 52 -6.42 18.80 -1.64
C THR A 52 -5.18 19.66 -1.40
N ILE A 53 -4.38 19.29 -0.41
CA ILE A 53 -3.18 20.03 -0.09
C ILE A 53 -2.18 20.00 -1.24
N ASP A 54 -1.87 18.80 -1.71
CA ASP A 54 -0.93 18.63 -2.82
C ASP A 54 -1.62 18.00 -4.02
N ARG A 55 -2.94 17.88 -3.94
CA ARG A 55 -3.72 17.30 -5.02
C ARG A 55 -3.06 16.02 -5.55
N MET A 56 -2.33 15.35 -4.67
CA MET A 56 -1.64 14.11 -5.03
C MET A 56 -2.58 12.92 -4.93
N PHE A 57 -2.17 11.79 -5.51
CA PHE A 57 -2.98 10.58 -5.48
C PHE A 57 -2.31 9.49 -4.64
N CYS A 58 -3.12 8.69 -3.96
CA CYS A 58 -2.61 7.61 -3.13
C CYS A 58 -3.53 6.39 -3.19
N SER A 59 -2.94 5.24 -3.50
CA SER A 59 -3.71 4.00 -3.60
C SER A 59 -3.55 3.16 -2.34
N VAL A 60 -4.58 2.37 -2.02
CA VAL A 60 -4.55 1.52 -0.84
C VAL A 60 -5.24 0.19 -1.11
N VAL A 61 -4.48 -0.90 -1.03
CA VAL A 61 -5.03 -2.23 -1.25
C VAL A 61 -5.46 -2.88 0.05
N THR A 62 -6.39 -3.82 -0.04
CA THR A 62 -6.90 -4.52 1.14
C THR A 62 -6.99 -6.02 0.88
N VAL A 63 -6.30 -6.80 1.72
CA VAL A 63 -6.31 -8.26 1.58
C VAL A 63 -6.33 -8.92 2.95
N ALA A 64 -7.11 -9.99 3.07
CA ALA A 64 -7.21 -10.73 4.32
C ALA A 64 -7.71 -9.84 5.44
N GLU A 65 -8.69 -8.99 5.14
CA GLU A 65 -9.25 -8.07 6.12
C GLU A 65 -8.17 -7.14 6.67
N GLN A 66 -7.22 -6.78 5.82
CA GLN A 66 -6.14 -5.89 6.22
C GLN A 66 -5.88 -4.83 5.15
N LYS A 67 -5.73 -3.58 5.60
CA LYS A 67 -5.49 -2.47 4.68
C LYS A 67 -4.00 -2.12 4.64
N TYR A 68 -3.51 -1.81 3.45
CA TYR A 68 -2.10 -1.46 3.28
C TYR A 68 -1.96 -0.13 2.54
N GLN A 69 -1.47 0.89 3.22
CA GLN A 69 -1.28 2.21 2.63
C GLN A 69 0.16 2.66 2.76
N SER A 70 0.66 3.35 1.73
CA SER A 70 2.03 3.85 1.74
C SER A 70 2.09 5.29 2.21
N THR A 71 3.12 5.63 2.96
CA THR A 71 3.29 6.98 3.47
C THR A 71 3.90 7.90 2.41
N LEU A 72 3.87 7.44 1.17
CA LEU A 72 4.42 8.23 0.06
C LEU A 72 3.43 8.27 -1.11
N TRP A 73 3.01 9.48 -1.46
CA TRP A 73 2.07 9.66 -2.56
C TRP A 73 2.75 9.42 -3.91
N ASP A 74 2.01 9.65 -4.99
CA ASP A 74 2.56 9.46 -6.33
C ASP A 74 2.12 10.59 -7.25
N LYS A 75 2.88 10.80 -8.32
CA LYS A 75 2.57 11.86 -9.29
C LYS A 75 1.23 11.62 -9.96
N SER A 76 1.01 10.39 -10.42
CA SER A 76 -0.24 10.02 -11.07
C SER A 76 -0.88 8.82 -10.39
N LYS A 77 -2.17 8.63 -10.63
CA LYS A 77 -2.91 7.52 -10.05
C LYS A 77 -2.35 6.19 -10.52
N LYS A 78 -2.22 6.03 -11.84
CA LYS A 78 -1.69 4.81 -12.43
C LYS A 78 -0.57 4.24 -11.58
N LEU A 79 0.43 5.06 -11.29
CA LEU A 79 1.56 4.64 -10.48
C LEU A 79 1.13 4.33 -9.05
N ALA A 80 0.38 5.25 -8.45
CA ALA A 80 -0.10 5.08 -7.09
C ALA A 80 -0.54 3.64 -6.85
N GLU A 81 -1.30 3.09 -7.80
CA GLU A 81 -1.79 1.72 -7.68
C GLU A 81 -0.64 0.75 -7.46
N GLN A 82 0.35 0.79 -8.34
CA GLN A 82 1.51 -0.09 -8.24
C GLN A 82 2.02 -0.15 -6.80
N THR A 83 2.40 1.01 -6.27
CA THR A 83 2.91 1.09 -4.91
C THR A 83 2.10 0.22 -3.95
N ALA A 84 0.78 0.41 -3.97
CA ALA A 84 -0.11 -0.36 -3.12
C ALA A 84 0.39 -1.79 -2.95
N ALA A 85 0.26 -2.58 -4.01
CA ALA A 85 0.70 -3.97 -3.99
C ALA A 85 2.02 -4.12 -3.23
N ILE A 86 3.08 -3.55 -3.78
CA ILE A 86 4.39 -3.61 -3.15
C ILE A 86 4.28 -3.53 -1.63
N VAL A 87 3.61 -2.49 -1.15
CA VAL A 87 3.43 -2.29 0.28
C VAL A 87 2.85 -3.54 0.94
N CYS A 88 1.93 -4.19 0.24
CA CYS A 88 1.30 -5.40 0.75
C CYS A 88 2.30 -6.56 0.81
N LEU A 89 2.76 -6.99 -0.37
CA LEU A 89 3.71 -8.08 -0.45
C LEU A 89 4.74 -8.01 0.68
N ARG A 90 5.50 -6.91 0.71
CA ARG A 90 6.51 -6.71 1.73
C ARG A 90 5.95 -6.99 3.12
N SER A 91 4.88 -6.30 3.46
CA SER A 91 4.24 -6.48 4.76
C SER A 91 3.95 -7.95 5.03
N GLN A 92 3.46 -8.64 4.01
CA GLN A 92 3.13 -10.06 4.13
C GLN A 92 4.39 -10.89 4.35
N GLY A 93 5.52 -10.39 3.84
CA GLY A 93 6.77 -11.10 3.99
C GLY A 93 7.09 -11.97 2.79
N LEU A 94 6.64 -11.54 1.62
CA LEU A 94 6.88 -12.29 0.39
C LEU A 94 8.20 -11.88 -0.25
N PRO A 95 8.83 -12.82 -0.97
CA PRO A 95 10.10 -12.58 -1.65
C PRO A 95 9.95 -11.62 -2.83
N GLU A 96 8.75 -11.13 -3.04
CA GLU A 96 8.47 -10.21 -4.14
C GLU A 96 8.89 -8.78 -3.77
N GLY A 97 10.03 -8.65 -3.12
CA GLY A 97 10.52 -7.35 -2.72
C GLY A 97 12.03 -7.28 -2.69
N ARG A 98 12.66 -8.38 -2.32
CA ARG A 98 14.11 -8.44 -2.24
C ARG A 98 14.75 -7.61 -3.36
N LEU A 99 14.16 -7.66 -4.54
CA LEU A 99 14.65 -6.91 -5.69
C LEU A 99 15.15 -5.53 -5.26
N GLY A 100 14.27 -4.76 -4.64
CA GLY A 100 14.64 -3.42 -4.19
C GLY A 100 14.49 -3.26 -2.69
N GLU A 101 14.75 -4.33 -1.95
CA GLU A 101 14.65 -4.30 -0.50
C GLU A 101 15.31 -3.05 0.07
N GLU A 102 16.52 -2.77 -0.40
CA GLU A 102 17.27 -1.60 0.05
C GLU A 102 16.33 -0.43 0.35
N SER A 103 16.25 -0.06 1.63
CA SER A 103 15.38 1.04 2.05
C SER A 103 16.13 2.00 2.96
N PRO A 104 15.83 3.30 2.82
CA PRO A 104 16.47 4.35 3.62
C PRO A 104 16.03 4.31 5.08
N SER A 105 16.94 4.66 5.98
CA SER A 105 16.64 4.65 7.41
C SER A 105 15.27 5.25 7.67
N LEU A 106 14.63 4.78 8.75
CA LEU A 106 13.30 5.27 9.12
C LEU A 106 13.38 6.62 9.82
N ASN A 107 12.23 7.14 10.21
CA ASN A 107 12.17 8.44 10.89
C ASN A 107 11.83 8.26 12.36
N LYS A 108 12.04 9.31 13.15
CA LYS A 108 11.75 9.28 14.58
C LYS A 108 10.42 9.95 14.87
N ARG A 109 9.70 9.41 15.87
CA ARG A 109 8.40 9.95 16.25
C ARG A 109 7.50 10.12 15.04
N LYS A 110 7.50 9.12 14.16
CA LYS A 110 6.69 9.15 12.96
C LYS A 110 5.27 9.60 13.28
N ARG A 111 4.77 10.58 12.53
CA ARG A 111 3.43 11.10 12.74
C ARG A 111 2.38 10.03 12.43
N GLU A 112 1.23 10.13 13.09
CA GLU A 112 0.15 9.18 12.89
C GLU A 112 -0.94 9.77 12.00
N ALA A 113 -1.51 8.93 11.15
CA ALA A 113 -2.57 9.37 10.23
C ALA A 113 -3.93 8.83 10.68
N PRO A 114 -4.94 9.71 10.71
CA PRO A 114 -6.30 9.35 11.10
C PRO A 114 -6.98 8.46 10.08
N ASP A 115 -7.62 7.39 10.56
CA ASP A 115 -8.31 6.46 9.67
C ASP A 115 -9.62 5.99 10.31
N GLN A 116 -10.62 5.75 9.47
CA GLN A 116 -11.92 5.30 9.94
C GLN A 116 -12.46 4.16 9.08
N ASP A 117 -13.00 3.15 9.73
CA ASP A 117 -13.54 1.98 9.03
C ASP A 117 -14.85 2.34 8.32
N PRO A 118 -15.02 1.82 7.10
CA PRO A 118 -16.22 2.08 6.29
C PRO A 118 -17.47 1.40 6.86
N GLY A 119 -18.60 1.61 6.21
CA GLY A 119 -19.84 1.01 6.68
C GLY A 119 -20.49 0.13 5.63
N GLY A 120 -21.24 0.75 4.72
CA GLY A 120 -21.90 0.00 3.67
C GLY A 120 -23.41 0.05 3.79
N PRO A 121 -24.09 0.10 2.64
CA PRO A 121 -25.56 0.15 2.60
C PRO A 121 -26.20 -1.17 3.03
N ARG A 122 -27.42 -1.08 3.56
CA ARG A 122 -28.14 -2.26 4.02
C ARG A 122 -28.07 -3.38 2.98
N SER A 123 -28.30 -4.61 3.42
CA SER A 123 -28.26 -5.76 2.52
C SER A 123 -29.61 -6.49 2.52
N GLY A 124 -29.76 -7.42 1.59
CA GLY A 124 -31.00 -8.17 1.49
C GLY A 124 -30.88 -9.37 0.56
N PRO A 125 -30.37 -10.48 1.10
CA PRO A 125 -30.18 -11.72 0.32
C PRO A 125 -31.52 -12.39 -0.02
N SER A 126 -31.47 -13.35 -0.92
CA SER A 126 -32.67 -14.07 -1.34
C SER A 126 -32.70 -15.47 -0.75
N SER A 127 -33.78 -16.20 -1.01
CA SER A 127 -33.95 -17.55 -0.51
C SER A 127 -33.75 -18.58 -1.62
N GLY A 128 -33.27 -19.76 -1.24
CA GLY A 128 -33.04 -20.81 -2.22
C GLY A 128 -33.30 -22.19 -1.66
N GLY A 1 6.56 -3.42 17.14
CA GLY A 1 6.90 -4.80 16.86
C GLY A 1 6.13 -5.77 17.71
N SER A 2 6.74 -6.92 18.01
CA SER A 2 6.11 -7.93 18.83
C SER A 2 6.24 -7.61 20.31
N SER A 3 6.03 -6.34 20.65
CA SER A 3 6.12 -5.89 22.03
C SER A 3 4.85 -5.18 22.46
N GLY A 4 4.53 -4.09 21.76
CA GLY A 4 3.34 -3.33 22.08
C GLY A 4 2.38 -3.23 20.92
N SER A 5 1.11 -2.99 21.21
CA SER A 5 0.08 -2.87 20.17
C SER A 5 0.34 -1.65 19.29
N SER A 6 1.03 -1.86 18.19
CA SER A 6 1.34 -0.77 17.26
C SER A 6 0.19 -0.54 16.29
N GLY A 7 -0.78 0.26 16.73
CA GLY A 7 -1.93 0.56 15.89
C GLY A 7 -2.52 -0.68 15.26
N SER A 8 -3.57 -1.21 15.88
CA SER A 8 -4.24 -2.41 15.37
C SER A 8 -5.23 -2.06 14.28
N GLY A 9 -4.77 -1.27 13.30
CA GLY A 9 -5.63 -0.88 12.20
C GLY A 9 -4.97 -1.06 10.85
N ILE A 10 -4.68 0.04 10.17
CA ILE A 10 -4.05 -0.01 8.86
C ILE A 10 -2.52 -0.04 9.00
N ILE A 11 -1.89 -0.92 8.22
CA ILE A 11 -0.44 -1.05 8.25
C ILE A 11 0.22 -0.07 7.29
N LYS A 12 0.67 1.07 7.82
CA LYS A 12 1.33 2.08 7.02
C LYS A 12 2.81 1.78 6.85
N MET A 13 3.36 2.13 5.69
CA MET A 13 4.77 1.90 5.42
C MET A 13 5.27 2.82 4.32
N ALA A 14 6.50 3.30 4.46
CA ALA A 14 7.09 4.19 3.46
C ALA A 14 7.66 3.41 2.29
N ILE A 15 6.96 3.45 1.16
CA ILE A 15 7.41 2.74 -0.04
C ILE A 15 7.07 3.54 -1.30
N ARG A 16 7.83 3.29 -2.36
CA ARG A 16 7.62 3.98 -3.63
C ARG A 16 7.78 3.02 -4.80
N PHE A 17 6.66 2.71 -5.45
CA PHE A 17 6.67 1.80 -6.59
C PHE A 17 7.95 1.97 -7.42
N ASP A 18 8.58 0.86 -7.77
CA ASP A 18 9.81 0.89 -8.55
C ASP A 18 9.65 0.05 -9.82
N ARG A 19 10.08 0.61 -10.95
CA ARG A 19 9.98 -0.08 -12.22
C ARG A 19 11.16 -1.03 -12.41
N ARG A 20 12.38 -0.49 -12.34
CA ARG A 20 13.59 -1.28 -12.50
C ARG A 20 13.49 -2.59 -11.71
N ALA A 21 12.79 -2.53 -10.58
CA ALA A 21 12.62 -3.69 -9.72
C ALA A 21 12.03 -4.87 -10.51
N TYR A 22 11.08 -4.57 -11.39
CA TYR A 22 10.44 -5.60 -12.20
C TYR A 22 10.53 -5.26 -13.68
N PRO A 23 10.53 -6.30 -14.53
CA PRO A 23 10.61 -6.13 -15.98
C PRO A 23 9.34 -5.52 -16.57
N PRO A 24 9.41 -5.12 -17.84
CA PRO A 24 8.27 -4.51 -18.55
C PRO A 24 7.16 -5.51 -18.82
N GLN A 25 7.37 -6.75 -18.40
CA GLN A 25 6.38 -7.81 -18.60
C GLN A 25 5.74 -8.21 -17.27
N ILE A 26 6.36 -7.81 -16.18
CA ILE A 26 5.85 -8.14 -14.85
C ILE A 26 5.55 -6.87 -14.06
N THR A 27 4.38 -6.83 -13.42
CA THR A 27 3.98 -5.69 -12.62
C THR A 27 3.63 -6.11 -11.19
N PRO A 28 3.82 -5.17 -10.24
CA PRO A 28 3.53 -5.42 -8.82
C PRO A 28 2.03 -5.54 -8.55
N LYS A 29 1.22 -4.94 -9.43
CA LYS A 29 -0.23 -4.99 -9.29
C LYS A 29 -0.75 -6.40 -9.52
N MET A 30 -0.15 -7.10 -10.49
CA MET A 30 -0.56 -8.46 -10.81
C MET A 30 0.09 -9.46 -9.86
N CYS A 31 1.33 -9.21 -9.49
CA CYS A 31 2.06 -10.09 -8.58
C CYS A 31 1.22 -10.40 -7.35
N LEU A 32 0.51 -9.40 -6.84
CA LEU A 32 -0.32 -9.57 -5.67
C LEU A 32 -1.53 -10.46 -5.97
N LEU A 33 -2.43 -9.96 -6.80
CA LEU A 33 -3.62 -10.73 -7.18
C LEU A 33 -3.27 -12.17 -7.48
N GLU A 34 -2.11 -12.39 -8.11
CA GLU A 34 -1.66 -13.73 -8.45
C GLU A 34 -1.27 -14.51 -7.19
N TRP A 35 -0.72 -13.80 -6.21
CA TRP A 35 -0.31 -14.42 -4.96
C TRP A 35 -1.51 -14.72 -4.07
N CYS A 36 -2.59 -13.97 -4.27
CA CYS A 36 -3.80 -14.15 -3.49
C CYS A 36 -4.65 -15.28 -4.05
N ARG A 37 -4.73 -15.36 -5.37
CA ARG A 37 -5.51 -16.40 -6.04
C ARG A 37 -5.00 -17.78 -5.66
N ARG A 38 -3.70 -17.89 -5.42
CA ARG A 38 -3.08 -19.16 -5.05
C ARG A 38 -3.26 -19.43 -3.56
N GLU A 39 -3.18 -18.37 -2.76
CA GLU A 39 -3.33 -18.50 -1.31
C GLU A 39 -4.80 -18.65 -0.92
N LYS A 40 -5.65 -18.81 -1.93
CA LYS A 40 -7.09 -18.97 -1.70
C LYS A 40 -7.64 -17.77 -0.91
N LEU A 41 -7.02 -16.61 -1.09
CA LEU A 41 -7.45 -15.40 -0.40
C LEU A 41 -8.43 -14.61 -1.27
N PRO A 42 -9.27 -13.80 -0.60
CA PRO A 42 -10.27 -12.97 -1.29
C PRO A 42 -9.63 -11.83 -2.08
N GLN A 43 -10.14 -11.60 -3.29
CA GLN A 43 -9.62 -10.54 -4.15
C GLN A 43 -9.41 -9.26 -3.36
N PRO A 44 -8.30 -8.57 -3.66
CA PRO A 44 -7.95 -7.31 -2.98
C PRO A 44 -8.88 -6.16 -3.37
N VAL A 45 -8.63 -4.99 -2.81
CA VAL A 45 -9.44 -3.82 -3.10
C VAL A 45 -8.57 -2.57 -3.29
N TYR A 46 -8.44 -2.15 -4.55
CA TYR A 46 -7.63 -0.98 -4.87
C TYR A 46 -8.48 0.30 -4.82
N GLU A 47 -8.03 1.25 -4.01
CA GLU A 47 -8.74 2.51 -3.87
C GLU A 47 -7.77 3.69 -3.84
N THR A 48 -7.79 4.50 -4.88
CA THR A 48 -6.90 5.66 -4.97
C THR A 48 -7.66 6.96 -4.72
N VAL A 49 -7.35 7.63 -3.61
CA VAL A 49 -8.01 8.88 -3.26
C VAL A 49 -7.21 10.07 -3.76
N GLN A 50 -7.82 11.25 -3.72
CA GLN A 50 -7.17 12.48 -4.16
C GLN A 50 -7.24 13.56 -3.09
N ARG A 51 -6.07 13.95 -2.58
CA ARG A 51 -6.01 14.97 -1.54
C ARG A 51 -6.18 16.36 -2.14
N THR A 52 -6.16 17.38 -1.28
CA THR A 52 -6.33 18.76 -1.72
C THR A 52 -5.05 19.56 -1.49
N ILE A 53 -4.27 19.15 -0.50
CA ILE A 53 -3.02 19.84 -0.18
C ILE A 53 -2.08 19.85 -1.37
N ASP A 54 -1.81 18.67 -1.92
CA ASP A 54 -0.92 18.55 -3.07
C ASP A 54 -1.64 17.86 -4.23
N ARG A 55 -2.96 17.87 -4.20
CA ARG A 55 -3.77 17.24 -5.24
C ARG A 55 -3.10 15.96 -5.74
N MET A 56 -2.40 15.27 -4.84
CA MET A 56 -1.73 14.03 -5.19
C MET A 56 -2.66 12.84 -5.01
N PHE A 57 -2.26 11.69 -5.56
CA PHE A 57 -3.05 10.48 -5.47
C PHE A 57 -2.32 9.41 -4.65
N CYS A 58 -3.09 8.52 -4.02
CA CYS A 58 -2.52 7.46 -3.21
C CYS A 58 -3.42 6.23 -3.22
N SER A 59 -2.89 5.11 -3.71
CA SER A 59 -3.64 3.87 -3.79
C SER A 59 -3.54 3.10 -2.47
N VAL A 60 -4.61 2.39 -2.13
CA VAL A 60 -4.65 1.60 -0.91
C VAL A 60 -5.28 0.24 -1.14
N VAL A 61 -4.46 -0.81 -1.09
CA VAL A 61 -4.95 -2.17 -1.30
C VAL A 61 -5.40 -2.80 0.02
N THR A 62 -6.37 -3.71 -0.08
CA THR A 62 -6.89 -4.38 1.11
C THR A 62 -6.97 -5.88 0.90
N VAL A 63 -6.23 -6.64 1.71
CA VAL A 63 -6.22 -8.09 1.61
C VAL A 63 -6.27 -8.73 2.99
N ALA A 64 -6.95 -9.87 3.07
CA ALA A 64 -7.08 -10.60 4.33
C ALA A 64 -7.59 -9.69 5.44
N GLU A 65 -8.62 -8.90 5.12
CA GLU A 65 -9.20 -7.97 6.09
C GLU A 65 -8.14 -7.04 6.66
N GLN A 66 -7.20 -6.62 5.81
CA GLN A 66 -6.13 -5.72 6.23
C GLN A 66 -5.85 -4.67 5.15
N LYS A 67 -5.75 -3.42 5.57
CA LYS A 67 -5.47 -2.32 4.65
C LYS A 67 -3.99 -1.98 4.64
N TYR A 68 -3.47 -1.67 3.45
CA TYR A 68 -2.06 -1.33 3.30
C TYR A 68 -1.90 -0.02 2.53
N GLN A 69 -1.60 1.05 3.26
CA GLN A 69 -1.43 2.36 2.65
C GLN A 69 0.01 2.85 2.81
N SER A 70 0.56 3.41 1.74
CA SER A 70 1.93 3.91 1.77
C SER A 70 1.97 5.36 2.25
N THR A 71 3.03 5.72 2.96
CA THR A 71 3.18 7.07 3.48
C THR A 71 3.80 7.98 2.43
N LEU A 72 3.71 7.59 1.17
CA LEU A 72 4.26 8.38 0.07
C LEU A 72 3.30 8.42 -1.11
N TRP A 73 2.96 9.63 -1.55
CA TRP A 73 2.05 9.80 -2.68
C TRP A 73 2.77 9.61 -4.00
N ASP A 74 2.01 9.54 -5.08
CA ASP A 74 2.57 9.35 -6.41
C ASP A 74 2.17 10.48 -7.34
N LYS A 75 2.99 10.73 -8.36
CA LYS A 75 2.71 11.79 -9.32
C LYS A 75 1.35 11.57 -9.99
N SER A 76 1.04 10.33 -10.33
CA SER A 76 -0.22 10.00 -10.97
C SER A 76 -0.91 8.85 -10.24
N LYS A 77 -2.15 8.57 -10.64
CA LYS A 77 -2.93 7.50 -10.03
C LYS A 77 -2.41 6.13 -10.45
N LYS A 78 -2.37 5.90 -11.76
CA LYS A 78 -1.89 4.63 -12.30
C LYS A 78 -0.72 4.10 -11.49
N LEU A 79 0.31 4.92 -11.32
CA LEU A 79 1.49 4.53 -10.56
C LEU A 79 1.12 4.23 -9.11
N ALA A 80 0.39 5.14 -8.48
CA ALA A 80 -0.04 4.96 -7.10
C ALA A 80 -0.53 3.55 -6.85
N GLU A 81 -1.29 3.01 -7.80
CA GLU A 81 -1.83 1.66 -7.67
C GLU A 81 -0.70 0.65 -7.48
N GLN A 82 0.36 0.80 -8.26
CA GLN A 82 1.50 -0.11 -8.17
C GLN A 82 2.01 -0.20 -6.75
N THR A 83 2.37 0.94 -6.17
CA THR A 83 2.87 0.99 -4.80
C THR A 83 2.04 0.11 -3.88
N ALA A 84 0.73 0.34 -3.85
CA ALA A 84 -0.17 -0.44 -3.02
C ALA A 84 0.30 -1.89 -2.90
N ALA A 85 0.16 -2.64 -3.99
CA ALA A 85 0.58 -4.03 -4.01
C ALA A 85 1.86 -4.23 -3.22
N ILE A 86 2.96 -3.71 -3.73
CA ILE A 86 4.26 -3.84 -3.07
C ILE A 86 4.10 -3.77 -1.56
N VAL A 87 3.54 -2.67 -1.07
CA VAL A 87 3.34 -2.48 0.36
C VAL A 87 2.72 -3.72 0.99
N CYS A 88 1.77 -4.33 0.28
CA CYS A 88 1.09 -5.53 0.77
C CYS A 88 2.06 -6.71 0.81
N LEU A 89 2.58 -7.08 -0.36
CA LEU A 89 3.50 -8.20 -0.48
C LEU A 89 4.56 -8.14 0.63
N ARG A 90 5.18 -6.98 0.79
CA ARG A 90 6.21 -6.79 1.81
C ARG A 90 5.68 -7.17 3.18
N SER A 91 4.62 -6.51 3.61
CA SER A 91 4.01 -6.77 4.91
C SER A 91 3.86 -8.27 5.15
N GLN A 92 3.41 -8.98 4.12
CA GLN A 92 3.22 -10.42 4.21
C GLN A 92 4.55 -11.13 4.43
N GLY A 93 5.63 -10.53 3.97
CA GLY A 93 6.94 -11.12 4.13
C GLY A 93 7.42 -11.83 2.88
N LEU A 94 6.89 -11.42 1.73
CA LEU A 94 7.26 -12.03 0.46
C LEU A 94 8.57 -11.43 -0.08
N PRO A 95 9.30 -12.23 -0.86
CA PRO A 95 10.58 -11.80 -1.45
C PRO A 95 10.38 -10.73 -2.53
N GLU A 96 9.14 -10.33 -2.74
CA GLU A 96 8.82 -9.32 -3.75
C GLU A 96 9.11 -7.92 -3.22
N GLY A 97 10.25 -7.76 -2.55
CA GLY A 97 10.61 -6.47 -2.01
C GLY A 97 12.12 -6.30 -1.87
N ARG A 98 12.81 -7.39 -1.58
CA ARG A 98 14.26 -7.37 -1.44
C ARG A 98 14.89 -6.47 -2.49
N LEU A 99 14.23 -6.35 -3.64
CA LEU A 99 14.73 -5.52 -4.73
C LEU A 99 15.34 -4.24 -4.20
N GLY A 100 14.52 -3.39 -3.59
CA GLY A 100 15.00 -2.14 -3.05
C GLY A 100 14.70 -2.00 -1.57
N GLU A 101 15.02 -3.04 -0.80
CA GLU A 101 14.78 -3.03 0.64
C GLU A 101 15.78 -2.12 1.34
N GLU A 102 17.07 -2.36 1.11
CA GLU A 102 18.12 -1.55 1.73
C GLU A 102 17.70 -0.09 1.82
N SER A 103 18.24 0.61 2.81
CA SER A 103 17.92 2.03 3.01
C SER A 103 16.44 2.29 2.74
N PRO A 104 15.57 1.54 3.43
CA PRO A 104 14.12 1.68 3.29
C PRO A 104 13.60 3.00 3.86
N SER A 105 12.82 3.72 3.06
CA SER A 105 12.26 5.00 3.49
C SER A 105 11.78 4.92 4.93
N LEU A 106 11.79 6.07 5.61
CA LEU A 106 11.35 6.13 7.00
C LEU A 106 10.33 7.25 7.19
N ASN A 107 9.16 6.88 7.70
CA ASN A 107 8.09 7.85 7.94
C ASN A 107 7.66 7.83 9.40
N LYS A 108 6.86 8.82 9.79
CA LYS A 108 6.37 8.92 11.16
C LYS A 108 4.91 9.34 11.18
N ARG A 109 4.16 8.83 12.15
CA ARG A 109 2.74 9.16 12.29
C ARG A 109 2.56 10.59 12.81
N LYS A 110 2.58 11.55 11.90
CA LYS A 110 2.42 12.95 12.26
C LYS A 110 1.09 13.17 12.98
N ARG A 111 0.00 12.96 12.26
CA ARG A 111 -1.34 13.13 12.83
C ARG A 111 -1.90 11.80 13.31
N GLU A 112 -3.00 11.86 14.05
CA GLU A 112 -3.65 10.66 14.58
C GLU A 112 -5.17 10.80 14.56
N ALA A 113 -5.86 9.68 14.39
CA ALA A 113 -7.32 9.68 14.36
C ALA A 113 -7.89 9.13 15.66
N PRO A 114 -8.15 10.03 16.63
CA PRO A 114 -8.71 9.65 17.93
C PRO A 114 -10.16 9.21 17.84
N ASP A 115 -10.38 7.91 17.96
CA ASP A 115 -11.72 7.35 17.89
C ASP A 115 -12.64 8.00 18.91
N GLN A 116 -13.94 8.04 18.60
CA GLN A 116 -14.92 8.64 19.49
C GLN A 116 -15.83 7.59 20.09
N ASP A 117 -16.08 6.52 19.34
CA ASP A 117 -16.94 5.44 19.79
C ASP A 117 -16.56 4.11 19.12
N PRO A 118 -16.26 3.10 19.95
CA PRO A 118 -15.86 1.78 19.47
C PRO A 118 -17.03 1.03 18.81
N GLY A 119 -16.76 0.44 17.65
CA GLY A 119 -17.79 -0.29 16.93
C GLY A 119 -17.22 -1.26 15.91
N GLY A 120 -16.98 -2.49 16.33
CA GLY A 120 -16.43 -3.49 15.44
C GLY A 120 -17.11 -4.83 15.57
N PRO A 121 -16.52 -5.87 14.96
CA PRO A 121 -17.07 -7.24 15.00
C PRO A 121 -16.94 -7.86 16.39
N ARG A 122 -17.87 -8.76 16.70
CA ARG A 122 -17.86 -9.44 17.99
C ARG A 122 -18.05 -10.95 17.83
N SER A 123 -17.74 -11.70 18.87
CA SER A 123 -17.87 -13.15 18.83
C SER A 123 -19.24 -13.58 19.33
N GLY A 124 -19.71 -12.95 20.40
CA GLY A 124 -21.01 -13.27 20.95
C GLY A 124 -21.35 -12.44 22.17
N PRO A 125 -22.26 -12.95 23.01
CA PRO A 125 -22.70 -12.25 24.22
C PRO A 125 -21.61 -12.21 25.28
N SER A 126 -20.52 -12.93 25.04
CA SER A 126 -19.41 -12.98 25.98
C SER A 126 -19.23 -11.63 26.68
N SER A 127 -19.47 -11.62 27.99
CA SER A 127 -19.34 -10.40 28.78
C SER A 127 -18.12 -10.47 29.70
N GLY A 128 -17.22 -9.50 29.55
CA GLY A 128 -16.03 -9.47 30.38
C GLY A 128 -14.98 -8.51 29.84
N GLY A 1 2.42 -12.73 24.50
CA GLY A 1 3.41 -13.04 25.49
C GLY A 1 4.14 -11.82 26.01
N SER A 2 4.79 -11.10 25.11
CA SER A 2 5.54 -9.89 25.47
C SER A 2 4.94 -8.66 24.81
N SER A 3 4.31 -8.87 23.65
CA SER A 3 3.69 -7.76 22.91
C SER A 3 2.48 -8.26 22.11
N GLY A 4 1.70 -7.32 21.61
CA GLY A 4 0.52 -7.67 20.83
C GLY A 4 0.67 -7.32 19.37
N SER A 5 0.38 -6.06 19.04
CA SER A 5 0.47 -5.59 17.65
C SER A 5 0.93 -4.14 17.60
N SER A 6 1.49 -3.75 16.46
CA SER A 6 1.97 -2.39 16.28
C SER A 6 0.81 -1.39 16.24
N GLY A 7 -0.18 -1.70 15.43
CA GLY A 7 -1.35 -0.84 15.31
C GLY A 7 -2.64 -1.61 15.17
N SER A 8 -3.75 -0.95 15.47
CA SER A 8 -5.07 -1.58 15.39
C SER A 8 -5.92 -0.92 14.31
N GLY A 9 -5.35 -0.78 13.11
CA GLY A 9 -6.08 -0.16 12.02
C GLY A 9 -5.41 -0.39 10.69
N ILE A 10 -4.96 0.70 10.06
CA ILE A 10 -4.30 0.61 8.76
C ILE A 10 -2.79 0.45 8.94
N ILE A 11 -2.16 -0.18 7.95
CA ILE A 11 -0.71 -0.41 7.98
C ILE A 11 0.01 0.55 7.05
N LYS A 12 0.66 1.56 7.64
CA LYS A 12 1.40 2.55 6.87
C LYS A 12 2.88 2.17 6.76
N MET A 13 3.47 2.42 5.60
CA MET A 13 4.88 2.11 5.38
C MET A 13 5.47 2.98 4.27
N ALA A 14 6.78 3.20 4.34
CA ALA A 14 7.46 4.03 3.35
C ALA A 14 7.87 3.19 2.14
N ILE A 15 7.22 3.43 1.00
CA ILE A 15 7.53 2.69 -0.22
C ILE A 15 7.19 3.53 -1.45
N ARG A 16 7.89 3.26 -2.55
CA ARG A 16 7.68 3.99 -3.80
C ARG A 16 7.81 3.06 -5.00
N PHE A 17 6.73 2.91 -5.74
CA PHE A 17 6.72 2.05 -6.92
C PHE A 17 8.07 2.08 -7.62
N ASP A 18 8.66 0.90 -7.81
CA ASP A 18 9.96 0.80 -8.48
C ASP A 18 9.86 -0.10 -9.71
N ARG A 19 9.52 0.49 -10.84
CA ARG A 19 9.39 -0.25 -12.09
C ARG A 19 10.63 -1.09 -12.34
N ARG A 20 11.79 -0.46 -12.29
CA ARG A 20 13.05 -1.16 -12.52
C ARG A 20 13.09 -2.48 -11.75
N ALA A 21 12.47 -2.49 -10.58
CA ALA A 21 12.42 -3.68 -9.74
C ALA A 21 11.86 -4.87 -10.52
N TYR A 22 10.85 -4.61 -11.33
CA TYR A 22 10.22 -5.67 -12.12
C TYR A 22 10.31 -5.36 -13.61
N PRO A 23 10.36 -6.42 -14.44
CA PRO A 23 10.44 -6.28 -15.89
C PRO A 23 9.16 -5.74 -16.50
N PRO A 24 9.23 -5.36 -17.79
CA PRO A 24 8.08 -4.81 -18.52
C PRO A 24 7.00 -5.87 -18.78
N GLN A 25 7.25 -7.10 -18.32
CA GLN A 25 6.32 -8.19 -18.51
C GLN A 25 5.68 -8.60 -17.18
N ILE A 26 6.18 -8.03 -16.09
CA ILE A 26 5.66 -8.32 -14.76
C ILE A 26 5.42 -7.05 -13.96
N THR A 27 4.26 -6.97 -13.32
CA THR A 27 3.91 -5.80 -12.51
C THR A 27 3.63 -6.19 -11.07
N PRO A 28 3.75 -5.21 -10.16
CA PRO A 28 3.52 -5.42 -8.73
C PRO A 28 2.04 -5.67 -8.42
N LYS A 29 1.18 -5.36 -9.37
CA LYS A 29 -0.26 -5.54 -9.20
C LYS A 29 -0.66 -6.98 -9.51
N MET A 30 0.06 -7.60 -10.45
CA MET A 30 -0.23 -8.98 -10.84
C MET A 30 0.40 -9.96 -9.86
N CYS A 31 1.48 -9.54 -9.21
CA CYS A 31 2.18 -10.39 -8.25
C CYS A 31 1.29 -10.67 -7.04
N LEU A 32 0.50 -9.69 -6.65
CA LEU A 32 -0.41 -9.83 -5.51
C LEU A 32 -1.50 -10.84 -5.81
N LEU A 33 -2.21 -10.65 -6.93
CA LEU A 33 -3.28 -11.54 -7.33
C LEU A 33 -2.77 -12.98 -7.47
N GLU A 34 -1.76 -13.15 -8.32
CA GLU A 34 -1.18 -14.47 -8.56
C GLU A 34 -0.80 -15.14 -7.23
N TRP A 35 -0.66 -14.33 -6.20
CA TRP A 35 -0.29 -14.84 -4.87
C TRP A 35 -1.54 -15.11 -4.04
N CYS A 36 -2.55 -14.27 -4.20
CA CYS A 36 -3.80 -14.42 -3.46
C CYS A 36 -4.47 -15.76 -3.79
N ARG A 37 -4.56 -16.06 -5.08
CA ARG A 37 -5.18 -17.30 -5.53
C ARG A 37 -4.64 -18.49 -4.75
N ARG A 38 -3.32 -18.59 -4.65
CA ARG A 38 -2.68 -19.68 -3.94
C ARG A 38 -3.14 -19.73 -2.49
N GLU A 39 -3.16 -18.56 -1.84
CA GLU A 39 -3.58 -18.47 -0.45
C GLU A 39 -5.11 -18.46 -0.34
N LYS A 40 -5.77 -18.81 -1.44
CA LYS A 40 -7.23 -18.85 -1.47
C LYS A 40 -7.82 -17.53 -0.98
N LEU A 41 -7.07 -16.45 -1.14
CA LEU A 41 -7.52 -15.13 -0.72
C LEU A 41 -8.29 -14.43 -1.83
N PRO A 42 -9.34 -13.70 -1.45
CA PRO A 42 -10.19 -12.96 -2.40
C PRO A 42 -9.46 -11.78 -3.03
N GLN A 43 -9.61 -11.62 -4.34
CA GLN A 43 -8.98 -10.53 -5.06
C GLN A 43 -8.99 -9.25 -4.23
N PRO A 44 -7.86 -8.52 -4.24
CA PRO A 44 -7.72 -7.27 -3.50
C PRO A 44 -8.57 -6.14 -4.08
N VAL A 45 -8.50 -4.97 -3.46
CA VAL A 45 -9.27 -3.81 -3.92
C VAL A 45 -8.43 -2.54 -3.85
N TYR A 46 -8.18 -1.94 -5.00
CA TYR A 46 -7.39 -0.72 -5.07
C TYR A 46 -8.29 0.51 -5.05
N GLU A 47 -7.95 1.48 -4.21
CA GLU A 47 -8.72 2.70 -4.09
C GLU A 47 -7.81 3.94 -4.12
N THR A 48 -7.95 4.74 -5.16
CA THR A 48 -7.13 5.94 -5.32
C THR A 48 -7.90 7.18 -4.85
N VAL A 49 -7.33 7.90 -3.89
CA VAL A 49 -7.96 9.11 -3.37
C VAL A 49 -7.14 10.35 -3.72
N GLN A 50 -7.76 11.51 -3.59
CA GLN A 50 -7.10 12.78 -3.89
C GLN A 50 -7.15 13.71 -2.69
N ARG A 51 -5.98 14.09 -2.18
CA ARG A 51 -5.89 14.99 -1.04
C ARG A 51 -6.19 16.43 -1.44
N THR A 52 -6.18 17.33 -0.47
CA THR A 52 -6.45 18.74 -0.73
C THR A 52 -5.21 19.59 -0.49
N ILE A 53 -4.25 19.04 0.25
CA ILE A 53 -3.02 19.75 0.54
C ILE A 53 -2.08 19.75 -0.65
N ASP A 54 -1.83 18.57 -1.20
CA ASP A 54 -0.95 18.44 -2.37
C ASP A 54 -1.71 17.89 -3.57
N ARG A 55 -3.03 17.84 -3.45
CA ARG A 55 -3.88 17.33 -4.53
C ARG A 55 -3.22 16.13 -5.21
N MET A 56 -2.45 15.37 -4.44
CA MET A 56 -1.77 14.20 -4.98
C MET A 56 -2.69 12.98 -4.97
N PHE A 57 -2.18 11.85 -5.44
CA PHE A 57 -2.96 10.61 -5.49
C PHE A 57 -2.35 9.54 -4.58
N CYS A 58 -3.21 8.77 -3.93
CA CYS A 58 -2.76 7.72 -3.04
C CYS A 58 -3.62 6.47 -3.20
N SER A 59 -2.97 5.32 -3.37
CA SER A 59 -3.67 4.06 -3.54
C SER A 59 -3.65 3.25 -2.24
N VAL A 60 -4.74 2.54 -1.99
CA VAL A 60 -4.86 1.72 -0.78
C VAL A 60 -5.46 0.36 -1.10
N VAL A 61 -4.65 -0.69 -1.00
CA VAL A 61 -5.12 -2.04 -1.27
C VAL A 61 -5.65 -2.71 0.00
N THR A 62 -6.52 -3.70 -0.18
CA THR A 62 -7.11 -4.41 0.94
C THR A 62 -7.08 -5.92 0.71
N VAL A 63 -6.33 -6.63 1.54
CA VAL A 63 -6.21 -8.08 1.43
C VAL A 63 -6.26 -8.74 2.80
N ALA A 64 -7.02 -9.83 2.90
CA ALA A 64 -7.14 -10.55 4.15
C ALA A 64 -7.56 -9.63 5.30
N GLU A 65 -8.66 -8.90 5.09
CA GLU A 65 -9.15 -7.98 6.10
C GLU A 65 -8.03 -7.07 6.60
N GLN A 66 -7.10 -6.74 5.71
CA GLN A 66 -5.98 -5.88 6.07
C GLN A 66 -5.76 -4.80 5.00
N LYS A 67 -5.73 -3.55 5.44
CA LYS A 67 -5.52 -2.42 4.53
C LYS A 67 -4.06 -1.97 4.54
N TYR A 68 -3.57 -1.56 3.38
CA TYR A 68 -2.20 -1.10 3.25
C TYR A 68 -2.13 0.23 2.52
N GLN A 69 -1.26 1.13 2.99
CA GLN A 69 -1.11 2.44 2.38
C GLN A 69 0.31 2.97 2.59
N SER A 70 0.94 3.39 1.49
CA SER A 70 2.30 3.91 1.55
C SER A 70 2.31 5.38 1.95
N THR A 71 3.28 5.77 2.76
CA THR A 71 3.39 7.15 3.22
C THR A 71 3.88 8.06 2.10
N LEU A 72 4.25 7.47 0.98
CA LEU A 72 4.74 8.22 -0.17
C LEU A 72 3.71 8.24 -1.29
N TRP A 73 3.15 9.41 -1.56
CA TRP A 73 2.15 9.55 -2.61
C TRP A 73 2.77 9.34 -3.99
N ASP A 74 1.98 9.54 -5.03
CA ASP A 74 2.45 9.37 -6.39
C ASP A 74 2.04 10.55 -7.26
N LYS A 75 2.83 10.83 -8.30
CA LYS A 75 2.54 11.93 -9.20
C LYS A 75 1.31 11.65 -10.05
N SER A 76 1.11 10.38 -10.38
CA SER A 76 -0.04 9.97 -11.18
C SER A 76 -0.83 8.87 -10.49
N LYS A 77 -2.11 8.76 -10.83
CA LYS A 77 -2.97 7.74 -10.23
C LYS A 77 -2.47 6.34 -10.57
N LYS A 78 -2.32 6.07 -11.87
CA LYS A 78 -1.85 4.76 -12.32
C LYS A 78 -0.69 4.28 -11.46
N LEU A 79 0.29 5.15 -11.25
CA LEU A 79 1.46 4.81 -10.44
C LEU A 79 1.05 4.39 -9.03
N ALA A 80 0.40 5.31 -8.33
CA ALA A 80 -0.06 5.03 -6.97
C ALA A 80 -0.47 3.58 -6.81
N GLU A 81 -1.46 3.16 -7.59
CA GLU A 81 -1.95 1.78 -7.54
C GLU A 81 -0.79 0.80 -7.39
N GLN A 82 0.16 0.88 -8.31
CA GLN A 82 1.33 -0.01 -8.28
C GLN A 82 1.91 -0.09 -6.87
N THR A 83 2.23 1.06 -6.30
CA THR A 83 2.81 1.12 -4.96
C THR A 83 2.04 0.21 -4.01
N ALA A 84 0.74 0.42 -3.91
CA ALA A 84 -0.11 -0.37 -3.04
C ALA A 84 0.39 -1.81 -2.94
N ALA A 85 0.20 -2.57 -4.04
CA ALA A 85 0.63 -3.96 -4.08
C ALA A 85 1.93 -4.16 -3.31
N ILE A 86 2.99 -3.49 -3.76
CA ILE A 86 4.29 -3.59 -3.12
C ILE A 86 4.15 -3.59 -1.59
N VAL A 87 3.48 -2.56 -1.07
CA VAL A 87 3.28 -2.44 0.37
C VAL A 87 2.68 -3.72 0.95
N CYS A 88 1.62 -4.21 0.32
CA CYS A 88 0.96 -5.43 0.77
C CYS A 88 1.93 -6.61 0.75
N LEU A 89 2.44 -6.93 -0.42
CA LEU A 89 3.36 -8.04 -0.57
C LEU A 89 4.43 -8.02 0.51
N ARG A 90 4.98 -6.84 0.77
CA ARG A 90 6.01 -6.67 1.79
C ARG A 90 5.45 -6.99 3.18
N SER A 91 4.26 -6.46 3.46
CA SER A 91 3.62 -6.68 4.75
C SER A 91 3.51 -8.17 5.06
N GLN A 92 3.30 -8.97 4.02
CA GLN A 92 3.18 -10.41 4.18
C GLN A 92 4.54 -11.05 4.42
N GLY A 93 5.58 -10.44 3.85
CA GLY A 93 6.93 -10.97 4.01
C GLY A 93 7.42 -11.72 2.79
N LEU A 94 6.85 -11.38 1.63
CA LEU A 94 7.23 -12.02 0.38
C LEU A 94 8.49 -11.39 -0.20
N PRO A 95 9.26 -12.18 -0.97
CA PRO A 95 10.49 -11.72 -1.60
C PRO A 95 10.22 -10.73 -2.73
N GLU A 96 8.95 -10.39 -2.93
CA GLU A 96 8.57 -9.46 -3.97
C GLU A 96 8.82 -8.02 -3.54
N GLY A 97 10.00 -7.78 -2.95
CA GLY A 97 10.34 -6.45 -2.50
C GLY A 97 11.85 -6.24 -2.41
N ARG A 98 12.57 -7.30 -2.06
CA ARG A 98 14.01 -7.22 -1.94
C ARG A 98 14.61 -6.35 -3.03
N LEU A 99 13.99 -6.36 -4.20
CA LEU A 99 14.46 -5.57 -5.33
C LEU A 99 15.02 -4.23 -4.86
N GLY A 100 14.12 -3.32 -4.49
CA GLY A 100 14.54 -2.01 -4.02
C GLY A 100 14.19 -1.78 -2.57
N GLU A 101 14.18 -2.85 -1.78
CA GLU A 101 13.85 -2.74 -0.36
C GLU A 101 14.36 -1.42 0.21
N GLU A 102 15.59 -1.07 -0.13
CA GLU A 102 16.20 0.15 0.37
C GLU A 102 15.16 1.27 0.47
N SER A 103 15.35 2.16 1.44
CA SER A 103 14.41 3.26 1.65
C SER A 103 15.07 4.37 2.48
N PRO A 104 14.78 5.63 2.14
CA PRO A 104 15.32 6.79 2.85
C PRO A 104 14.74 6.94 4.25
N SER A 105 15.62 7.01 5.24
CA SER A 105 15.21 7.15 6.63
C SER A 105 14.36 8.41 6.82
N LEU A 106 13.06 8.26 6.70
CA LEU A 106 12.14 9.39 6.85
C LEU A 106 10.96 9.01 7.74
N ASN A 107 10.50 9.97 8.55
CA ASN A 107 9.37 9.73 9.44
C ASN A 107 8.11 10.44 8.93
N LYS A 108 7.01 9.70 8.88
CA LYS A 108 5.75 10.26 8.41
C LYS A 108 5.20 11.29 9.40
N ARG A 109 4.28 12.13 8.94
CA ARG A 109 3.68 13.15 9.79
C ARG A 109 2.20 13.31 9.47
N LYS A 110 1.37 13.15 10.49
CA LYS A 110 -0.07 13.29 10.33
C LYS A 110 -0.58 14.59 10.92
N ARG A 111 -1.52 15.23 10.24
CA ARG A 111 -2.08 16.49 10.69
C ARG A 111 -3.59 16.40 10.86
N GLU A 112 -4.26 15.90 9.83
CA GLU A 112 -5.71 15.75 9.86
C GLU A 112 -6.13 14.33 9.46
N ALA A 113 -7.04 13.75 10.24
CA ALA A 113 -7.51 12.41 9.96
C ALA A 113 -9.04 12.38 9.83
N PRO A 114 -9.53 12.65 8.61
CA PRO A 114 -10.97 12.67 8.33
C PRO A 114 -11.59 11.28 8.37
N ASP A 115 -12.87 11.20 8.74
CA ASP A 115 -13.56 9.93 8.81
C ASP A 115 -14.49 9.74 7.62
N GLN A 116 -14.46 8.55 7.03
CA GLN A 116 -15.30 8.25 5.87
C GLN A 116 -16.52 7.42 6.28
N ASP A 117 -17.54 8.09 6.80
CA ASP A 117 -18.76 7.42 7.23
C ASP A 117 -19.50 6.82 6.04
N PRO A 118 -20.19 5.70 6.27
CA PRO A 118 -20.95 5.00 5.23
C PRO A 118 -22.19 5.78 4.80
N GLY A 119 -22.74 5.41 3.65
CA GLY A 119 -23.92 6.08 3.14
C GLY A 119 -24.96 5.11 2.60
N GLY A 120 -25.90 4.71 3.45
CA GLY A 120 -26.94 3.79 3.04
C GLY A 120 -27.88 4.39 2.02
N PRO A 121 -28.18 3.63 0.96
CA PRO A 121 -29.08 4.08 -0.11
C PRO A 121 -30.53 4.18 0.36
N ARG A 122 -31.40 4.62 -0.55
CA ARG A 122 -32.82 4.76 -0.22
C ARG A 122 -33.67 4.70 -1.49
N SER A 123 -34.98 4.54 -1.31
CA SER A 123 -35.90 4.46 -2.44
C SER A 123 -35.90 5.76 -3.23
N GLY A 124 -35.64 5.66 -4.53
CA GLY A 124 -35.61 6.83 -5.39
C GLY A 124 -35.35 6.49 -6.84
N PRO A 125 -35.18 7.52 -7.67
CA PRO A 125 -34.93 7.36 -9.11
C PRO A 125 -33.55 6.78 -9.38
N SER A 126 -33.20 6.68 -10.67
CA SER A 126 -31.91 6.15 -11.06
C SER A 126 -31.62 6.45 -12.53
N SER A 127 -30.34 6.71 -12.84
CA SER A 127 -29.93 7.02 -14.20
C SER A 127 -29.35 5.80 -14.89
N GLY A 128 -29.60 5.68 -16.19
CA GLY A 128 -29.08 4.55 -16.94
C GLY A 128 -30.06 3.39 -17.01
N GLY A 1 10.24 -5.18 26.53
CA GLY A 1 9.22 -6.20 26.55
C GLY A 1 8.61 -6.43 25.18
N SER A 2 7.35 -6.05 25.02
CA SER A 2 6.65 -6.22 23.74
C SER A 2 6.84 -4.99 22.86
N SER A 3 7.40 -5.21 21.66
CA SER A 3 7.63 -4.13 20.72
C SER A 3 6.42 -3.21 20.63
N GLY A 4 5.24 -3.80 20.50
CA GLY A 4 4.02 -3.02 20.40
C GLY A 4 3.89 -2.31 19.07
N SER A 5 2.77 -1.62 18.88
CA SER A 5 2.52 -0.89 17.64
C SER A 5 1.54 0.24 17.86
N SER A 6 1.69 1.31 17.08
CA SER A 6 0.82 2.48 17.19
C SER A 6 -0.30 2.42 16.16
N GLY A 7 -1.51 2.13 16.63
CA GLY A 7 -2.65 2.04 15.72
C GLY A 7 -2.88 0.64 15.20
N SER A 8 -3.99 0.02 15.59
CA SER A 8 -4.32 -1.32 15.16
C SER A 8 -5.44 -1.30 14.12
N GLY A 9 -5.06 -1.16 12.86
CA GLY A 9 -6.04 -1.13 11.79
C GLY A 9 -5.41 -1.12 10.41
N ILE A 10 -4.82 0.02 10.05
CA ILE A 10 -4.18 0.16 8.75
C ILE A 10 -2.66 0.21 8.89
N ILE A 11 -1.97 -0.67 8.17
CA ILE A 11 -0.51 -0.71 8.21
C ILE A 11 0.10 0.26 7.21
N LYS A 12 0.72 1.32 7.73
CA LYS A 12 1.35 2.33 6.89
C LYS A 12 2.85 2.07 6.76
N MET A 13 3.39 2.30 5.56
CA MET A 13 4.80 2.10 5.32
C MET A 13 5.29 3.00 4.18
N ALA A 14 6.53 3.47 4.30
CA ALA A 14 7.11 4.34 3.29
C ALA A 14 7.64 3.53 2.11
N ILE A 15 6.93 3.61 0.99
CA ILE A 15 7.33 2.88 -0.22
C ILE A 15 6.92 3.64 -1.47
N ARG A 16 7.72 3.50 -2.52
CA ARG A 16 7.45 4.17 -3.80
C ARG A 16 7.58 3.20 -4.97
N PHE A 17 6.46 2.87 -5.59
CA PHE A 17 6.46 1.95 -6.72
C PHE A 17 7.68 2.17 -7.60
N ASP A 18 8.34 1.07 -7.97
CA ASP A 18 9.53 1.13 -8.81
C ASP A 18 9.37 0.27 -10.06
N ARG A 19 9.58 0.88 -11.22
CA ARG A 19 9.45 0.15 -12.49
C ARG A 19 10.72 -0.64 -12.79
N ARG A 20 11.85 0.06 -12.81
CA ARG A 20 13.14 -0.58 -13.08
C ARG A 20 13.31 -1.85 -12.25
N ALA A 21 12.70 -1.85 -11.06
CA ALA A 21 12.78 -3.00 -10.17
C ALA A 21 12.16 -4.24 -10.80
N TYR A 22 11.11 -4.03 -11.57
CA TYR A 22 10.41 -5.13 -12.24
C TYR A 22 10.45 -4.97 -13.76
N PRO A 23 10.53 -6.11 -14.46
CA PRO A 23 10.59 -6.12 -15.93
C PRO A 23 9.26 -5.70 -16.56
N PRO A 24 9.30 -5.40 -17.86
CA PRO A 24 8.10 -4.98 -18.61
C PRO A 24 7.11 -6.12 -18.81
N GLN A 25 7.45 -7.29 -18.28
CA GLN A 25 6.60 -8.47 -18.39
C GLN A 25 6.00 -8.84 -17.04
N ILE A 26 6.48 -8.19 -15.99
CA ILE A 26 5.99 -8.45 -14.63
C ILE A 26 5.58 -7.17 -13.94
N THR A 27 4.49 -7.24 -13.18
CA THR A 27 3.98 -6.08 -12.46
C THR A 27 3.76 -6.40 -10.98
N PRO A 28 3.87 -5.38 -10.12
CA PRO A 28 3.68 -5.53 -8.68
C PRO A 28 2.23 -5.80 -8.32
N LYS A 29 1.32 -5.39 -9.19
CA LYS A 29 -0.11 -5.59 -8.96
C LYS A 29 -0.52 -7.03 -9.27
N MET A 30 0.23 -7.67 -10.16
CA MET A 30 -0.05 -9.04 -10.55
C MET A 30 0.42 -10.02 -9.47
N CYS A 31 1.65 -9.85 -9.02
CA CYS A 31 2.22 -10.71 -7.99
C CYS A 31 1.24 -10.92 -6.84
N LEU A 32 0.60 -9.83 -6.42
CA LEU A 32 -0.38 -9.88 -5.34
C LEU A 32 -1.49 -10.88 -5.65
N LEU A 33 -2.19 -10.65 -6.76
CA LEU A 33 -3.28 -11.52 -7.18
C LEU A 33 -2.80 -12.96 -7.33
N GLU A 34 -1.76 -13.15 -8.13
CA GLU A 34 -1.20 -14.48 -8.36
C GLU A 34 -0.90 -15.17 -7.03
N TRP A 35 -0.76 -14.38 -5.98
CA TRP A 35 -0.46 -14.91 -4.65
C TRP A 35 -1.74 -15.16 -3.86
N CYS A 36 -2.79 -14.39 -4.17
CA CYS A 36 -4.07 -14.55 -3.50
C CYS A 36 -4.77 -15.83 -3.92
N ARG A 37 -4.65 -16.16 -5.21
CA ARG A 37 -5.28 -17.37 -5.75
C ARG A 37 -4.80 -18.60 -5.00
N ARG A 38 -3.49 -18.68 -4.77
CA ARG A 38 -2.90 -19.82 -4.06
C ARG A 38 -3.31 -19.81 -2.59
N GLU A 39 -3.48 -18.61 -2.04
CA GLU A 39 -3.87 -18.47 -0.64
C GLU A 39 -5.39 -18.49 -0.49
N LYS A 40 -6.08 -18.89 -1.54
CA LYS A 40 -7.53 -18.96 -1.54
C LYS A 40 -8.13 -17.67 -0.95
N LEU A 41 -7.38 -16.59 -1.03
CA LEU A 41 -7.83 -15.30 -0.52
C LEU A 41 -8.66 -14.56 -1.56
N PRO A 42 -9.63 -13.76 -1.08
CA PRO A 42 -10.50 -12.98 -1.96
C PRO A 42 -9.76 -11.82 -2.63
N GLN A 43 -10.03 -11.62 -3.91
CA GLN A 43 -9.39 -10.56 -4.66
C GLN A 43 -9.28 -9.28 -3.83
N PRO A 44 -8.14 -8.59 -3.95
CA PRO A 44 -7.88 -7.35 -3.21
C PRO A 44 -8.75 -6.20 -3.70
N VAL A 45 -8.59 -5.03 -3.08
CA VAL A 45 -9.35 -3.85 -3.45
C VAL A 45 -8.48 -2.61 -3.47
N TYR A 46 -8.24 -2.07 -4.66
CA TYR A 46 -7.41 -0.88 -4.81
C TYR A 46 -8.26 0.39 -4.70
N GLU A 47 -7.81 1.34 -3.89
CA GLU A 47 -8.52 2.59 -3.72
C GLU A 47 -7.56 3.79 -3.80
N THR A 48 -7.75 4.62 -4.83
CA THR A 48 -6.91 5.78 -5.03
C THR A 48 -7.65 7.07 -4.66
N VAL A 49 -7.16 7.74 -3.62
CA VAL A 49 -7.77 8.98 -3.16
C VAL A 49 -7.00 10.20 -3.67
N GLN A 50 -7.61 11.37 -3.55
CA GLN A 50 -6.97 12.60 -4.00
C GLN A 50 -7.05 13.68 -2.91
N ARG A 51 -5.88 14.09 -2.41
CA ARG A 51 -5.81 15.11 -1.37
C ARG A 51 -6.08 16.50 -1.94
N THR A 52 -6.07 17.50 -1.07
CA THR A 52 -6.32 18.87 -1.49
C THR A 52 -5.12 19.77 -1.19
N ILE A 53 -4.27 19.30 -0.28
CA ILE A 53 -3.08 20.05 0.11
C ILE A 53 -2.08 20.13 -1.04
N ASP A 54 -1.86 19.00 -1.70
CA ASP A 54 -0.93 18.94 -2.82
C ASP A 54 -1.62 18.42 -4.07
N ARG A 55 -2.88 18.00 -3.92
CA ARG A 55 -3.65 17.48 -5.04
C ARG A 55 -3.01 16.22 -5.60
N MET A 56 -2.33 15.47 -4.73
CA MET A 56 -1.67 14.24 -5.15
C MET A 56 -2.63 13.05 -5.05
N PHE A 57 -2.14 11.87 -5.44
CA PHE A 57 -2.95 10.66 -5.40
C PHE A 57 -2.30 9.60 -4.51
N CYS A 58 -3.14 8.79 -3.86
CA CYS A 58 -2.64 7.74 -2.98
C CYS A 58 -3.53 6.50 -3.07
N SER A 59 -2.91 5.37 -3.42
CA SER A 59 -3.63 4.11 -3.55
C SER A 59 -3.58 3.32 -2.25
N VAL A 60 -4.57 2.45 -2.05
CA VAL A 60 -4.64 1.63 -0.85
C VAL A 60 -5.28 0.28 -1.15
N VAL A 61 -4.46 -0.78 -1.09
CA VAL A 61 -4.95 -2.13 -1.36
C VAL A 61 -5.40 -2.81 -0.07
N THR A 62 -6.27 -3.80 -0.20
CA THR A 62 -6.78 -4.53 0.95
C THR A 62 -6.79 -6.03 0.69
N VAL A 63 -6.03 -6.77 1.50
CA VAL A 63 -5.95 -8.23 1.35
C VAL A 63 -6.02 -8.91 2.71
N ALA A 64 -6.77 -10.01 2.77
CA ALA A 64 -6.92 -10.76 4.01
C ALA A 64 -7.50 -9.89 5.13
N GLU A 65 -8.55 -9.15 4.80
CA GLU A 65 -9.20 -8.28 5.78
C GLU A 65 -8.18 -7.31 6.39
N GLN A 66 -7.23 -6.87 5.58
CA GLN A 66 -6.21 -5.94 6.04
C GLN A 66 -5.91 -4.88 4.98
N LYS A 67 -5.87 -3.62 5.41
CA LYS A 67 -5.60 -2.52 4.51
C LYS A 67 -4.12 -2.14 4.53
N TYR A 68 -3.61 -1.70 3.39
CA TYR A 68 -2.21 -1.30 3.28
C TYR A 68 -2.07 0.02 2.53
N GLN A 69 -1.56 1.03 3.22
CA GLN A 69 -1.37 2.34 2.61
C GLN A 69 0.09 2.79 2.72
N SER A 70 0.59 3.42 1.66
CA SER A 70 1.96 3.90 1.64
C SER A 70 2.04 5.35 2.09
N THR A 71 3.01 5.63 2.97
CA THR A 71 3.19 6.98 3.49
C THR A 71 3.77 7.91 2.44
N LEU A 72 3.98 7.37 1.24
CA LEU A 72 4.53 8.15 0.13
C LEU A 72 3.54 8.22 -1.03
N TRP A 73 3.11 9.43 -1.36
CA TRP A 73 2.17 9.63 -2.46
C TRP A 73 2.83 9.37 -3.80
N ASP A 74 2.10 9.62 -4.88
CA ASP A 74 2.62 9.42 -6.22
C ASP A 74 2.22 10.57 -7.14
N LYS A 75 3.09 10.88 -8.10
CA LYS A 75 2.83 11.96 -9.04
C LYS A 75 1.51 11.74 -9.79
N SER A 76 1.33 10.51 -10.29
CA SER A 76 0.11 10.17 -11.01
C SER A 76 -0.67 9.08 -10.28
N LYS A 77 -1.95 8.95 -10.62
CA LYS A 77 -2.80 7.96 -10.00
C LYS A 77 -2.36 6.54 -10.36
N LYS A 78 -2.28 6.27 -11.66
CA LYS A 78 -1.85 4.96 -12.14
C LYS A 78 -0.67 4.44 -11.33
N LEU A 79 0.34 5.28 -11.16
CA LEU A 79 1.53 4.90 -10.40
C LEU A 79 1.16 4.44 -9.00
N ALA A 80 0.52 5.33 -8.24
CA ALA A 80 0.10 5.01 -6.88
C ALA A 80 -0.35 3.56 -6.76
N GLU A 81 -1.40 3.21 -7.51
CA GLU A 81 -1.92 1.86 -7.49
C GLU A 81 -0.80 0.83 -7.39
N GLN A 82 0.23 0.99 -8.22
CA GLN A 82 1.36 0.08 -8.20
C GLN A 82 1.97 -0.02 -6.81
N THR A 83 2.21 1.12 -6.18
CA THR A 83 2.78 1.15 -4.84
C THR A 83 2.00 0.26 -3.88
N ALA A 84 0.67 0.41 -3.89
CA ALA A 84 -0.20 -0.38 -3.03
C ALA A 84 0.25 -1.84 -2.99
N ALA A 85 0.13 -2.52 -4.12
CA ALA A 85 0.51 -3.92 -4.22
C ALA A 85 1.83 -4.17 -3.48
N ILE A 86 2.89 -3.50 -3.93
CA ILE A 86 4.20 -3.66 -3.31
C ILE A 86 4.11 -3.57 -1.79
N VAL A 87 3.51 -2.49 -1.30
CA VAL A 87 3.36 -2.28 0.13
C VAL A 87 2.73 -3.50 0.80
N CYS A 88 1.82 -4.15 0.09
CA CYS A 88 1.14 -5.32 0.61
C CYS A 88 2.08 -6.52 0.64
N LEU A 89 2.58 -6.90 -0.53
CA LEU A 89 3.49 -8.03 -0.65
C LEU A 89 4.54 -8.01 0.47
N ARG A 90 5.13 -6.85 0.69
CA ARG A 90 6.14 -6.70 1.73
C ARG A 90 5.57 -7.06 3.11
N SER A 91 4.46 -6.42 3.46
CA SER A 91 3.82 -6.66 4.74
C SER A 91 3.58 -8.16 4.95
N GLN A 92 3.24 -8.85 3.88
CA GLN A 92 2.98 -10.29 3.94
C GLN A 92 4.29 -11.06 4.07
N GLY A 93 5.39 -10.42 3.72
CA GLY A 93 6.69 -11.07 3.81
C GLY A 93 6.99 -11.94 2.62
N LEU A 94 6.69 -11.44 1.42
CA LEU A 94 6.92 -12.18 0.19
C LEU A 94 8.23 -11.77 -0.46
N PRO A 95 8.85 -12.70 -1.21
CA PRO A 95 10.12 -12.45 -1.89
C PRO A 95 9.96 -11.47 -3.05
N GLU A 96 8.75 -10.95 -3.23
CA GLU A 96 8.47 -10.00 -4.30
C GLU A 96 8.99 -8.61 -3.94
N GLY A 97 10.22 -8.55 -3.44
CA GLY A 97 10.81 -7.28 -3.07
C GLY A 97 12.32 -7.33 -3.02
N ARG A 98 12.86 -8.48 -2.64
CA ARG A 98 14.31 -8.65 -2.55
C ARG A 98 15.00 -7.96 -3.71
N LEU A 99 14.30 -7.82 -4.83
CA LEU A 99 14.86 -7.18 -6.02
C LEU A 99 15.60 -5.90 -5.65
N GLY A 100 14.88 -4.95 -5.06
CA GLY A 100 15.48 -3.70 -4.66
C GLY A 100 15.25 -3.37 -3.20
N GLU A 101 15.34 -4.39 -2.35
CA GLU A 101 15.14 -4.20 -0.92
C GLU A 101 16.14 -3.21 -0.35
N GLU A 102 17.40 -3.36 -0.74
CA GLU A 102 18.45 -2.47 -0.27
C GLU A 102 17.95 -1.04 -0.11
N SER A 103 18.50 -0.32 0.86
CA SER A 103 18.09 1.05 1.12
C SER A 103 18.70 2.00 0.09
N PRO A 104 18.10 3.19 -0.04
CA PRO A 104 18.58 4.21 -0.99
C PRO A 104 19.92 4.82 -0.57
N SER A 105 20.56 5.52 -1.50
CA SER A 105 21.85 6.14 -1.23
C SER A 105 21.80 7.65 -1.51
N LEU A 106 22.52 8.41 -0.70
CA LEU A 106 22.56 9.86 -0.86
C LEU A 106 21.22 10.39 -1.35
N ASN A 107 20.14 9.92 -0.74
CA ASN A 107 18.80 10.35 -1.11
C ASN A 107 18.14 11.15 0.01
N LYS A 108 17.61 12.31 -0.34
CA LYS A 108 16.95 13.17 0.65
C LYS A 108 15.61 12.58 1.07
N ARG A 109 15.05 13.10 2.16
CA ARG A 109 13.77 12.63 2.65
C ARG A 109 12.98 13.77 3.29
N LYS A 110 11.91 14.18 2.62
CA LYS A 110 11.07 15.26 3.13
C LYS A 110 10.42 14.88 4.45
N ARG A 111 11.04 15.29 5.55
CA ARG A 111 10.53 14.99 6.88
C ARG A 111 9.48 16.02 7.30
N GLU A 112 8.64 16.42 6.35
CA GLU A 112 7.60 17.40 6.62
C GLU A 112 6.31 16.71 7.06
N ALA A 113 5.50 17.42 7.84
CA ALA A 113 4.24 16.88 8.33
C ALA A 113 3.05 17.65 7.75
N PRO A 114 1.97 16.91 7.44
CA PRO A 114 0.75 17.50 6.88
C PRO A 114 0.01 18.37 7.89
N ASP A 115 -1.13 18.91 7.47
CA ASP A 115 -1.94 19.76 8.34
C ASP A 115 -3.25 19.07 8.70
N GLN A 116 -4.10 19.78 9.44
CA GLN A 116 -5.39 19.24 9.86
C GLN A 116 -6.48 20.29 9.79
N ASP A 117 -7.62 19.94 9.21
CA ASP A 117 -8.73 20.86 9.09
C ASP A 117 -10.00 20.28 9.71
N PRO A 118 -10.11 20.40 11.04
CA PRO A 118 -11.27 19.89 11.78
C PRO A 118 -12.54 20.68 11.49
N GLY A 119 -13.66 19.96 11.37
CA GLY A 119 -14.93 20.62 11.10
C GLY A 119 -15.52 20.20 9.77
N GLY A 120 -15.76 18.90 9.62
CA GLY A 120 -16.32 18.40 8.37
C GLY A 120 -17.68 17.76 8.58
N PRO A 121 -18.40 17.52 7.46
CA PRO A 121 -19.73 16.91 7.50
C PRO A 121 -19.68 15.44 7.91
N ARG A 122 -20.84 14.79 7.88
CA ARG A 122 -20.93 13.38 8.26
C ARG A 122 -21.22 12.52 7.03
N SER A 123 -20.20 11.79 6.57
CA SER A 123 -20.34 10.93 5.40
C SER A 123 -21.28 9.76 5.71
N GLY A 124 -22.58 10.00 5.55
CA GLY A 124 -23.55 8.95 5.81
C GLY A 124 -24.90 9.26 5.18
N PRO A 125 -25.04 8.92 3.89
CA PRO A 125 -26.29 9.16 3.14
C PRO A 125 -27.42 8.25 3.60
N SER A 126 -28.17 8.70 4.60
CA SER A 126 -29.28 7.92 5.13
C SER A 126 -30.56 8.18 4.34
N SER A 127 -31.01 7.16 3.61
CA SER A 127 -32.22 7.28 2.79
C SER A 127 -33.47 7.23 3.68
N GLY A 128 -34.22 8.33 3.69
CA GLY A 128 -35.42 8.39 4.48
C GLY A 128 -35.45 9.60 5.40
N GLY A 1 -18.19 -22.68 18.03
CA GLY A 1 -17.83 -21.31 17.70
C GLY A 1 -16.60 -20.85 18.46
N SER A 2 -15.90 -19.87 17.89
CA SER A 2 -14.70 -19.33 18.52
C SER A 2 -14.63 -17.82 18.33
N SER A 3 -14.15 -17.13 19.36
CA SER A 3 -14.03 -15.67 19.32
C SER A 3 -13.31 -15.22 18.06
N GLY A 4 -14.07 -14.72 17.09
CA GLY A 4 -13.49 -14.26 15.84
C GLY A 4 -12.41 -13.22 16.05
N SER A 5 -12.05 -12.51 14.98
CA SER A 5 -11.03 -11.49 15.05
C SER A 5 -11.61 -10.10 14.79
N SER A 6 -12.02 -9.43 15.86
CA SER A 6 -12.61 -8.10 15.74
C SER A 6 -11.59 -7.02 16.10
N GLY A 7 -11.34 -6.11 15.16
CA GLY A 7 -10.40 -5.04 15.38
C GLY A 7 -9.92 -4.39 14.10
N SER A 8 -9.53 -3.13 14.17
CA SER A 8 -9.06 -2.40 13.00
C SER A 8 -7.59 -2.00 13.17
N GLY A 9 -6.95 -1.66 12.05
CA GLY A 9 -5.56 -1.26 12.10
C GLY A 9 -4.93 -1.20 10.72
N ILE A 10 -4.69 0.02 10.24
CA ILE A 10 -4.09 0.21 8.92
C ILE A 10 -2.56 0.27 9.01
N ILE A 11 -1.90 -0.67 8.34
CA ILE A 11 -0.45 -0.72 8.35
C ILE A 11 0.14 0.28 7.36
N LYS A 12 0.84 1.29 7.88
CA LYS A 12 1.46 2.32 7.06
C LYS A 12 2.95 2.05 6.88
N MET A 13 3.42 2.15 5.64
CA MET A 13 4.84 1.93 5.35
C MET A 13 5.31 2.85 4.22
N ALA A 14 6.54 3.33 4.33
CA ALA A 14 7.11 4.22 3.32
C ALA A 14 7.73 3.41 2.18
N ILE A 15 7.05 3.39 1.04
CA ILE A 15 7.53 2.67 -0.13
C ILE A 15 7.14 3.39 -1.41
N ARG A 16 8.05 3.36 -2.39
CA ARG A 16 7.80 4.01 -3.67
C ARG A 16 7.88 3.00 -4.81
N PHE A 17 6.82 2.96 -5.61
CA PHE A 17 6.76 2.03 -6.74
C PHE A 17 7.97 2.19 -7.66
N ASP A 18 8.68 1.10 -7.90
CA ASP A 18 9.86 1.12 -8.74
C ASP A 18 9.68 0.23 -9.96
N ARG A 19 9.87 0.79 -11.15
CA ARG A 19 9.72 0.04 -12.38
C ARG A 19 10.92 -0.87 -12.61
N ARG A 20 12.10 -0.27 -12.68
CA ARG A 20 13.34 -1.03 -12.90
C ARG A 20 13.32 -2.33 -12.09
N ALA A 21 12.97 -2.23 -10.81
CA ALA A 21 12.92 -3.39 -9.94
C ALA A 21 12.32 -4.59 -10.66
N TYR A 22 11.28 -4.34 -11.45
CA TYR A 22 10.62 -5.41 -12.20
C TYR A 22 10.70 -5.15 -13.70
N PRO A 23 10.70 -6.24 -14.48
CA PRO A 23 10.77 -6.17 -15.95
C PRO A 23 9.51 -5.59 -16.56
N PRO A 24 9.60 -5.18 -17.84
CA PRO A 24 8.46 -4.60 -18.57
C PRO A 24 7.39 -5.64 -18.88
N GLN A 25 7.61 -6.87 -18.42
CA GLN A 25 6.66 -7.95 -18.66
C GLN A 25 6.00 -8.40 -17.35
N ILE A 26 6.48 -7.83 -16.24
CA ILE A 26 5.93 -8.17 -14.93
C ILE A 26 5.64 -6.92 -14.11
N THR A 27 4.53 -6.93 -13.38
CA THR A 27 4.14 -5.80 -12.56
C THR A 27 3.83 -6.24 -11.13
N PRO A 28 4.06 -5.33 -10.17
CA PRO A 28 3.81 -5.60 -8.76
C PRO A 28 2.33 -5.70 -8.44
N LYS A 29 1.49 -5.18 -9.33
CA LYS A 29 0.05 -5.22 -9.15
C LYS A 29 -0.49 -6.63 -9.37
N MET A 30 0.13 -7.35 -10.30
CA MET A 30 -0.29 -8.72 -10.61
C MET A 30 0.34 -9.71 -9.63
N CYS A 31 1.54 -9.40 -9.17
CA CYS A 31 2.26 -10.27 -8.24
C CYS A 31 1.39 -10.57 -7.02
N LEU A 32 0.57 -9.60 -6.61
CA LEU A 32 -0.30 -9.76 -5.46
C LEU A 32 -1.50 -10.62 -5.81
N LEU A 33 -2.30 -10.17 -6.77
CA LEU A 33 -3.48 -10.90 -7.21
C LEU A 33 -3.14 -12.35 -7.52
N GLU A 34 -2.00 -12.56 -8.17
CA GLU A 34 -1.55 -13.90 -8.52
C GLU A 34 -1.23 -14.72 -7.28
N TRP A 35 -0.85 -14.02 -6.20
CA TRP A 35 -0.52 -14.69 -4.95
C TRP A 35 -1.78 -15.02 -4.16
N CYS A 36 -2.83 -14.25 -4.38
CA CYS A 36 -4.09 -14.45 -3.68
C CYS A 36 -4.82 -15.68 -4.22
N ARG A 37 -4.70 -15.90 -5.54
CA ARG A 37 -5.35 -17.03 -6.18
C ARG A 37 -4.82 -18.34 -5.64
N ARG A 38 -3.59 -18.32 -5.11
CA ARG A 38 -2.96 -19.50 -4.55
C ARG A 38 -3.40 -19.72 -3.11
N GLU A 39 -3.34 -18.67 -2.31
CA GLU A 39 -3.72 -18.75 -0.90
C GLU A 39 -5.24 -18.79 -0.77
N LYS A 40 -5.93 -18.85 -1.89
CA LYS A 40 -7.39 -18.91 -1.90
C LYS A 40 -7.98 -17.71 -1.16
N LEU A 41 -7.33 -16.56 -1.29
CA LEU A 41 -7.79 -15.34 -0.64
C LEU A 41 -8.69 -14.53 -1.56
N PRO A 42 -9.54 -13.68 -0.98
CA PRO A 42 -10.47 -12.83 -1.74
C PRO A 42 -9.74 -11.73 -2.50
N GLN A 43 -10.20 -11.47 -3.72
CA GLN A 43 -9.60 -10.44 -4.56
C GLN A 43 -9.35 -9.17 -3.77
N PRO A 44 -8.20 -8.52 -4.02
CA PRO A 44 -7.82 -7.28 -3.34
C PRO A 44 -8.68 -6.10 -3.76
N VAL A 45 -8.86 -5.15 -2.85
CA VAL A 45 -9.66 -3.97 -3.13
C VAL A 45 -8.79 -2.71 -3.18
N TYR A 46 -8.51 -2.26 -4.40
CA TYR A 46 -7.69 -1.07 -4.60
C TYR A 46 -8.52 0.20 -4.47
N GLU A 47 -7.96 1.20 -3.82
CA GLU A 47 -8.67 2.48 -3.64
C GLU A 47 -7.70 3.65 -3.75
N THR A 48 -7.90 4.48 -4.77
CA THR A 48 -7.04 5.64 -4.99
C THR A 48 -7.76 6.93 -4.59
N VAL A 49 -7.22 7.60 -3.58
CA VAL A 49 -7.80 8.86 -3.11
C VAL A 49 -7.03 10.06 -3.64
N GLN A 50 -7.63 11.24 -3.53
CA GLN A 50 -7.01 12.46 -4.02
C GLN A 50 -7.06 13.55 -2.95
N ARG A 51 -5.90 13.97 -2.48
CA ARG A 51 -5.81 15.01 -1.45
C ARG A 51 -6.08 16.39 -2.05
N THR A 52 -6.09 17.40 -1.20
CA THR A 52 -6.33 18.77 -1.65
C THR A 52 -5.12 19.66 -1.38
N ILE A 53 -4.20 19.17 -0.55
CA ILE A 53 -3.00 19.91 -0.22
C ILE A 53 -2.03 19.94 -1.40
N ASP A 54 -1.78 18.78 -1.97
CA ASP A 54 -0.87 18.68 -3.11
C ASP A 54 -1.57 18.05 -4.31
N ARG A 55 -2.87 17.81 -4.17
CA ARG A 55 -3.65 17.21 -5.24
C ARG A 55 -3.02 15.91 -5.73
N MET A 56 -2.29 15.25 -4.84
CA MET A 56 -1.62 14.00 -5.18
C MET A 56 -2.57 12.82 -5.05
N PHE A 57 -2.20 11.69 -5.61
CA PHE A 57 -3.01 10.49 -5.56
C PHE A 57 -2.37 9.42 -4.68
N CYS A 58 -3.19 8.68 -3.94
CA CYS A 58 -2.70 7.64 -3.06
C CYS A 58 -3.58 6.39 -3.14
N SER A 59 -2.97 5.26 -3.44
CA SER A 59 -3.70 4.00 -3.54
C SER A 59 -3.55 3.16 -2.28
N VAL A 60 -4.52 2.30 -2.03
CA VAL A 60 -4.49 1.44 -0.85
C VAL A 60 -5.18 0.11 -1.13
N VAL A 61 -4.47 -0.99 -0.91
CA VAL A 61 -5.01 -2.32 -1.13
C VAL A 61 -5.51 -2.94 0.17
N THR A 62 -6.45 -3.87 0.06
CA THR A 62 -7.00 -4.54 1.24
C THR A 62 -7.08 -6.05 1.03
N VAL A 63 -6.39 -6.80 1.88
CA VAL A 63 -6.38 -8.25 1.78
C VAL A 63 -6.35 -8.89 3.16
N ALA A 64 -6.99 -10.04 3.29
CA ALA A 64 -7.03 -10.77 4.56
C ALA A 64 -7.52 -9.85 5.69
N GLU A 65 -8.47 -8.99 5.38
CA GLU A 65 -9.02 -8.06 6.36
C GLU A 65 -7.94 -7.10 6.85
N GLN A 66 -7.03 -6.73 5.97
CA GLN A 66 -5.95 -5.83 6.32
C GLN A 66 -5.76 -4.76 5.24
N LYS A 67 -5.69 -3.51 5.65
CA LYS A 67 -5.51 -2.40 4.72
C LYS A 67 -4.05 -1.95 4.69
N TYR A 68 -3.54 -1.70 3.49
CA TYR A 68 -2.15 -1.27 3.32
C TYR A 68 -2.09 0.07 2.58
N GLN A 69 -1.53 1.07 3.25
CA GLN A 69 -1.40 2.40 2.65
C GLN A 69 0.01 2.95 2.84
N SER A 70 0.56 3.49 1.77
CA SER A 70 1.91 4.05 1.80
C SER A 70 1.88 5.55 2.11
N THR A 71 2.79 6.00 2.96
CA THR A 71 2.86 7.41 3.33
C THR A 71 3.42 8.24 2.19
N LEU A 72 3.90 7.58 1.14
CA LEU A 72 4.47 8.26 -0.01
C LEU A 72 3.48 8.27 -1.17
N TRP A 73 3.01 9.46 -1.53
CA TRP A 73 2.06 9.61 -2.63
C TRP A 73 2.74 9.37 -3.98
N ASP A 74 1.99 9.53 -5.06
CA ASP A 74 2.52 9.32 -6.40
C ASP A 74 2.14 10.49 -7.31
N LYS A 75 2.98 10.75 -8.31
CA LYS A 75 2.74 11.83 -9.25
C LYS A 75 1.39 11.66 -9.95
N SER A 76 1.08 10.43 -10.33
CA SER A 76 -0.17 10.12 -11.01
C SER A 76 -0.94 9.03 -10.27
N LYS A 77 -2.19 8.81 -10.67
CA LYS A 77 -3.03 7.80 -10.05
C LYS A 77 -2.55 6.40 -10.39
N LYS A 78 -2.57 6.07 -11.68
CA LYS A 78 -2.13 4.77 -12.15
C LYS A 78 -0.95 4.26 -11.33
N LEU A 79 0.10 5.08 -11.24
CA LEU A 79 1.29 4.71 -10.49
C LEU A 79 0.94 4.41 -9.04
N ALA A 80 0.18 5.30 -8.41
CA ALA A 80 -0.23 5.13 -7.02
C ALA A 80 -0.62 3.67 -6.75
N GLU A 81 -1.34 3.07 -7.70
CA GLU A 81 -1.77 1.68 -7.55
C GLU A 81 -0.58 0.75 -7.41
N GLN A 82 0.36 0.84 -8.34
CA GLN A 82 1.56 0.00 -8.31
C GLN A 82 2.12 -0.09 -6.90
N THR A 83 2.20 1.05 -6.21
CA THR A 83 2.71 1.09 -4.86
C THR A 83 1.93 0.17 -3.94
N ALA A 84 0.61 0.32 -3.95
CA ALA A 84 -0.26 -0.50 -3.10
C ALA A 84 0.26 -1.91 -2.99
N ALA A 85 0.21 -2.65 -4.10
CA ALA A 85 0.69 -4.03 -4.13
C ALA A 85 1.97 -4.18 -3.31
N ILE A 86 3.05 -3.56 -3.78
CA ILE A 86 4.33 -3.63 -3.08
C ILE A 86 4.14 -3.62 -1.58
N VAL A 87 3.66 -2.49 -1.06
CA VAL A 87 3.42 -2.35 0.38
C VAL A 87 2.79 -3.60 0.96
N CYS A 88 1.82 -4.17 0.24
CA CYS A 88 1.13 -5.37 0.68
C CYS A 88 2.09 -6.56 0.73
N LEU A 89 2.57 -6.96 -0.43
CA LEU A 89 3.50 -8.09 -0.52
C LEU A 89 4.52 -8.06 0.61
N ARG A 90 5.21 -6.93 0.74
CA ARG A 90 6.22 -6.77 1.79
C ARG A 90 5.62 -7.04 3.16
N SER A 91 4.48 -6.40 3.45
CA SER A 91 3.80 -6.58 4.72
C SER A 91 3.55 -8.05 5.02
N GLN A 92 3.23 -8.80 3.98
CA GLN A 92 2.97 -10.23 4.12
C GLN A 92 4.27 -11.01 4.30
N GLY A 93 5.38 -10.40 3.88
CA GLY A 93 6.66 -11.06 4.02
C GLY A 93 6.97 -11.98 2.85
N LEU A 94 6.59 -11.56 1.64
CA LEU A 94 6.82 -12.36 0.44
C LEU A 94 8.13 -11.96 -0.23
N PRO A 95 8.74 -12.91 -0.94
CA PRO A 95 10.01 -12.68 -1.65
C PRO A 95 9.84 -11.76 -2.85
N GLU A 96 8.62 -11.26 -3.04
CA GLU A 96 8.33 -10.37 -4.16
C GLU A 96 8.77 -8.94 -3.84
N GLY A 97 9.96 -8.81 -3.26
CA GLY A 97 10.49 -7.50 -2.92
C GLY A 97 12.00 -7.47 -2.90
N ARG A 98 12.61 -8.58 -2.50
CA ARG A 98 14.06 -8.67 -2.44
C ARG A 98 14.71 -7.94 -3.61
N LEU A 99 14.09 -8.07 -4.79
CA LEU A 99 14.61 -7.41 -5.99
C LEU A 99 15.18 -6.03 -5.66
N GLY A 100 14.30 -5.08 -5.39
CA GLY A 100 14.72 -3.74 -5.06
C GLY A 100 14.57 -3.42 -3.59
N GLU A 101 14.85 -4.40 -2.75
CA GLU A 101 14.73 -4.22 -1.30
C GLU A 101 15.53 -3.00 -0.84
N GLU A 102 16.80 -2.94 -1.23
CA GLU A 102 17.66 -1.82 -0.86
C GLU A 102 17.00 -0.49 -1.17
N SER A 103 16.78 0.32 -0.14
CA SER A 103 16.15 1.62 -0.30
C SER A 103 17.12 2.62 -0.92
N PRO A 104 16.57 3.60 -1.65
CA PRO A 104 17.37 4.65 -2.31
C PRO A 104 18.00 5.61 -1.31
N SER A 105 19.23 6.02 -1.59
CA SER A 105 19.95 6.93 -0.72
C SER A 105 19.05 8.09 -0.28
N LEU A 106 19.34 8.63 0.89
CA LEU A 106 18.57 9.75 1.43
C LEU A 106 19.17 11.08 1.03
N ASN A 107 18.33 12.09 0.88
CA ASN A 107 18.78 13.42 0.49
C ASN A 107 18.15 14.49 1.39
N LYS A 108 18.90 15.56 1.64
CA LYS A 108 18.44 16.65 2.48
C LYS A 108 17.88 17.79 1.63
N ARG A 109 16.59 18.06 1.78
CA ARG A 109 15.94 19.13 1.03
C ARG A 109 14.97 19.91 1.91
N LYS A 110 14.91 21.22 1.70
CA LYS A 110 14.03 22.08 2.48
C LYS A 110 12.59 21.63 2.36
N ARG A 111 11.79 21.90 3.40
CA ARG A 111 10.39 21.52 3.40
C ARG A 111 9.56 22.51 4.21
N GLU A 112 8.42 22.91 3.66
CA GLU A 112 7.54 23.87 4.34
C GLU A 112 7.01 23.28 5.64
N ALA A 113 6.32 24.11 6.42
CA ALA A 113 5.76 23.67 7.69
C ALA A 113 4.39 23.03 7.50
N PRO A 114 4.10 21.98 8.29
CA PRO A 114 2.83 21.26 8.22
C PRO A 114 1.66 22.09 8.72
N ASP A 115 0.58 22.12 7.95
CA ASP A 115 -0.61 22.88 8.33
C ASP A 115 -1.88 22.09 8.00
N GLN A 116 -2.84 22.13 8.93
CA GLN A 116 -4.10 21.42 8.74
C GLN A 116 -5.25 22.15 9.44
N ASP A 117 -6.39 22.24 8.76
CA ASP A 117 -7.55 22.91 9.32
C ASP A 117 -8.64 21.91 9.66
N PRO A 118 -9.26 22.08 10.83
CA PRO A 118 -10.34 21.20 11.30
C PRO A 118 -11.62 21.36 10.50
N GLY A 119 -12.39 20.28 10.40
CA GLY A 119 -13.63 20.32 9.66
C GLY A 119 -14.72 19.46 10.28
N GLY A 120 -15.30 18.58 9.48
CA GLY A 120 -16.36 17.71 9.97
C GLY A 120 -17.60 17.75 9.11
N PRO A 121 -18.58 16.89 9.44
CA PRO A 121 -19.85 16.82 8.70
C PRO A 121 -20.71 18.05 8.91
N ARG A 122 -21.69 18.23 8.03
CA ARG A 122 -22.60 19.38 8.12
C ARG A 122 -23.93 19.07 7.43
N SER A 123 -24.91 19.95 7.64
CA SER A 123 -26.23 19.77 7.04
C SER A 123 -26.38 20.65 5.81
N GLY A 124 -26.27 21.96 6.00
CA GLY A 124 -26.40 22.89 4.90
C GLY A 124 -27.85 23.18 4.57
N PRO A 125 -28.46 24.11 5.31
CA PRO A 125 -29.86 24.50 5.09
C PRO A 125 -30.06 25.28 3.79
N SER A 126 -31.31 25.61 3.50
CA SER A 126 -31.64 26.35 2.28
C SER A 126 -32.75 27.35 2.54
N SER A 127 -32.42 28.64 2.40
CA SER A 127 -33.40 29.70 2.63
C SER A 127 -33.77 30.38 1.31
N GLY A 128 -35.01 30.86 1.23
CA GLY A 128 -35.48 31.51 0.03
C GLY A 128 -36.55 30.72 -0.69
N GLY A 1 2.70 -15.72 24.27
CA GLY A 1 3.77 -14.74 24.39
C GLY A 1 3.99 -13.97 23.11
N SER A 2 3.93 -14.66 21.98
CA SER A 2 4.13 -14.03 20.68
C SER A 2 2.99 -13.06 20.36
N SER A 3 3.26 -12.11 19.46
CA SER A 3 2.26 -11.12 19.08
C SER A 3 2.00 -11.18 17.58
N GLY A 4 0.79 -10.77 17.19
CA GLY A 4 0.43 -10.77 15.78
C GLY A 4 0.23 -9.38 15.22
N SER A 5 -1.01 -8.90 15.27
CA SER A 5 -1.34 -7.58 14.77
C SER A 5 -0.98 -6.50 15.79
N SER A 6 -0.69 -5.30 15.30
CA SER A 6 -0.32 -4.19 16.17
C SER A 6 -0.20 -2.89 15.37
N GLY A 7 -0.84 -1.83 15.88
CA GLY A 7 -0.79 -0.56 15.20
C GLY A 7 -2.11 0.20 15.29
N SER A 8 -2.33 1.12 14.36
CA SER A 8 -3.55 1.91 14.35
C SER A 8 -4.52 1.39 13.30
N GLY A 9 -4.60 0.06 13.18
CA GLY A 9 -5.50 -0.54 12.21
C GLY A 9 -4.86 -0.69 10.85
N ILE A 10 -4.71 0.43 10.14
CA ILE A 10 -4.11 0.42 8.82
C ILE A 10 -2.58 0.44 8.90
N ILE A 11 -1.95 -0.57 8.32
CA ILE A 11 -0.50 -0.66 8.32
C ILE A 11 0.12 0.32 7.34
N LYS A 12 0.67 1.41 7.86
CA LYS A 12 1.30 2.42 7.02
C LYS A 12 2.80 2.16 6.87
N MET A 13 3.28 2.22 5.64
CA MET A 13 4.70 2.00 5.36
C MET A 13 5.18 2.90 4.23
N ALA A 14 6.41 3.38 4.36
CA ALA A 14 7.00 4.26 3.35
C ALA A 14 7.60 3.44 2.21
N ILE A 15 6.90 3.44 1.07
CA ILE A 15 7.37 2.71 -0.10
C ILE A 15 6.94 3.40 -1.39
N ARG A 16 7.81 3.36 -2.39
CA ARG A 16 7.52 3.98 -3.68
C ARG A 16 7.73 2.99 -4.83
N PHE A 17 6.65 2.63 -5.50
CA PHE A 17 6.71 1.70 -6.61
C PHE A 17 7.90 2.02 -7.51
N ASP A 18 8.61 0.97 -7.93
CA ASP A 18 9.77 1.14 -8.80
C ASP A 18 9.63 0.28 -10.06
N ARG A 19 9.71 0.93 -11.22
CA ARG A 19 9.59 0.23 -12.49
C ARG A 19 10.83 -0.62 -12.76
N ARG A 20 12.00 0.00 -12.65
CA ARG A 20 13.26 -0.70 -12.89
C ARG A 20 13.33 -1.99 -12.07
N ALA A 21 12.67 -1.98 -10.92
CA ALA A 21 12.66 -3.16 -10.05
C ALA A 21 12.11 -4.38 -10.77
N TYR A 22 11.09 -4.16 -11.60
CA TYR A 22 10.47 -5.25 -12.35
C TYR A 22 10.58 -5.00 -13.86
N PRO A 23 10.62 -6.09 -14.63
CA PRO A 23 10.72 -6.01 -16.09
C PRO A 23 9.45 -5.48 -16.74
N PRO A 24 9.56 -5.08 -18.01
CA PRO A 24 8.42 -4.55 -18.78
C PRO A 24 7.38 -5.62 -19.09
N GLN A 25 7.64 -6.84 -18.65
CA GLN A 25 6.73 -7.95 -18.89
C GLN A 25 6.08 -8.41 -17.58
N ILE A 26 6.59 -7.89 -16.47
CA ILE A 26 6.06 -8.25 -15.16
C ILE A 26 5.69 -7.00 -14.35
N THR A 27 4.57 -7.08 -13.62
CA THR A 27 4.11 -5.97 -12.82
C THR A 27 3.76 -6.42 -11.41
N PRO A 28 3.85 -5.49 -10.44
CA PRO A 28 3.55 -5.77 -9.03
C PRO A 28 2.07 -6.00 -8.80
N LYS A 29 1.23 -5.45 -9.69
CA LYS A 29 -0.21 -5.60 -9.58
C LYS A 29 -0.63 -7.05 -9.77
N MET A 30 0.03 -7.73 -10.71
CA MET A 30 -0.27 -9.13 -10.99
C MET A 30 0.42 -10.05 -9.99
N CYS A 31 1.55 -9.60 -9.47
CA CYS A 31 2.30 -10.38 -8.49
C CYS A 31 1.45 -10.70 -7.27
N LEU A 32 0.73 -9.70 -6.78
CA LEU A 32 -0.13 -9.88 -5.61
C LEU A 32 -1.20 -10.92 -5.88
N LEU A 33 -1.98 -10.71 -6.93
CA LEU A 33 -3.04 -11.64 -7.30
C LEU A 33 -2.55 -13.08 -7.25
N GLU A 34 -1.46 -13.35 -7.97
CA GLU A 34 -0.89 -14.69 -8.02
C GLU A 34 -0.76 -15.27 -6.61
N TRP A 35 -0.58 -14.38 -5.63
CA TRP A 35 -0.44 -14.80 -4.25
C TRP A 35 -1.80 -15.03 -3.60
N CYS A 36 -2.80 -14.29 -4.05
CA CYS A 36 -4.14 -14.42 -3.52
C CYS A 36 -4.79 -15.73 -3.97
N ARG A 37 -4.62 -16.06 -5.24
CA ARG A 37 -5.19 -17.28 -5.79
C ARG A 37 -4.76 -18.50 -4.97
N ARG A 38 -3.44 -18.65 -4.79
CA ARG A 38 -2.90 -19.78 -4.03
C ARG A 38 -3.34 -19.70 -2.58
N GLU A 39 -3.43 -18.48 -2.05
CA GLU A 39 -3.84 -18.28 -0.67
C GLU A 39 -5.35 -18.21 -0.55
N LYS A 40 -6.04 -18.69 -1.58
CA LYS A 40 -7.50 -18.69 -1.59
C LYS A 40 -8.05 -17.45 -0.90
N LEU A 41 -7.32 -16.34 -1.03
CA LEU A 41 -7.73 -15.08 -0.41
C LEU A 41 -8.64 -14.28 -1.35
N PRO A 42 -9.44 -13.38 -0.77
CA PRO A 42 -10.35 -12.53 -1.54
C PRO A 42 -9.62 -11.50 -2.39
N GLN A 43 -10.08 -11.31 -3.62
CA GLN A 43 -9.46 -10.35 -4.53
C GLN A 43 -9.22 -9.02 -3.82
N PRO A 44 -8.05 -8.41 -4.09
CA PRO A 44 -7.67 -7.13 -3.50
C PRO A 44 -8.52 -5.97 -4.03
N VAL A 45 -8.86 -5.04 -3.14
CA VAL A 45 -9.67 -3.88 -3.52
C VAL A 45 -8.84 -2.61 -3.51
N TYR A 46 -8.40 -2.18 -4.68
CA TYR A 46 -7.60 -0.97 -4.80
C TYR A 46 -8.46 0.28 -4.65
N GLU A 47 -7.92 1.30 -3.99
CA GLU A 47 -8.63 2.54 -3.77
C GLU A 47 -7.68 3.73 -3.77
N THR A 48 -7.80 4.57 -4.79
CA THR A 48 -6.94 5.75 -4.92
C THR A 48 -7.73 7.03 -4.69
N VAL A 49 -7.39 7.76 -3.63
CA VAL A 49 -8.06 9.00 -3.31
C VAL A 49 -7.23 10.21 -3.75
N GLN A 50 -7.85 11.38 -3.75
CA GLN A 50 -7.18 12.61 -4.14
C GLN A 50 -7.25 13.66 -3.04
N ARG A 51 -6.09 14.01 -2.48
CA ARG A 51 -6.02 15.00 -1.42
C ARG A 51 -6.15 16.40 -1.98
N THR A 52 -6.15 17.39 -1.09
CA THR A 52 -6.26 18.79 -1.49
C THR A 52 -5.01 19.58 -1.13
N ILE A 53 -4.27 19.09 -0.14
CA ILE A 53 -3.05 19.75 0.30
C ILE A 53 -1.98 19.72 -0.80
N ASP A 54 -1.81 18.55 -1.40
CA ASP A 54 -0.82 18.38 -2.46
C ASP A 54 -1.47 17.85 -3.73
N ARG A 55 -2.80 17.72 -3.70
CA ARG A 55 -3.54 17.22 -4.85
C ARG A 55 -2.87 15.99 -5.43
N MET A 56 -2.25 15.18 -4.58
CA MET A 56 -1.57 13.97 -5.02
C MET A 56 -2.50 12.76 -4.94
N PHE A 57 -2.10 11.67 -5.58
CA PHE A 57 -2.89 10.44 -5.59
C PHE A 57 -2.21 9.35 -4.77
N CYS A 58 -3.00 8.62 -3.99
CA CYS A 58 -2.47 7.54 -3.16
C CYS A 58 -3.41 6.34 -3.17
N SER A 59 -2.89 5.20 -3.62
CA SER A 59 -3.67 3.98 -3.69
C SER A 59 -3.59 3.21 -2.39
N VAL A 60 -4.67 2.50 -2.05
CA VAL A 60 -4.73 1.71 -0.83
C VAL A 60 -5.37 0.35 -1.08
N VAL A 61 -4.57 -0.70 -0.99
CA VAL A 61 -5.05 -2.05 -1.20
C VAL A 61 -5.45 -2.71 0.12
N THR A 62 -6.43 -3.61 0.06
CA THR A 62 -6.90 -4.30 1.25
C THR A 62 -6.99 -5.81 1.01
N VAL A 63 -6.29 -6.58 1.83
CA VAL A 63 -6.29 -8.03 1.71
C VAL A 63 -6.38 -8.70 3.07
N ALA A 64 -6.99 -9.88 3.11
CA ALA A 64 -7.15 -10.62 4.36
C ALA A 64 -7.61 -9.71 5.49
N GLU A 65 -8.59 -8.86 5.19
CA GLU A 65 -9.13 -7.93 6.18
C GLU A 65 -8.03 -7.03 6.74
N GLN A 66 -7.12 -6.62 5.85
CA GLN A 66 -6.02 -5.75 6.25
C GLN A 66 -5.76 -4.68 5.19
N LYS A 67 -5.79 -3.42 5.60
CA LYS A 67 -5.55 -2.31 4.69
C LYS A 67 -4.07 -1.94 4.66
N TYR A 68 -3.55 -1.69 3.47
CA TYR A 68 -2.15 -1.33 3.30
C TYR A 68 -2.02 0.00 2.57
N GLN A 69 -1.68 1.05 3.32
CA GLN A 69 -1.52 2.38 2.74
C GLN A 69 -0.08 2.84 2.84
N SER A 70 0.42 3.47 1.78
CA SER A 70 1.79 3.95 1.76
C SER A 70 1.85 5.42 2.16
N THR A 71 2.92 5.80 2.86
CA THR A 71 3.09 7.17 3.32
C THR A 71 3.68 8.04 2.21
N LEU A 72 3.89 7.44 1.05
CA LEU A 72 4.44 8.16 -0.10
C LEU A 72 3.44 8.21 -1.25
N TRP A 73 2.99 9.40 -1.61
CA TRP A 73 2.04 9.57 -2.70
C TRP A 73 2.71 9.39 -4.05
N ASP A 74 1.95 9.60 -5.12
CA ASP A 74 2.48 9.46 -6.47
C ASP A 74 1.98 10.59 -7.37
N LYS A 75 2.84 11.03 -8.28
CA LYS A 75 2.49 12.11 -9.20
C LYS A 75 1.15 11.83 -9.85
N SER A 76 0.87 10.56 -10.13
CA SER A 76 -0.38 10.17 -10.77
C SER A 76 -0.89 8.85 -10.19
N LYS A 77 -2.21 8.67 -10.22
CA LYS A 77 -2.83 7.46 -9.70
C LYS A 77 -2.13 6.21 -10.25
N LYS A 78 -1.94 6.18 -11.57
CA LYS A 78 -1.29 5.05 -12.22
C LYS A 78 -0.20 4.47 -11.34
N LEU A 79 0.78 5.30 -10.98
CA LEU A 79 1.88 4.87 -10.13
C LEU A 79 1.37 4.46 -8.75
N ALA A 80 0.62 5.34 -8.11
CA ALA A 80 0.07 5.07 -6.79
C ALA A 80 -0.46 3.64 -6.70
N GLU A 81 -1.15 3.20 -7.75
CA GLU A 81 -1.71 1.86 -7.79
C GLU A 81 -0.62 0.81 -7.59
N GLN A 82 0.43 0.89 -8.41
CA GLN A 82 1.54 -0.05 -8.33
C GLN A 82 2.05 -0.17 -6.89
N THR A 83 2.17 0.96 -6.22
CA THR A 83 2.64 0.97 -4.84
C THR A 83 1.81 0.03 -3.96
N ALA A 84 0.49 0.18 -4.05
CA ALA A 84 -0.41 -0.67 -3.27
C ALA A 84 0.11 -2.10 -3.17
N ALA A 85 0.03 -2.82 -4.28
CA ALA A 85 0.49 -4.20 -4.32
C ALA A 85 1.75 -4.39 -3.47
N ILE A 86 2.83 -3.74 -3.88
CA ILE A 86 4.10 -3.83 -3.17
C ILE A 86 3.89 -3.71 -1.66
N VAL A 87 3.44 -2.54 -1.22
CA VAL A 87 3.20 -2.31 0.20
C VAL A 87 2.57 -3.53 0.86
N CYS A 88 1.72 -4.23 0.12
CA CYS A 88 1.06 -5.43 0.63
C CYS A 88 2.04 -6.59 0.71
N LEU A 89 2.58 -6.99 -0.42
CA LEU A 89 3.53 -8.10 -0.48
C LEU A 89 4.52 -8.02 0.69
N ARG A 90 5.26 -6.94 0.75
CA ARG A 90 6.25 -6.75 1.82
C ARG A 90 5.63 -7.05 3.18
N SER A 91 4.49 -6.45 3.46
CA SER A 91 3.80 -6.67 4.73
C SER A 91 3.59 -8.15 4.99
N GLN A 92 3.21 -8.88 3.94
CA GLN A 92 2.97 -10.31 4.05
C GLN A 92 4.27 -11.07 4.25
N GLY A 93 5.36 -10.51 3.76
CA GLY A 93 6.66 -11.14 3.89
C GLY A 93 7.02 -11.98 2.69
N LEU A 94 6.55 -11.57 1.51
CA LEU A 94 6.83 -12.30 0.28
C LEU A 94 8.12 -11.82 -0.36
N PRO A 95 8.79 -12.72 -1.09
CA PRO A 95 10.05 -12.41 -1.77
C PRO A 95 9.86 -11.46 -2.94
N GLU A 96 8.62 -11.00 -3.13
CA GLU A 96 8.30 -10.08 -4.22
C GLU A 96 8.72 -8.66 -3.86
N GLY A 97 9.92 -8.51 -3.32
CA GLY A 97 10.41 -7.20 -2.95
C GLY A 97 11.92 -7.14 -2.89
N ARG A 98 12.54 -8.26 -2.49
CA ARG A 98 14.00 -8.33 -2.39
C ARG A 98 14.66 -7.58 -3.54
N LEU A 99 13.99 -7.59 -4.69
CA LEU A 99 14.52 -6.92 -5.89
C LEU A 99 15.02 -5.51 -5.55
N GLY A 100 14.10 -4.68 -5.06
CA GLY A 100 14.46 -3.32 -4.71
C GLY A 100 14.17 -3.00 -3.24
N GLU A 101 14.40 -3.97 -2.38
CA GLU A 101 14.15 -3.80 -0.95
C GLU A 101 14.89 -2.57 -0.42
N GLU A 102 16.17 -2.47 -0.77
CA GLU A 102 16.99 -1.35 -0.32
C GLU A 102 16.22 -0.03 -0.43
N SER A 103 16.39 0.83 0.56
CA SER A 103 15.71 2.12 0.57
C SER A 103 16.31 3.04 1.64
N PRO A 104 16.43 4.33 1.30
CA PRO A 104 16.99 5.34 2.21
C PRO A 104 16.07 5.63 3.39
N SER A 105 16.66 6.08 4.50
CA SER A 105 15.88 6.39 5.70
C SER A 105 15.12 7.71 5.52
N LEU A 106 13.94 7.61 4.90
CA LEU A 106 13.10 8.78 4.67
C LEU A 106 11.63 8.44 4.87
N ASN A 107 10.95 9.26 5.67
CA ASN A 107 9.53 9.05 5.94
C ASN A 107 8.80 10.38 6.06
N LYS A 108 7.61 10.45 5.47
CA LYS A 108 6.80 11.66 5.50
C LYS A 108 5.34 11.34 5.82
N ARG A 109 4.71 12.21 6.61
CA ARG A 109 3.31 12.02 6.98
C ARG A 109 2.76 13.25 7.68
N LYS A 110 1.45 13.35 7.73
CA LYS A 110 0.79 14.49 8.37
C LYS A 110 -0.34 14.03 9.30
N ARG A 111 0.03 13.43 10.43
CA ARG A 111 -0.95 12.94 11.38
C ARG A 111 -2.14 12.32 10.67
N GLU A 112 -1.87 11.56 9.62
CA GLU A 112 -2.92 10.90 8.85
C GLU A 112 -4.05 10.43 9.77
N ALA A 113 -5.27 10.49 9.27
CA ALA A 113 -6.44 10.06 10.03
C ALA A 113 -7.07 8.82 9.42
N PRO A 114 -7.57 7.92 10.28
CA PRO A 114 -8.22 6.67 9.84
C PRO A 114 -9.57 6.93 9.17
N ASP A 115 -10.17 8.07 9.49
CA ASP A 115 -11.47 8.43 8.90
C ASP A 115 -11.49 8.15 7.41
N GLN A 116 -12.45 7.36 6.97
CA GLN A 116 -12.59 7.02 5.55
C GLN A 116 -13.95 6.40 5.26
N ASP A 117 -14.25 6.23 3.99
CA ASP A 117 -15.53 5.64 3.58
C ASP A 117 -15.90 4.47 4.47
N PRO A 118 -17.21 4.33 4.75
CA PRO A 118 -17.72 3.25 5.60
C PRO A 118 -17.62 1.89 4.93
N GLY A 119 -17.16 1.88 3.68
CA GLY A 119 -17.02 0.63 2.96
C GLY A 119 -18.30 -0.19 2.95
N GLY A 120 -19.30 0.31 2.22
CA GLY A 120 -20.58 -0.39 2.15
C GLY A 120 -20.42 -1.82 1.69
N PRO A 121 -21.54 -2.56 1.63
CA PRO A 121 -21.55 -3.96 1.20
C PRO A 121 -21.26 -4.12 -0.28
N ARG A 122 -20.16 -4.79 -0.60
CA ARG A 122 -19.77 -5.01 -1.99
C ARG A 122 -19.44 -6.48 -2.24
N SER A 123 -20.12 -7.07 -3.22
CA SER A 123 -19.90 -8.48 -3.55
C SER A 123 -19.35 -8.62 -4.96
N GLY A 124 -18.91 -9.83 -5.31
CA GLY A 124 -18.37 -10.08 -6.63
C GLY A 124 -19.45 -10.33 -7.66
N PRO A 125 -19.06 -10.31 -8.94
CA PRO A 125 -19.99 -10.55 -10.05
C PRO A 125 -20.47 -11.98 -10.12
N SER A 126 -19.66 -12.90 -9.61
CA SER A 126 -20.01 -14.32 -9.60
C SER A 126 -20.48 -14.76 -10.98
N SER A 127 -19.80 -14.30 -12.02
CA SER A 127 -20.15 -14.64 -13.39
C SER A 127 -20.02 -16.14 -13.62
N GLY A 128 -20.98 -16.71 -14.35
CA GLY A 128 -20.96 -18.14 -14.63
C GLY A 128 -21.82 -18.50 -15.82
N GLY A 1 1.61 -21.97 20.81
CA GLY A 1 2.07 -21.00 21.79
C GLY A 1 1.67 -19.58 21.43
N SER A 2 2.47 -18.95 20.57
CA SER A 2 2.20 -17.57 20.15
C SER A 2 0.78 -17.46 19.58
N SER A 3 0.06 -16.43 20.03
CA SER A 3 -1.31 -16.21 19.57
C SER A 3 -1.31 -15.55 18.19
N GLY A 4 -0.64 -14.43 18.07
CA GLY A 4 -0.58 -13.72 16.80
C GLY A 4 -1.81 -12.89 16.55
N SER A 5 -2.25 -12.17 17.58
CA SER A 5 -3.44 -11.31 17.46
C SER A 5 -3.04 -9.86 17.24
N SER A 6 -3.99 -9.06 16.79
CA SER A 6 -3.75 -7.64 16.52
C SER A 6 -5.04 -6.92 16.16
N GLY A 7 -5.40 -5.93 16.96
CA GLY A 7 -6.62 -5.17 16.71
C GLY A 7 -6.56 -4.42 15.40
N SER A 8 -7.58 -3.60 15.15
CA SER A 8 -7.65 -2.81 13.92
C SER A 8 -6.46 -1.87 13.81
N GLY A 9 -6.30 -1.27 12.63
CA GLY A 9 -5.20 -0.35 12.42
C GLY A 9 -4.53 -0.55 11.07
N ILE A 10 -4.66 0.44 10.19
CA ILE A 10 -4.06 0.35 8.86
C ILE A 10 -2.54 0.41 8.94
N ILE A 11 -1.89 -0.60 8.37
CA ILE A 11 -0.43 -0.66 8.37
C ILE A 11 0.17 0.31 7.37
N LYS A 12 0.93 1.28 7.88
CA LYS A 12 1.57 2.27 7.03
C LYS A 12 3.06 2.00 6.88
N MET A 13 3.60 2.25 5.69
CA MET A 13 5.01 2.03 5.43
C MET A 13 5.49 2.90 4.28
N ALA A 14 6.77 3.29 4.33
CA ALA A 14 7.35 4.14 3.29
C ALA A 14 7.90 3.30 2.14
N ILE A 15 7.16 3.29 1.04
CA ILE A 15 7.58 2.53 -0.14
C ILE A 15 7.21 3.26 -1.43
N ARG A 16 8.05 3.11 -2.45
CA ARG A 16 7.81 3.76 -3.73
C ARG A 16 7.85 2.74 -4.86
N PHE A 17 6.91 2.86 -5.79
CA PHE A 17 6.83 1.95 -6.93
C PHE A 17 7.99 2.17 -7.88
N ASP A 18 8.79 1.14 -8.10
CA ASP A 18 9.93 1.22 -8.99
C ASP A 18 9.79 0.24 -10.16
N ARG A 19 9.67 0.77 -11.37
CA ARG A 19 9.52 -0.06 -12.56
C ARG A 19 10.75 -0.95 -12.75
N ARG A 20 11.92 -0.33 -12.81
CA ARG A 20 13.17 -1.06 -13.01
C ARG A 20 13.16 -2.36 -12.19
N ALA A 21 12.82 -2.24 -10.92
CA ALA A 21 12.77 -3.40 -10.03
C ALA A 21 12.18 -4.61 -10.75
N TYR A 22 11.12 -4.37 -11.53
CA TYR A 22 10.46 -5.44 -12.26
C TYR A 22 10.61 -5.25 -13.76
N PRO A 23 10.58 -6.36 -14.51
CA PRO A 23 10.72 -6.34 -15.97
C PRO A 23 9.50 -5.75 -16.66
N PRO A 24 9.66 -5.37 -17.93
CA PRO A 24 8.57 -4.78 -18.72
C PRO A 24 7.47 -5.79 -19.05
N GLN A 25 7.63 -7.01 -18.54
CA GLN A 25 6.65 -8.06 -18.78
C GLN A 25 5.96 -8.47 -17.47
N ILE A 26 6.49 -7.99 -16.36
CA ILE A 26 5.93 -8.30 -15.05
C ILE A 26 5.66 -7.03 -14.25
N THR A 27 4.52 -7.01 -13.55
CA THR A 27 4.14 -5.86 -12.75
C THR A 27 3.83 -6.27 -11.31
N PRO A 28 4.03 -5.34 -10.37
CA PRO A 28 3.78 -5.58 -8.94
C PRO A 28 2.30 -5.72 -8.64
N LYS A 29 1.46 -5.22 -9.54
CA LYS A 29 0.02 -5.27 -9.37
C LYS A 29 -0.48 -6.71 -9.47
N MET A 30 0.11 -7.47 -10.38
CA MET A 30 -0.28 -8.87 -10.57
C MET A 30 0.43 -9.77 -9.56
N CYS A 31 1.64 -9.39 -9.18
CA CYS A 31 2.43 -10.17 -8.22
C CYS A 31 1.62 -10.43 -6.95
N LEU A 32 0.76 -9.48 -6.60
CA LEU A 32 -0.06 -9.61 -5.39
C LEU A 32 -1.32 -10.42 -5.68
N LEU A 33 -1.96 -10.13 -6.80
CA LEU A 33 -3.17 -10.84 -7.20
C LEU A 33 -2.89 -12.32 -7.43
N GLU A 34 -1.96 -12.60 -8.34
CA GLU A 34 -1.60 -13.98 -8.66
C GLU A 34 -1.22 -14.74 -7.39
N TRP A 35 -0.85 -14.00 -6.35
CA TRP A 35 -0.46 -14.60 -5.08
C TRP A 35 -1.69 -14.95 -4.24
N CYS A 36 -2.75 -14.17 -4.40
CA CYS A 36 -3.98 -14.41 -3.66
C CYS A 36 -4.68 -15.68 -4.14
N ARG A 37 -4.69 -15.88 -5.46
CA ARG A 37 -5.32 -17.06 -6.04
C ARG A 37 -4.74 -18.33 -5.45
N ARG A 38 -3.48 -18.26 -5.02
CA ARG A 38 -2.81 -19.42 -4.44
C ARG A 38 -3.23 -19.63 -2.99
N GLU A 39 -3.23 -18.54 -2.22
CA GLU A 39 -3.61 -18.60 -0.81
C GLU A 39 -5.13 -18.69 -0.67
N LYS A 40 -5.81 -18.82 -1.79
CA LYS A 40 -7.27 -18.91 -1.79
C LYS A 40 -7.90 -17.70 -1.12
N LEU A 41 -7.19 -16.57 -1.17
CA LEU A 41 -7.68 -15.33 -0.56
C LEU A 41 -8.60 -14.59 -1.52
N PRO A 42 -9.54 -13.81 -0.95
CA PRO A 42 -10.50 -13.02 -1.74
C PRO A 42 -9.84 -11.86 -2.48
N GLN A 43 -10.26 -11.63 -3.71
CA GLN A 43 -9.71 -10.55 -4.51
C GLN A 43 -9.61 -9.26 -3.71
N PRO A 44 -8.46 -8.59 -3.82
CA PRO A 44 -8.20 -7.34 -3.11
C PRO A 44 -9.04 -6.18 -3.63
N VAL A 45 -8.86 -5.00 -3.04
CA VAL A 45 -9.60 -3.82 -3.45
C VAL A 45 -8.71 -2.59 -3.49
N TYR A 46 -8.45 -2.08 -4.68
CA TYR A 46 -7.60 -0.90 -4.85
C TYR A 46 -8.44 0.37 -4.88
N GLU A 47 -8.14 1.29 -3.97
CA GLU A 47 -8.86 2.56 -3.89
C GLU A 47 -7.90 3.74 -3.95
N THR A 48 -8.01 4.54 -5.00
CA THR A 48 -7.16 5.70 -5.17
C THR A 48 -7.86 6.97 -4.71
N VAL A 49 -7.36 7.56 -3.63
CA VAL A 49 -7.93 8.77 -3.08
C VAL A 49 -7.17 10.01 -3.58
N GLN A 50 -7.75 11.19 -3.34
CA GLN A 50 -7.14 12.43 -3.77
C GLN A 50 -7.19 13.47 -2.65
N ARG A 51 -6.04 14.04 -2.32
CA ARG A 51 -5.96 15.04 -1.27
C ARG A 51 -6.18 16.45 -1.84
N THR A 52 -6.16 17.44 -0.96
CA THR A 52 -6.36 18.83 -1.37
C THR A 52 -5.11 19.66 -1.11
N ILE A 53 -4.27 19.20 -0.19
CA ILE A 53 -3.05 19.91 0.16
C ILE A 53 -2.06 19.89 -1.00
N ASP A 54 -1.82 18.71 -1.56
CA ASP A 54 -0.90 18.57 -2.68
C ASP A 54 -1.62 18.00 -3.90
N ARG A 55 -2.91 17.78 -3.77
CA ARG A 55 -3.71 17.24 -4.86
C ARG A 55 -3.07 15.98 -5.44
N MET A 56 -2.36 15.24 -4.59
CA MET A 56 -1.68 14.02 -5.02
C MET A 56 -2.61 12.82 -4.88
N PHE A 57 -2.23 11.71 -5.51
CA PHE A 57 -3.04 10.49 -5.46
C PHE A 57 -2.38 9.45 -4.57
N CYS A 58 -3.20 8.58 -3.98
CA CYS A 58 -2.70 7.53 -3.10
C CYS A 58 -3.63 6.32 -3.11
N SER A 59 -3.11 5.19 -3.56
CA SER A 59 -3.90 3.96 -3.62
C SER A 59 -3.75 3.15 -2.34
N VAL A 60 -4.81 2.44 -1.97
CA VAL A 60 -4.79 1.62 -0.76
C VAL A 60 -5.44 0.26 -1.01
N VAL A 61 -4.64 -0.79 -0.93
CA VAL A 61 -5.12 -2.15 -1.14
C VAL A 61 -5.53 -2.80 0.18
N THR A 62 -6.44 -3.77 0.09
CA THR A 62 -6.92 -4.48 1.27
C THR A 62 -6.96 -5.99 1.04
N VAL A 63 -6.10 -6.71 1.76
CA VAL A 63 -6.03 -8.16 1.62
C VAL A 63 -5.98 -8.83 2.99
N ALA A 64 -6.68 -9.94 3.13
CA ALA A 64 -6.72 -10.68 4.38
C ALA A 64 -7.21 -9.80 5.53
N GLU A 65 -8.32 -9.11 5.30
CA GLU A 65 -8.89 -8.22 6.31
C GLU A 65 -7.84 -7.26 6.84
N GLN A 66 -6.94 -6.83 5.97
CA GLN A 66 -5.87 -5.91 6.35
C GLN A 66 -5.65 -4.85 5.27
N LYS A 67 -5.60 -3.59 5.68
CA LYS A 67 -5.39 -2.49 4.75
C LYS A 67 -3.92 -2.08 4.71
N TYR A 68 -3.46 -1.69 3.53
CA TYR A 68 -2.07 -1.27 3.36
C TYR A 68 -1.98 0.02 2.57
N GLN A 69 -1.50 1.08 3.22
CA GLN A 69 -1.36 2.38 2.57
C GLN A 69 0.06 2.90 2.68
N SER A 70 0.60 3.40 1.57
CA SER A 70 1.96 3.92 1.53
C SER A 70 1.98 5.40 1.93
N THR A 71 2.92 5.76 2.79
CA THR A 71 3.06 7.13 3.24
C THR A 71 3.59 8.04 2.14
N LEU A 72 3.93 7.44 1.00
CA LEU A 72 4.45 8.18 -0.14
C LEU A 72 3.43 8.23 -1.27
N TRP A 73 3.01 9.45 -1.62
CA TRP A 73 2.03 9.65 -2.68
C TRP A 73 2.66 9.43 -4.05
N ASP A 74 1.89 9.66 -5.10
CA ASP A 74 2.38 9.49 -6.46
C ASP A 74 1.85 10.61 -7.37
N LYS A 75 2.70 11.06 -8.29
CA LYS A 75 2.32 12.11 -9.22
C LYS A 75 1.01 11.78 -9.93
N SER A 76 0.85 10.51 -10.29
CA SER A 76 -0.36 10.05 -10.97
C SER A 76 -0.93 8.83 -10.29
N LYS A 77 -2.20 8.55 -10.57
CA LYS A 77 -2.89 7.40 -9.98
C LYS A 77 -2.25 6.10 -10.46
N LYS A 78 -2.12 5.95 -11.77
CA LYS A 78 -1.53 4.76 -12.35
C LYS A 78 -0.35 4.26 -11.51
N LEU A 79 0.55 5.18 -11.16
CA LEU A 79 1.71 4.83 -10.35
C LEU A 79 1.29 4.47 -8.92
N ALA A 80 0.41 5.28 -8.35
CA ALA A 80 -0.07 5.04 -6.99
C ALA A 80 -0.46 3.58 -6.79
N GLU A 81 -1.24 3.05 -7.74
CA GLU A 81 -1.69 1.66 -7.66
C GLU A 81 -0.51 0.71 -7.54
N GLN A 82 0.47 0.88 -8.43
CA GLN A 82 1.66 0.03 -8.43
C GLN A 82 2.30 0.01 -7.05
N THR A 83 2.25 1.14 -6.36
CA THR A 83 2.83 1.25 -5.03
C THR A 83 2.09 0.37 -4.03
N ALA A 84 0.76 0.39 -4.10
CA ALA A 84 -0.06 -0.41 -3.20
C ALA A 84 0.47 -1.84 -3.10
N ALA A 85 0.32 -2.60 -4.18
CA ALA A 85 0.79 -3.97 -4.21
C ALA A 85 2.07 -4.15 -3.41
N ILE A 86 3.15 -3.57 -3.91
CA ILE A 86 4.44 -3.65 -3.23
C ILE A 86 4.27 -3.59 -1.72
N VAL A 87 3.77 -2.46 -1.23
CA VAL A 87 3.55 -2.27 0.20
C VAL A 87 2.91 -3.51 0.83
N CYS A 88 1.92 -4.06 0.15
CA CYS A 88 1.22 -5.24 0.63
C CYS A 88 2.17 -6.43 0.73
N LEU A 89 2.67 -6.87 -0.43
CA LEU A 89 3.59 -8.00 -0.48
C LEU A 89 4.52 -8.01 0.73
N ARG A 90 5.07 -6.84 1.06
CA ARG A 90 5.98 -6.71 2.19
C ARG A 90 5.23 -6.94 3.50
N SER A 91 4.06 -6.32 3.62
CA SER A 91 3.26 -6.44 4.83
C SER A 91 2.74 -7.87 5.00
N GLN A 92 2.72 -8.62 3.90
CA GLN A 92 2.25 -10.00 3.92
C GLN A 92 3.38 -10.95 4.30
N GLY A 93 4.60 -10.42 4.36
CA GLY A 93 5.74 -11.24 4.71
C GLY A 93 6.21 -12.10 3.56
N LEU A 94 6.28 -11.51 2.37
CA LEU A 94 6.71 -12.23 1.17
C LEU A 94 8.15 -11.87 0.81
N PRO A 95 8.85 -12.81 0.16
CA PRO A 95 10.24 -12.62 -0.26
C PRO A 95 10.37 -11.59 -1.39
N GLU A 96 9.24 -10.99 -1.76
CA GLU A 96 9.23 -10.00 -2.82
C GLU A 96 10.26 -8.90 -2.56
N GLY A 97 10.55 -8.66 -1.28
CA GLY A 97 11.51 -7.65 -0.92
C GLY A 97 12.93 -8.02 -1.31
N ARG A 98 13.20 -9.31 -1.39
CA ARG A 98 14.52 -9.80 -1.77
C ARG A 98 15.17 -8.88 -2.79
N LEU A 99 14.37 -8.35 -3.70
CA LEU A 99 14.87 -7.46 -4.73
C LEU A 99 15.82 -6.42 -4.15
N GLY A 100 15.32 -5.64 -3.19
CA GLY A 100 16.13 -4.62 -2.56
C GLY A 100 16.23 -4.79 -1.06
N GLU A 101 16.18 -6.05 -0.61
CA GLU A 101 16.25 -6.34 0.82
C GLU A 101 17.21 -5.38 1.53
N GLU A 102 18.39 -5.20 0.96
CA GLU A 102 19.39 -4.31 1.54
C GLU A 102 18.77 -2.95 1.87
N SER A 103 19.28 -2.33 2.93
CA SER A 103 18.78 -1.04 3.38
C SER A 103 19.72 -0.40 4.38
N PRO A 104 19.91 0.93 4.27
CA PRO A 104 20.79 1.69 5.16
C PRO A 104 20.23 1.78 6.58
N SER A 105 21.09 2.14 7.53
CA SER A 105 20.68 2.27 8.92
C SER A 105 19.40 3.08 9.04
N LEU A 106 18.37 2.48 9.62
CA LEU A 106 17.09 3.15 9.80
C LEU A 106 16.68 3.17 11.27
N ASN A 107 16.68 4.37 11.86
CA ASN A 107 16.31 4.52 13.25
C ASN A 107 15.08 5.43 13.40
N LYS A 108 13.95 4.97 12.89
CA LYS A 108 12.71 5.73 12.96
C LYS A 108 11.74 5.10 13.95
N ARG A 109 10.63 5.78 14.20
CA ARG A 109 9.62 5.28 15.12
C ARG A 109 8.26 5.91 14.82
N LYS A 110 7.19 5.12 15.00
CA LYS A 110 5.84 5.61 14.75
C LYS A 110 5.52 6.81 15.65
N ARG A 111 4.60 7.64 15.19
CA ARG A 111 4.20 8.82 15.95
C ARG A 111 2.74 8.73 16.36
N GLU A 112 1.85 8.56 15.38
CA GLU A 112 0.42 8.47 15.64
C GLU A 112 -0.01 7.00 15.74
N ALA A 113 -0.93 6.72 16.66
CA ALA A 113 -1.43 5.36 16.85
C ALA A 113 -2.57 5.07 15.89
N PRO A 114 -2.63 3.81 15.40
CA PRO A 114 -3.66 3.38 14.47
C PRO A 114 -5.03 3.28 15.13
N ASP A 115 -5.06 3.38 16.45
CA ASP A 115 -6.31 3.32 17.20
C ASP A 115 -7.16 4.56 16.95
N GLN A 116 -8.48 4.37 16.97
CA GLN A 116 -9.41 5.48 16.74
C GLN A 116 -9.03 6.24 15.47
N ASP A 117 -8.91 5.52 14.37
CA ASP A 117 -8.55 6.14 13.09
C ASP A 117 -9.73 6.12 12.13
N PRO A 118 -9.88 7.21 11.36
CA PRO A 118 -10.97 7.34 10.38
C PRO A 118 -10.82 6.39 9.20
N GLY A 119 -11.91 6.19 8.46
CA GLY A 119 -11.87 5.30 7.31
C GLY A 119 -12.52 5.91 6.08
N GLY A 120 -12.36 7.23 5.92
CA GLY A 120 -12.94 7.91 4.78
C GLY A 120 -14.38 7.49 4.53
N PRO A 121 -14.86 7.72 3.30
CA PRO A 121 -16.22 7.36 2.91
C PRO A 121 -16.44 5.85 2.82
N ARG A 122 -17.36 5.35 3.63
CA ARG A 122 -17.66 3.92 3.64
C ARG A 122 -18.96 3.63 2.91
N SER A 123 -19.12 4.23 1.73
CA SER A 123 -20.31 4.04 0.93
C SER A 123 -20.19 2.79 0.05
N GLY A 124 -21.32 2.35 -0.50
CA GLY A 124 -21.31 1.18 -1.35
C GLY A 124 -20.42 1.34 -2.57
N PRO A 125 -19.79 0.24 -3.01
CA PRO A 125 -18.89 0.24 -4.16
C PRO A 125 -19.65 0.44 -5.47
N SER A 126 -19.23 1.44 -6.25
CA SER A 126 -19.87 1.74 -7.52
C SER A 126 -18.98 2.63 -8.39
N SER A 127 -18.90 2.33 -9.67
CA SER A 127 -18.08 3.10 -10.59
C SER A 127 -18.95 3.94 -11.53
N GLY A 128 -18.76 5.25 -11.49
CA GLY A 128 -19.54 6.15 -12.33
C GLY A 128 -20.33 7.16 -11.52
N GLY A 1 11.35 -14.01 21.79
CA GLY A 1 11.38 -13.02 20.73
C GLY A 1 10.12 -13.05 19.88
N SER A 2 9.44 -11.91 19.79
CA SER A 2 8.22 -11.82 19.00
C SER A 2 8.07 -10.44 18.38
N SER A 3 7.74 -10.41 17.09
CA SER A 3 7.57 -9.15 16.38
C SER A 3 6.10 -8.76 16.29
N GLY A 4 5.85 -7.51 15.91
CA GLY A 4 4.48 -7.04 15.80
C GLY A 4 4.33 -5.92 14.79
N SER A 5 3.09 -5.53 14.51
CA SER A 5 2.83 -4.47 13.55
C SER A 5 2.25 -3.23 14.24
N SER A 6 3.11 -2.29 14.57
CA SER A 6 2.69 -1.06 15.25
C SER A 6 1.44 -0.48 14.58
N GLY A 7 0.83 0.49 15.24
CA GLY A 7 -0.36 1.12 14.69
C GLY A 7 -1.52 0.14 14.55
N SER A 8 -2.63 0.45 15.21
CA SER A 8 -3.81 -0.39 15.17
C SER A 8 -4.78 0.08 14.08
N GLY A 9 -4.90 -0.71 13.01
CA GLY A 9 -5.78 -0.35 11.93
C GLY A 9 -5.17 -0.61 10.57
N ILE A 10 -4.60 0.42 9.96
CA ILE A 10 -3.98 0.29 8.65
C ILE A 10 -2.46 0.23 8.76
N ILE A 11 -1.87 -0.79 8.15
CA ILE A 11 -0.42 -0.96 8.19
C ILE A 11 0.27 0.02 7.26
N LYS A 12 0.72 1.14 7.81
CA LYS A 12 1.39 2.17 7.04
C LYS A 12 2.86 1.81 6.83
N MET A 13 3.41 2.21 5.68
CA MET A 13 4.80 1.93 5.37
C MET A 13 5.31 2.85 4.26
N ALA A 14 6.54 3.31 4.39
CA ALA A 14 7.14 4.19 3.40
C ALA A 14 7.67 3.40 2.20
N ILE A 15 6.94 3.47 1.09
CA ILE A 15 7.35 2.75 -0.12
C ILE A 15 6.86 3.48 -1.37
N ARG A 16 7.68 3.46 -2.41
CA ARG A 16 7.35 4.11 -3.67
C ARG A 16 7.46 3.14 -4.84
N PHE A 17 6.38 3.04 -5.62
CA PHE A 17 6.36 2.15 -6.77
C PHE A 17 7.70 2.17 -7.51
N ASP A 18 8.31 1.00 -7.64
CA ASP A 18 9.60 0.88 -8.33
C ASP A 18 9.43 0.21 -9.69
N ARG A 19 9.65 0.99 -10.75
CA ARG A 19 9.52 0.48 -12.11
C ARG A 19 10.68 -0.45 -12.45
N ARG A 20 11.90 -0.02 -12.10
CA ARG A 20 13.09 -0.81 -12.37
C ARG A 20 13.04 -2.14 -11.63
N ALA A 21 12.42 -2.13 -10.45
CA ALA A 21 12.32 -3.33 -9.62
C ALA A 21 11.75 -4.49 -10.44
N TYR A 22 10.79 -4.20 -11.30
CA TYR A 22 10.16 -5.22 -12.12
C TYR A 22 10.28 -4.87 -13.61
N PRO A 23 10.37 -5.91 -14.45
CA PRO A 23 10.50 -5.74 -15.90
C PRO A 23 9.22 -5.21 -16.53
N PRO A 24 9.32 -4.80 -17.81
CA PRO A 24 8.18 -4.26 -18.55
C PRO A 24 7.15 -5.33 -18.89
N GLN A 25 7.46 -6.58 -18.54
CA GLN A 25 6.56 -7.70 -18.80
C GLN A 25 5.88 -8.16 -17.52
N ILE A 26 6.38 -7.67 -16.38
CA ILE A 26 5.80 -8.03 -15.09
C ILE A 26 5.49 -6.79 -14.26
N THR A 27 4.34 -6.81 -13.59
CA THR A 27 3.92 -5.68 -12.77
C THR A 27 3.59 -6.14 -11.35
N PRO A 28 3.71 -5.21 -10.39
CA PRO A 28 3.43 -5.49 -8.98
C PRO A 28 1.94 -5.72 -8.72
N LYS A 29 1.11 -5.31 -9.67
CA LYS A 29 -0.33 -5.47 -9.54
C LYS A 29 -0.74 -6.93 -9.71
N MET A 30 -0.01 -7.64 -10.57
CA MET A 30 -0.30 -9.05 -10.82
C MET A 30 0.44 -9.93 -9.83
N CYS A 31 1.62 -9.48 -9.41
CA CYS A 31 2.43 -10.23 -8.46
C CYS A 31 1.63 -10.56 -7.20
N LEU A 32 0.87 -9.59 -6.72
CA LEU A 32 0.06 -9.77 -5.52
C LEU A 32 -1.16 -10.64 -5.81
N LEU A 33 -1.77 -10.41 -6.97
CA LEU A 33 -2.95 -11.17 -7.38
C LEU A 33 -2.65 -12.66 -7.38
N GLU A 34 -1.61 -13.06 -8.09
CA GLU A 34 -1.22 -14.47 -8.17
C GLU A 34 -1.00 -15.05 -6.78
N TRP A 35 -0.60 -14.19 -5.84
CA TRP A 35 -0.35 -14.61 -4.48
C TRP A 35 -1.65 -14.92 -3.74
N CYS A 36 -2.70 -14.17 -4.09
CA CYS A 36 -4.00 -14.35 -3.46
C CYS A 36 -4.60 -15.70 -3.84
N ARG A 37 -4.41 -16.09 -5.10
CA ARG A 37 -4.93 -17.36 -5.60
C ARG A 37 -4.43 -18.52 -4.76
N ARG A 38 -3.10 -18.60 -4.59
CA ARG A 38 -2.50 -19.67 -3.81
C ARG A 38 -3.07 -19.70 -2.39
N GLU A 39 -3.17 -18.52 -1.78
CA GLU A 39 -3.71 -18.42 -0.42
C GLU A 39 -5.22 -18.41 -0.43
N LYS A 40 -5.82 -18.88 -1.52
CA LYS A 40 -7.26 -18.93 -1.66
C LYS A 40 -7.91 -17.72 -1.00
N LEU A 41 -7.31 -16.55 -1.22
CA LEU A 41 -7.83 -15.32 -0.64
C LEU A 41 -8.69 -14.57 -1.66
N PRO A 42 -9.67 -13.80 -1.16
CA PRO A 42 -10.57 -13.02 -2.00
C PRO A 42 -9.87 -11.84 -2.69
N GLN A 43 -10.16 -11.65 -3.96
CA GLN A 43 -9.55 -10.56 -4.73
C GLN A 43 -9.44 -9.29 -3.88
N PRO A 44 -8.29 -8.61 -3.98
CA PRO A 44 -8.04 -7.38 -3.24
C PRO A 44 -8.90 -6.21 -3.73
N VAL A 45 -8.78 -5.07 -3.05
CA VAL A 45 -9.55 -3.89 -3.42
C VAL A 45 -8.66 -2.65 -3.48
N TYR A 46 -8.47 -2.13 -4.68
CA TYR A 46 -7.63 -0.95 -4.88
C TYR A 46 -8.47 0.33 -4.79
N GLU A 47 -7.98 1.29 -4.02
CA GLU A 47 -8.67 2.56 -3.84
C GLU A 47 -7.69 3.73 -3.89
N THR A 48 -7.83 4.56 -4.93
CA THR A 48 -6.95 5.71 -5.10
C THR A 48 -7.70 7.01 -4.83
N VAL A 49 -7.27 7.75 -3.83
CA VAL A 49 -7.90 9.02 -3.48
C VAL A 49 -7.05 10.20 -3.92
N GLN A 50 -7.61 11.40 -3.82
CA GLN A 50 -6.90 12.61 -4.22
C GLN A 50 -6.96 13.66 -3.12
N ARG A 51 -5.80 14.05 -2.62
CA ARG A 51 -5.72 15.06 -1.56
C ARG A 51 -5.95 16.46 -2.12
N THR A 52 -5.96 17.45 -1.23
CA THR A 52 -6.16 18.84 -1.63
C THR A 52 -4.93 19.68 -1.35
N ILE A 53 -4.08 19.20 -0.45
CA ILE A 53 -2.86 19.91 -0.09
C ILE A 53 -1.85 19.88 -1.22
N ASP A 54 -1.58 18.68 -1.74
CA ASP A 54 -0.63 18.50 -2.83
C ASP A 54 -1.31 17.89 -4.05
N ARG A 55 -2.63 17.77 -3.98
CA ARG A 55 -3.41 17.21 -5.08
C ARG A 55 -2.74 15.93 -5.60
N MET A 56 -2.04 15.22 -4.72
CA MET A 56 -1.37 13.99 -5.10
C MET A 56 -2.32 12.80 -5.00
N PHE A 57 -1.93 11.69 -5.61
CA PHE A 57 -2.74 10.48 -5.60
C PHE A 57 -2.13 9.41 -4.70
N CYS A 58 -2.98 8.63 -4.06
CA CYS A 58 -2.51 7.57 -3.15
C CYS A 58 -3.46 6.37 -3.20
N SER A 59 -2.90 5.21 -3.55
CA SER A 59 -3.69 3.99 -3.64
C SER A 59 -3.61 3.19 -2.34
N VAL A 60 -4.62 2.36 -2.09
CA VAL A 60 -4.66 1.54 -0.88
C VAL A 60 -5.35 0.22 -1.14
N VAL A 61 -4.61 -0.88 -0.98
CA VAL A 61 -5.16 -2.21 -1.20
C VAL A 61 -5.61 -2.83 0.12
N THR A 62 -6.60 -3.71 0.03
CA THR A 62 -7.13 -4.39 1.21
C THR A 62 -7.22 -5.89 0.99
N VAL A 63 -6.52 -6.64 1.84
CA VAL A 63 -6.51 -8.10 1.74
C VAL A 63 -6.55 -8.74 3.12
N ALA A 64 -7.27 -9.85 3.24
CA ALA A 64 -7.39 -10.57 4.50
C ALA A 64 -7.77 -9.62 5.63
N GLU A 65 -8.82 -8.83 5.40
CA GLU A 65 -9.29 -7.88 6.40
C GLU A 65 -8.16 -6.99 6.88
N GLN A 66 -7.29 -6.59 5.95
CA GLN A 66 -6.16 -5.74 6.27
C GLN A 66 -5.95 -4.68 5.19
N LYS A 67 -5.81 -3.43 5.61
CA LYS A 67 -5.60 -2.33 4.68
C LYS A 67 -4.13 -1.92 4.63
N TYR A 68 -3.62 -1.64 3.44
CA TYR A 68 -2.24 -1.24 3.27
C TYR A 68 -2.14 0.11 2.57
N GLN A 69 -1.62 1.10 3.28
CA GLN A 69 -1.46 2.44 2.72
C GLN A 69 -0.05 2.96 2.90
N SER A 70 0.58 3.36 1.81
CA SER A 70 1.95 3.87 1.84
C SER A 70 1.97 5.36 2.22
N THR A 71 2.93 5.74 3.04
CA THR A 71 3.06 7.13 3.47
C THR A 71 3.65 7.99 2.36
N LEU A 72 3.91 7.38 1.21
CA LEU A 72 4.48 8.10 0.08
C LEU A 72 3.49 8.15 -1.08
N TRP A 73 3.09 9.36 -1.45
CA TRP A 73 2.14 9.54 -2.55
C TRP A 73 2.80 9.27 -3.89
N ASP A 74 2.07 9.51 -4.98
CA ASP A 74 2.60 9.29 -6.32
C ASP A 74 2.17 10.42 -7.26
N LYS A 75 3.03 10.72 -8.23
CA LYS A 75 2.74 11.78 -9.19
C LYS A 75 1.41 11.55 -9.88
N SER A 76 1.18 10.31 -10.32
CA SER A 76 -0.06 9.95 -11.00
C SER A 76 -0.75 8.80 -10.29
N LYS A 77 -2.06 8.66 -10.52
CA LYS A 77 -2.83 7.59 -9.91
C LYS A 77 -2.34 6.22 -10.37
N LYS A 78 -2.39 5.98 -11.67
CA LYS A 78 -1.94 4.71 -12.24
C LYS A 78 -0.75 4.16 -11.47
N LEU A 79 0.26 5.01 -11.26
CA LEU A 79 1.46 4.61 -10.53
C LEU A 79 1.12 4.26 -9.08
N ALA A 80 0.43 5.16 -8.41
CA ALA A 80 0.04 4.95 -7.02
C ALA A 80 -0.48 3.53 -6.80
N GLU A 81 -1.30 3.06 -7.73
CA GLU A 81 -1.87 1.73 -7.63
C GLU A 81 -0.76 0.68 -7.49
N GLN A 82 0.29 0.83 -8.28
CA GLN A 82 1.41 -0.10 -8.25
C GLN A 82 2.04 -0.13 -6.87
N THR A 83 2.09 1.03 -6.21
CA THR A 83 2.68 1.13 -4.89
C THR A 83 1.92 0.27 -3.88
N ALA A 84 0.59 0.27 -3.99
CA ALA A 84 -0.24 -0.51 -3.09
C ALA A 84 0.25 -1.95 -2.99
N ALA A 85 0.24 -2.64 -4.13
CA ALA A 85 0.69 -4.03 -4.17
C ALA A 85 2.00 -4.21 -3.43
N ILE A 86 3.03 -3.49 -3.88
CA ILE A 86 4.34 -3.58 -3.25
C ILE A 86 4.24 -3.46 -1.73
N VAL A 87 3.57 -2.40 -1.28
CA VAL A 87 3.39 -2.17 0.16
C VAL A 87 2.78 -3.40 0.83
N CYS A 88 1.86 -4.06 0.14
CA CYS A 88 1.20 -5.24 0.68
C CYS A 88 2.15 -6.43 0.72
N LEU A 89 2.61 -6.86 -0.46
CA LEU A 89 3.52 -7.99 -0.56
C LEU A 89 4.48 -8.02 0.62
N ARG A 90 5.34 -7.02 0.71
CA ARG A 90 6.31 -6.93 1.80
C ARG A 90 5.67 -7.33 3.13
N SER A 91 4.59 -6.64 3.49
CA SER A 91 3.88 -6.93 4.74
C SER A 91 3.67 -8.42 4.91
N GLN A 92 3.34 -9.11 3.81
CA GLN A 92 3.11 -10.54 3.85
C GLN A 92 4.42 -11.30 4.08
N GLY A 93 5.51 -10.74 3.57
CA GLY A 93 6.81 -11.37 3.71
C GLY A 93 7.24 -12.11 2.46
N LEU A 94 6.83 -11.59 1.31
CA LEU A 94 7.18 -12.20 0.03
C LEU A 94 8.44 -11.56 -0.56
N PRO A 95 9.18 -12.34 -1.36
CA PRO A 95 10.41 -11.87 -2.00
C PRO A 95 10.14 -10.84 -3.09
N GLU A 96 8.86 -10.49 -3.26
CA GLU A 96 8.48 -9.52 -4.27
C GLU A 96 8.77 -8.09 -3.80
N GLY A 97 9.98 -7.89 -3.29
CA GLY A 97 10.37 -6.57 -2.82
C GLY A 97 11.88 -6.41 -2.72
N ARG A 98 12.56 -7.51 -2.41
CA ARG A 98 14.02 -7.48 -2.28
C ARG A 98 14.64 -6.51 -3.29
N LEU A 99 14.02 -6.42 -4.46
CA LEU A 99 14.52 -5.53 -5.51
C LEU A 99 15.11 -4.26 -4.91
N GLY A 100 14.28 -3.49 -4.21
CA GLY A 100 14.74 -2.27 -3.60
C GLY A 100 14.38 -2.18 -2.12
N GLU A 101 14.63 -3.26 -1.39
CA GLU A 101 14.33 -3.31 0.03
C GLU A 101 15.14 -2.26 0.79
N GLU A 102 16.46 -2.28 0.58
CA GLU A 102 17.35 -1.33 1.24
C GLU A 102 16.72 0.05 1.31
N SER A 103 16.90 0.73 2.44
CA SER A 103 16.34 2.06 2.63
C SER A 103 17.11 3.09 1.81
N PRO A 104 16.37 3.86 0.99
CA PRO A 104 16.96 4.89 0.13
C PRO A 104 17.49 6.08 0.93
N SER A 105 17.81 7.16 0.22
CA SER A 105 18.34 8.36 0.87
C SER A 105 17.32 8.94 1.84
N LEU A 106 17.40 8.51 3.10
CA LEU A 106 16.49 9.00 4.13
C LEU A 106 17.08 10.19 4.88
N ASN A 107 16.35 11.30 4.88
CA ASN A 107 16.80 12.50 5.57
C ASN A 107 15.86 12.88 6.71
N LYS A 108 16.43 13.34 7.81
CA LYS A 108 15.62 13.73 8.97
C LYS A 108 15.77 15.22 9.25
N ARG A 109 14.65 15.88 9.50
CA ARG A 109 14.65 17.31 9.79
C ARG A 109 13.77 17.64 10.98
N LYS A 110 14.16 18.64 11.75
CA LYS A 110 13.40 19.06 12.93
C LYS A 110 12.39 20.13 12.57
N ARG A 111 11.13 19.91 12.94
CA ARG A 111 10.07 20.88 12.66
C ARG A 111 8.77 20.45 13.33
N GLU A 112 8.04 21.43 13.87
CA GLU A 112 6.77 21.16 14.54
C GLU A 112 5.62 21.85 13.82
N ALA A 113 4.44 21.24 13.90
CA ALA A 113 3.25 21.79 13.25
C ALA A 113 2.24 22.27 14.28
N PRO A 114 1.58 23.40 13.98
CA PRO A 114 0.58 23.99 14.86
C PRO A 114 -0.69 23.16 14.95
N ASP A 115 -1.57 23.51 15.89
CA ASP A 115 -2.82 22.80 16.08
C ASP A 115 -3.88 23.29 15.10
N GLN A 116 -4.87 22.45 14.84
CA GLN A 116 -5.95 22.81 13.92
C GLN A 116 -7.10 21.82 14.03
N ASP A 117 -8.31 22.29 13.71
CA ASP A 117 -9.50 21.45 13.76
C ASP A 117 -10.23 21.44 12.43
N PRO A 118 -10.33 20.25 11.82
CA PRO A 118 -11.01 20.07 10.53
C PRO A 118 -12.52 20.28 10.62
N GLY A 119 -13.20 20.15 9.49
CA GLY A 119 -14.64 20.32 9.47
C GLY A 119 -15.32 19.41 8.48
N GLY A 120 -16.19 19.99 7.64
CA GLY A 120 -16.89 19.20 6.65
C GLY A 120 -18.19 19.84 6.22
N PRO A 121 -18.11 20.80 5.27
CA PRO A 121 -19.28 21.51 4.75
C PRO A 121 -20.18 20.61 3.91
N ARG A 122 -21.26 21.18 3.39
CA ARG A 122 -22.20 20.43 2.57
C ARG A 122 -23.07 21.38 1.74
N SER A 123 -23.81 20.81 0.79
CA SER A 123 -24.68 21.60 -0.07
C SER A 123 -25.57 20.70 -0.91
N GLY A 124 -26.51 21.31 -1.63
CA GLY A 124 -27.42 20.55 -2.46
C GLY A 124 -27.90 21.33 -3.67
N PRO A 125 -28.47 20.62 -4.65
CA PRO A 125 -28.99 21.25 -5.88
C PRO A 125 -30.23 22.09 -5.63
N SER A 126 -30.09 23.40 -5.79
CA SER A 126 -31.21 24.32 -5.58
C SER A 126 -32.09 24.40 -6.83
N SER A 127 -32.33 23.25 -7.46
CA SER A 127 -33.15 23.20 -8.66
C SER A 127 -34.54 22.66 -8.35
N GLY A 128 -35.53 23.11 -9.11
CA GLY A 128 -36.89 22.66 -8.90
C GLY A 128 -37.92 23.72 -9.26
N GLY A 1 -12.48 -11.63 25.20
CA GLY A 1 -11.43 -12.20 26.03
C GLY A 1 -10.44 -11.15 26.49
N SER A 2 -9.65 -10.63 25.56
CA SER A 2 -8.65 -9.62 25.87
C SER A 2 -8.84 -8.37 25.02
N SER A 3 -8.43 -7.23 25.55
CA SER A 3 -8.56 -5.96 24.84
C SER A 3 -7.21 -5.26 24.71
N GLY A 4 -7.13 -4.30 23.80
CA GLY A 4 -5.89 -3.57 23.60
C GLY A 4 -5.46 -3.54 22.15
N SER A 5 -4.36 -4.22 21.84
CA SER A 5 -3.83 -4.26 20.48
C SER A 5 -4.24 -5.56 19.79
N SER A 6 -5.50 -5.95 19.98
CA SER A 6 -6.01 -7.18 19.37
C SER A 6 -5.52 -7.32 17.94
N GLY A 7 -5.49 -6.20 17.22
CA GLY A 7 -5.05 -6.23 15.83
C GLY A 7 -4.79 -4.84 15.28
N SER A 8 -3.67 -4.67 14.59
CA SER A 8 -3.30 -3.39 14.02
C SER A 8 -4.25 -3.01 12.89
N GLY A 9 -4.94 -1.88 13.05
CA GLY A 9 -5.88 -1.43 12.04
C GLY A 9 -5.26 -1.38 10.66
N ILE A 10 -4.80 -0.19 10.27
CA ILE A 10 -4.17 -0.01 8.96
C ILE A 10 -2.65 0.02 9.07
N ILE A 11 -1.99 -0.90 8.38
CA ILE A 11 -0.53 -0.97 8.41
C ILE A 11 0.08 0.06 7.47
N LYS A 12 0.82 1.00 8.05
CA LYS A 12 1.46 2.05 7.26
C LYS A 12 2.93 1.70 7.00
N MET A 13 3.38 1.98 5.78
CA MET A 13 4.77 1.70 5.40
C MET A 13 5.24 2.66 4.32
N ALA A 14 6.43 3.22 4.49
CA ALA A 14 6.99 4.14 3.52
C ALA A 14 7.63 3.40 2.36
N ILE A 15 6.95 3.39 1.22
CA ILE A 15 7.45 2.73 0.03
C ILE A 15 7.06 3.48 -1.24
N ARG A 16 7.89 3.35 -2.27
CA ARG A 16 7.63 4.02 -3.54
C ARG A 16 7.78 3.05 -4.71
N PHE A 17 6.69 2.85 -5.45
CA PHE A 17 6.70 1.96 -6.59
C PHE A 17 8.05 2.00 -7.31
N ASP A 18 8.64 0.83 -7.52
CA ASP A 18 9.93 0.73 -8.19
C ASP A 18 9.78 0.07 -9.55
N ARG A 19 9.52 0.90 -10.58
CA ARG A 19 9.35 0.40 -11.94
C ARG A 19 10.54 -0.47 -12.35
N ARG A 20 11.73 0.11 -12.26
CA ARG A 20 12.96 -0.61 -12.63
C ARG A 20 12.98 -2.00 -12.01
N ALA A 21 12.38 -2.12 -10.83
CA ALA A 21 12.33 -3.40 -10.12
C ALA A 21 11.69 -4.48 -10.99
N TYR A 22 10.66 -4.10 -11.72
CA TYR A 22 9.94 -5.03 -12.59
C TYR A 22 9.97 -4.56 -14.04
N PRO A 23 10.01 -5.52 -14.98
CA PRO A 23 10.03 -5.23 -16.41
C PRO A 23 8.71 -4.66 -16.91
N PRO A 24 8.73 -4.13 -18.15
CA PRO A 24 7.53 -3.55 -18.76
C PRO A 24 6.47 -4.59 -19.11
N GLN A 25 6.79 -5.86 -18.83
CA GLN A 25 5.88 -6.95 -19.11
C GLN A 25 5.30 -7.53 -17.82
N ILE A 26 5.79 -7.05 -16.69
CA ILE A 26 5.33 -7.51 -15.39
C ILE A 26 5.05 -6.34 -14.45
N THR A 27 3.96 -6.45 -13.69
CA THR A 27 3.59 -5.39 -12.74
C THR A 27 3.32 -5.97 -11.36
N PRO A 28 3.51 -5.14 -10.32
CA PRO A 28 3.28 -5.55 -8.93
C PRO A 28 1.81 -5.76 -8.62
N LYS A 29 0.94 -5.29 -9.52
CA LYS A 29 -0.50 -5.43 -9.33
C LYS A 29 -0.93 -6.87 -9.57
N MET A 30 -0.27 -7.54 -10.50
CA MET A 30 -0.59 -8.93 -10.82
C MET A 30 0.10 -9.89 -9.85
N CYS A 31 1.34 -9.55 -9.49
CA CYS A 31 2.11 -10.38 -8.58
C CYS A 31 1.32 -10.67 -7.30
N LEU A 32 0.69 -9.64 -6.76
CA LEU A 32 -0.10 -9.77 -5.54
C LEU A 32 -1.20 -10.83 -5.71
N LEU A 33 -2.05 -10.63 -6.71
CA LEU A 33 -3.12 -11.57 -6.99
C LEU A 33 -2.59 -12.98 -7.16
N GLU A 34 -1.49 -13.11 -7.89
CA GLU A 34 -0.88 -14.41 -8.12
C GLU A 34 -0.58 -15.11 -6.80
N TRP A 35 -0.44 -14.33 -5.74
CA TRP A 35 -0.15 -14.89 -4.42
C TRP A 35 -1.44 -15.18 -3.66
N CYS A 36 -2.46 -14.36 -3.90
CA CYS A 36 -3.73 -14.53 -3.23
C CYS A 36 -4.44 -15.79 -3.71
N ARG A 37 -4.24 -16.13 -4.99
CA ARG A 37 -4.85 -17.31 -5.58
C ARG A 37 -4.43 -18.57 -4.82
N ARG A 38 -3.16 -18.65 -4.47
CA ARG A 38 -2.64 -19.80 -3.75
C ARG A 38 -3.20 -19.86 -2.34
N GLU A 39 -3.15 -18.72 -1.65
CA GLU A 39 -3.67 -18.65 -0.28
C GLU A 39 -5.19 -18.67 -0.26
N LYS A 40 -5.79 -18.83 -1.44
CA LYS A 40 -7.24 -18.86 -1.56
C LYS A 40 -7.86 -17.56 -1.08
N LEU A 41 -7.09 -16.49 -1.13
CA LEU A 41 -7.56 -15.17 -0.70
C LEU A 41 -8.37 -14.50 -1.80
N PRO A 42 -9.43 -13.78 -1.39
CA PRO A 42 -10.31 -13.07 -2.32
C PRO A 42 -9.62 -11.88 -2.98
N GLN A 43 -9.83 -11.72 -4.28
CA GLN A 43 -9.23 -10.61 -5.02
C GLN A 43 -9.20 -9.34 -4.17
N PRO A 44 -8.04 -8.67 -4.16
CA PRO A 44 -7.84 -7.44 -3.39
C PRO A 44 -8.63 -6.26 -3.98
N VAL A 45 -8.51 -5.10 -3.34
CA VAL A 45 -9.21 -3.91 -3.79
C VAL A 45 -8.33 -2.68 -3.68
N TYR A 46 -8.12 -2.00 -4.80
CA TYR A 46 -7.28 -0.80 -4.83
C TYR A 46 -8.14 0.46 -4.82
N GLU A 47 -7.75 1.42 -3.99
CA GLU A 47 -8.48 2.68 -3.88
C GLU A 47 -7.53 3.88 -3.98
N THR A 48 -7.50 4.51 -5.15
CA THR A 48 -6.64 5.66 -5.36
C THR A 48 -7.39 6.97 -5.12
N VAL A 49 -7.01 7.66 -4.06
CA VAL A 49 -7.64 8.93 -3.70
C VAL A 49 -6.80 10.11 -4.18
N GLN A 50 -7.38 11.31 -4.10
CA GLN A 50 -6.68 12.52 -4.52
C GLN A 50 -6.86 13.63 -3.49
N ARG A 51 -5.74 14.08 -2.92
CA ARG A 51 -5.76 15.15 -1.92
C ARG A 51 -5.97 16.51 -2.58
N THR A 52 -6.07 17.55 -1.76
CA THR A 52 -6.26 18.90 -2.25
C THR A 52 -5.08 19.79 -1.92
N ILE A 53 -4.31 19.40 -0.90
CA ILE A 53 -3.15 20.17 -0.49
C ILE A 53 -2.03 20.06 -1.53
N ASP A 54 -1.75 18.84 -1.98
CA ASP A 54 -0.72 18.61 -2.97
C ASP A 54 -1.29 17.98 -4.23
N ARG A 55 -2.62 17.89 -4.29
CA ARG A 55 -3.31 17.30 -5.44
C ARG A 55 -2.62 16.01 -5.87
N MET A 56 -2.01 15.32 -4.90
CA MET A 56 -1.32 14.07 -5.19
C MET A 56 -2.29 12.89 -5.10
N PHE A 57 -1.87 11.75 -5.66
CA PHE A 57 -2.70 10.55 -5.63
C PHE A 57 -2.09 9.48 -4.74
N CYS A 58 -2.96 8.76 -4.02
CA CYS A 58 -2.50 7.71 -3.12
C CYS A 58 -3.41 6.49 -3.20
N SER A 59 -2.81 5.32 -3.40
CA SER A 59 -3.55 4.08 -3.51
C SER A 59 -3.39 3.22 -2.26
N VAL A 60 -4.37 2.36 -2.00
CA VAL A 60 -4.32 1.49 -0.84
C VAL A 60 -5.05 0.18 -1.10
N VAL A 61 -4.32 -0.93 -1.02
CA VAL A 61 -4.89 -2.25 -1.25
C VAL A 61 -5.46 -2.84 0.03
N THR A 62 -6.37 -3.80 -0.12
CA THR A 62 -6.98 -4.44 1.04
C THR A 62 -7.06 -5.96 0.84
N VAL A 63 -6.28 -6.69 1.63
CA VAL A 63 -6.26 -8.15 1.54
C VAL A 63 -6.38 -8.78 2.92
N ALA A 64 -7.18 -9.85 3.00
CA ALA A 64 -7.38 -10.55 4.27
C ALA A 64 -7.88 -9.60 5.35
N GLU A 65 -8.89 -8.80 5.01
CA GLU A 65 -9.45 -7.84 5.96
C GLU A 65 -8.36 -6.94 6.54
N GLN A 66 -7.35 -6.64 5.73
CA GLN A 66 -6.25 -5.79 6.16
C GLN A 66 -5.95 -4.72 5.12
N LYS A 67 -5.94 -3.47 5.55
CA LYS A 67 -5.66 -2.35 4.66
C LYS A 67 -4.17 -1.99 4.68
N TYR A 68 -3.61 -1.72 3.51
CA TYR A 68 -2.20 -1.37 3.39
C TYR A 68 -2.04 -0.06 2.64
N GLN A 69 -1.64 0.99 3.37
CA GLN A 69 -1.44 2.31 2.77
C GLN A 69 0.00 2.76 2.95
N SER A 70 0.54 3.41 1.92
CA SER A 70 1.91 3.91 1.96
C SER A 70 1.94 5.38 2.35
N THR A 71 2.92 5.75 3.18
CA THR A 71 3.07 7.12 3.62
C THR A 71 3.68 7.99 2.52
N LEU A 72 3.83 7.42 1.34
CA LEU A 72 4.40 8.14 0.20
C LEU A 72 3.42 8.18 -0.97
N TRP A 73 3.07 9.39 -1.40
CA TRP A 73 2.14 9.55 -2.52
C TRP A 73 2.81 9.22 -3.84
N ASP A 74 2.10 9.44 -4.93
CA ASP A 74 2.63 9.16 -6.27
C ASP A 74 2.34 10.32 -7.21
N LYS A 75 3.21 10.49 -8.21
CA LYS A 75 3.06 11.57 -9.18
C LYS A 75 1.77 11.38 -9.99
N SER A 76 1.48 10.15 -10.37
CA SER A 76 0.28 9.84 -11.15
C SER A 76 -0.62 8.87 -10.40
N LYS A 77 -1.87 8.76 -10.84
CA LYS A 77 -2.83 7.86 -10.22
C LYS A 77 -2.46 6.40 -10.48
N LYS A 78 -2.48 6.01 -11.74
CA LYS A 78 -2.14 4.64 -12.12
C LYS A 78 -0.94 4.13 -11.33
N LEU A 79 -0.02 5.04 -11.02
CA LEU A 79 1.17 4.69 -10.26
C LEU A 79 0.81 4.31 -8.82
N ALA A 80 0.15 5.22 -8.13
CA ALA A 80 -0.26 4.98 -6.75
C ALA A 80 -0.63 3.52 -6.54
N GLU A 81 -1.42 2.98 -7.46
CA GLU A 81 -1.85 1.58 -7.36
C GLU A 81 -0.66 0.65 -7.21
N GLN A 82 0.30 0.77 -8.12
CA GLN A 82 1.50 -0.06 -8.10
C GLN A 82 2.09 -0.11 -6.69
N THR A 83 2.27 1.06 -6.09
CA THR A 83 2.84 1.15 -4.75
C THR A 83 2.09 0.24 -3.78
N ALA A 84 0.77 0.40 -3.71
CA ALA A 84 -0.04 -0.42 -2.83
C ALA A 84 0.41 -1.87 -2.84
N ALA A 85 0.24 -2.52 -3.99
CA ALA A 85 0.63 -3.92 -4.13
C ALA A 85 1.89 -4.23 -3.33
N ILE A 86 3.01 -3.62 -3.73
CA ILE A 86 4.28 -3.82 -3.05
C ILE A 86 4.11 -3.77 -1.53
N VAL A 87 3.62 -2.63 -1.03
CA VAL A 87 3.40 -2.45 0.39
C VAL A 87 2.75 -3.69 1.01
N CYS A 88 1.86 -4.32 0.26
CA CYS A 88 1.17 -5.51 0.73
C CYS A 88 2.12 -6.69 0.82
N LEU A 89 2.67 -7.10 -0.32
CA LEU A 89 3.60 -8.22 -0.37
C LEU A 89 4.56 -8.18 0.82
N ARG A 90 5.28 -7.08 0.94
CA ARG A 90 6.24 -6.90 2.04
C ARG A 90 5.60 -7.27 3.37
N SER A 91 4.49 -6.63 3.70
CA SER A 91 3.79 -6.89 4.95
C SER A 91 3.59 -8.39 5.16
N GLN A 92 3.14 -9.07 4.11
CA GLN A 92 2.91 -10.51 4.19
C GLN A 92 4.20 -11.26 4.51
N GLY A 93 5.33 -10.64 4.17
CA GLY A 93 6.62 -11.27 4.43
C GLY A 93 7.10 -12.12 3.27
N LEU A 94 6.69 -11.75 2.06
CA LEU A 94 7.08 -12.50 0.86
C LEU A 94 8.46 -12.07 0.38
N PRO A 95 9.16 -13.00 -0.28
CA PRO A 95 10.51 -12.75 -0.81
C PRO A 95 10.50 -11.78 -1.99
N GLU A 96 9.31 -11.30 -2.33
CA GLU A 96 9.16 -10.36 -3.44
C GLU A 96 10.19 -9.24 -3.34
N GLY A 97 10.71 -9.02 -2.14
CA GLY A 97 11.70 -7.98 -1.93
C GLY A 97 12.93 -8.16 -2.81
N ARG A 98 13.28 -9.42 -3.08
CA ARG A 98 14.44 -9.71 -3.91
C ARG A 98 14.69 -8.60 -4.93
N LEU A 99 13.62 -8.18 -5.60
CA LEU A 99 13.72 -7.12 -6.60
C LEU A 99 13.61 -5.74 -5.96
N GLY A 100 14.48 -4.83 -6.38
CA GLY A 100 14.46 -3.49 -5.83
C GLY A 100 14.86 -3.45 -4.37
N GLU A 101 15.17 -4.62 -3.81
CA GLU A 101 15.56 -4.72 -2.40
C GLU A 101 16.51 -3.58 -2.03
N GLU A 102 17.56 -3.41 -2.83
CA GLU A 102 18.54 -2.36 -2.58
C GLU A 102 17.87 -1.01 -2.39
N SER A 103 18.45 -0.18 -1.53
CA SER A 103 17.90 1.15 -1.26
C SER A 103 17.33 1.77 -2.52
N PRO A 104 16.34 2.66 -2.34
CA PRO A 104 15.69 3.35 -3.46
C PRO A 104 16.61 4.37 -4.14
N SER A 105 16.08 5.07 -5.13
CA SER A 105 16.86 6.07 -5.86
C SER A 105 17.07 7.32 -5.02
N LEU A 106 18.21 7.98 -5.21
CA LEU A 106 18.53 9.18 -4.47
C LEU A 106 18.02 9.10 -3.04
N ASN A 107 18.23 7.95 -2.41
CA ASN A 107 17.79 7.74 -1.04
C ASN A 107 18.59 8.60 -0.07
N LYS A 108 18.20 8.58 1.20
CA LYS A 108 18.88 9.36 2.23
C LYS A 108 19.53 8.44 3.25
N ARG A 109 20.29 9.03 4.18
CA ARG A 109 20.97 8.26 5.22
C ARG A 109 20.79 8.92 6.58
N LYS A 110 20.60 8.10 7.61
CA LYS A 110 20.42 8.61 8.96
C LYS A 110 21.52 9.60 9.34
N ARG A 111 21.12 10.76 9.85
CA ARG A 111 22.07 11.79 10.24
C ARG A 111 22.06 11.99 11.76
N GLU A 112 20.87 12.00 12.34
CA GLU A 112 20.72 12.19 13.77
C GLU A 112 19.90 11.06 14.39
N ALA A 113 20.45 10.44 15.43
CA ALA A 113 19.77 9.34 16.11
C ALA A 113 18.94 9.86 17.28
N PRO A 114 17.75 9.27 17.48
CA PRO A 114 16.84 9.65 18.56
C PRO A 114 17.38 9.24 19.93
N ASP A 115 16.59 9.50 20.97
CA ASP A 115 16.98 9.16 22.33
C ASP A 115 15.98 8.20 22.96
N GLN A 116 16.45 7.01 23.32
CA GLN A 116 15.60 6.00 23.93
C GLN A 116 14.47 5.59 22.97
N ASP A 117 14.80 5.44 21.70
CA ASP A 117 13.82 5.06 20.69
C ASP A 117 13.04 3.83 21.13
N PRO A 118 11.82 3.68 20.60
CA PRO A 118 10.94 2.55 20.93
C PRO A 118 11.46 1.23 20.36
N GLY A 119 11.28 0.15 21.11
CA GLY A 119 11.73 -1.15 20.66
C GLY A 119 10.59 -2.10 20.36
N GLY A 120 10.31 -3.00 21.29
CA GLY A 120 9.23 -3.96 21.10
C GLY A 120 7.89 -3.28 20.80
N PRO A 121 7.08 -3.92 19.96
CA PRO A 121 5.76 -3.39 19.58
C PRO A 121 4.77 -3.42 20.73
N ARG A 122 5.22 -3.90 21.88
CA ARG A 122 4.37 -3.98 23.07
C ARG A 122 3.63 -2.67 23.30
N SER A 123 4.38 -1.57 23.37
CA SER A 123 3.81 -0.26 23.59
C SER A 123 3.38 0.38 22.27
N GLY A 124 2.07 0.58 22.11
CA GLY A 124 1.56 1.17 20.89
C GLY A 124 0.14 1.69 21.05
N PRO A 125 -0.16 2.80 20.35
CA PRO A 125 -1.49 3.42 20.40
C PRO A 125 -2.56 2.57 19.73
N SER A 126 -2.13 1.58 18.97
CA SER A 126 -3.05 0.69 18.26
C SER A 126 -4.10 1.50 17.52
N SER A 127 -3.67 2.59 16.88
CA SER A 127 -4.59 3.44 16.13
C SER A 127 -4.82 2.89 14.74
N GLY A 128 -6.08 2.59 14.43
CA GLY A 128 -6.42 2.06 13.12
C GLY A 128 -7.71 1.24 13.15
N GLY A 1 5.50 -1.27 33.02
CA GLY A 1 5.53 -2.66 32.58
C GLY A 1 4.16 -3.30 32.59
N SER A 2 3.63 -3.57 31.39
CA SER A 2 2.32 -4.19 31.27
C SER A 2 2.21 -4.97 29.96
N SER A 3 1.17 -5.78 29.85
CA SER A 3 0.96 -6.59 28.66
C SER A 3 -0.51 -6.55 28.23
N GLY A 4 -0.73 -6.42 26.93
CA GLY A 4 -2.09 -6.37 26.41
C GLY A 4 -2.13 -6.16 24.91
N SER A 5 -2.56 -7.19 24.18
CA SER A 5 -2.63 -7.12 22.73
C SER A 5 -3.62 -6.04 22.29
N SER A 6 -3.17 -5.19 21.36
CA SER A 6 -4.02 -4.10 20.86
C SER A 6 -4.65 -4.48 19.52
N GLY A 7 -5.61 -3.68 19.08
CA GLY A 7 -6.28 -3.95 17.82
C GLY A 7 -5.50 -3.40 16.63
N SER A 8 -5.14 -4.28 15.70
CA SER A 8 -4.40 -3.88 14.52
C SER A 8 -5.30 -3.17 13.52
N GLY A 9 -4.84 -2.04 13.00
CA GLY A 9 -5.62 -1.28 12.04
C GLY A 9 -4.98 -1.24 10.67
N ILE A 10 -4.75 -0.04 10.15
CA ILE A 10 -4.14 0.13 8.84
C ILE A 10 -2.62 0.17 8.95
N ILE A 11 -1.96 -0.78 8.29
CA ILE A 11 -0.50 -0.84 8.31
C ILE A 11 0.11 0.17 7.35
N LYS A 12 0.87 1.11 7.89
CA LYS A 12 1.51 2.14 7.08
C LYS A 12 3.01 1.87 6.95
N MET A 13 3.56 2.20 5.78
CA MET A 13 4.98 1.99 5.53
C MET A 13 5.47 2.89 4.39
N ALA A 14 6.71 3.33 4.48
CA ALA A 14 7.29 4.19 3.45
C ALA A 14 7.81 3.37 2.28
N ILE A 15 7.06 3.40 1.18
CA ILE A 15 7.44 2.66 -0.02
C ILE A 15 6.96 3.37 -1.28
N ARG A 16 7.73 3.25 -2.35
CA ARG A 16 7.37 3.87 -3.62
C ARG A 16 7.52 2.89 -4.78
N PHE A 17 6.69 3.06 -5.80
CA PHE A 17 6.74 2.18 -6.97
C PHE A 17 8.11 2.23 -7.64
N ASP A 18 8.64 1.05 -7.94
CA ASP A 18 9.95 0.94 -8.59
C ASP A 18 9.86 0.12 -9.87
N ARG A 19 10.10 0.77 -11.00
CA ARG A 19 10.05 0.09 -12.29
C ARG A 19 11.22 -0.89 -12.44
N ARG A 20 12.44 -0.38 -12.33
CA ARG A 20 13.63 -1.21 -12.45
C ARG A 20 13.50 -2.48 -11.62
N ALA A 21 12.69 -2.41 -10.57
CA ALA A 21 12.46 -3.56 -9.70
C ALA A 21 11.82 -4.71 -10.46
N TYR A 22 10.91 -4.38 -11.37
CA TYR A 22 10.23 -5.40 -12.17
C TYR A 22 10.33 -5.08 -13.66
N PRO A 23 10.35 -6.13 -14.48
CA PRO A 23 10.44 -6.00 -15.94
C PRO A 23 9.16 -5.42 -16.54
N PRO A 24 9.24 -5.00 -17.81
CA PRO A 24 8.11 -4.42 -18.54
C PRO A 24 7.04 -5.45 -18.85
N GLN A 25 7.29 -6.71 -18.49
CA GLN A 25 6.35 -7.79 -18.72
C GLN A 25 5.62 -8.17 -17.43
N ILE A 26 6.18 -7.74 -16.30
CA ILE A 26 5.58 -8.04 -15.01
C ILE A 26 5.35 -6.77 -14.20
N THR A 27 4.28 -6.77 -13.41
CA THR A 27 3.94 -5.61 -12.59
C THR A 27 3.68 -6.03 -11.14
N PRO A 28 3.89 -5.08 -10.21
CA PRO A 28 3.68 -5.33 -8.78
C PRO A 28 2.21 -5.48 -8.43
N LYS A 29 1.34 -4.98 -9.30
CA LYS A 29 -0.09 -5.06 -9.09
C LYS A 29 -0.61 -6.47 -9.34
N MET A 30 0.05 -7.18 -10.24
CA MET A 30 -0.32 -8.56 -10.57
C MET A 30 0.27 -9.54 -9.57
N CYS A 31 1.51 -9.29 -9.15
CA CYS A 31 2.19 -10.15 -8.20
C CYS A 31 1.30 -10.42 -6.97
N LEU A 32 0.55 -9.40 -6.57
CA LEU A 32 -0.34 -9.52 -5.42
C LEU A 32 -1.49 -10.46 -5.72
N LEU A 33 -2.24 -10.16 -6.78
CA LEU A 33 -3.37 -10.98 -7.17
C LEU A 33 -2.94 -12.43 -7.41
N GLU A 34 -1.92 -12.61 -8.23
CA GLU A 34 -1.41 -13.94 -8.54
C GLU A 34 -1.07 -14.70 -7.27
N TRP A 35 -0.90 -13.97 -6.17
CA TRP A 35 -0.57 -14.57 -4.89
C TRP A 35 -1.84 -14.96 -4.13
N CYS A 36 -2.77 -14.00 -4.02
CA CYS A 36 -4.02 -14.24 -3.31
C CYS A 36 -4.78 -15.41 -3.93
N ARG A 37 -4.35 -15.83 -5.11
CA ARG A 37 -4.99 -16.94 -5.80
C ARG A 37 -4.60 -18.28 -5.17
N ARG A 38 -3.32 -18.42 -4.86
CA ARG A 38 -2.81 -19.65 -4.25
C ARG A 38 -3.23 -19.73 -2.78
N GLU A 39 -3.38 -18.59 -2.14
CA GLU A 39 -3.77 -18.53 -0.73
C GLU A 39 -5.28 -18.61 -0.60
N LYS A 40 -5.96 -18.88 -1.71
CA LYS A 40 -7.41 -18.98 -1.70
C LYS A 40 -8.04 -17.74 -1.08
N LEU A 41 -7.34 -16.62 -1.15
CA LEU A 41 -7.82 -15.37 -0.60
C LEU A 41 -8.69 -14.63 -1.61
N PRO A 42 -9.67 -13.86 -1.10
CA PRO A 42 -10.59 -13.10 -1.94
C PRO A 42 -9.90 -11.92 -2.64
N GLN A 43 -10.26 -11.69 -3.89
CA GLN A 43 -9.68 -10.60 -4.66
C GLN A 43 -9.56 -9.33 -3.82
N PRO A 44 -8.43 -8.64 -3.95
CA PRO A 44 -8.16 -7.40 -3.21
C PRO A 44 -9.04 -6.25 -3.69
N VAL A 45 -8.86 -5.08 -3.06
CA VAL A 45 -9.64 -3.90 -3.42
C VAL A 45 -8.75 -2.68 -3.53
N TYR A 46 -8.39 -2.30 -4.75
CA TYR A 46 -7.54 -1.15 -4.99
C TYR A 46 -8.34 0.15 -4.90
N GLU A 47 -7.91 1.04 -4.02
CA GLU A 47 -8.59 2.32 -3.84
C GLU A 47 -7.61 3.49 -3.95
N THR A 48 -7.89 4.43 -4.83
CA THR A 48 -7.04 5.59 -5.02
C THR A 48 -7.77 6.88 -4.70
N VAL A 49 -7.35 7.56 -3.63
CA VAL A 49 -7.96 8.81 -3.23
C VAL A 49 -7.15 10.01 -3.71
N GLN A 50 -7.74 11.20 -3.60
CA GLN A 50 -7.08 12.43 -4.03
C GLN A 50 -7.14 13.49 -2.94
N ARG A 51 -5.97 13.94 -2.50
CA ARG A 51 -5.90 14.96 -1.46
C ARG A 51 -6.11 16.35 -2.04
N THR A 52 -6.10 17.36 -1.17
CA THR A 52 -6.29 18.74 -1.60
C THR A 52 -5.06 19.59 -1.31
N ILE A 53 -4.23 19.12 -0.37
CA ILE A 53 -3.01 19.82 0.00
C ILE A 53 -2.00 19.80 -1.14
N ASP A 54 -1.76 18.62 -1.69
CA ASP A 54 -0.82 18.46 -2.79
C ASP A 54 -1.51 17.88 -4.02
N ARG A 55 -2.81 17.65 -3.91
CA ARG A 55 -3.59 17.11 -5.02
C ARG A 55 -2.91 15.86 -5.60
N MET A 56 -2.23 15.11 -4.72
CA MET A 56 -1.54 13.90 -5.15
C MET A 56 -2.45 12.69 -5.03
N PHE A 57 -2.06 11.59 -5.65
CA PHE A 57 -2.85 10.36 -5.61
C PHE A 57 -2.18 9.31 -4.73
N CYS A 58 -2.99 8.54 -4.01
CA CYS A 58 -2.47 7.50 -3.13
C CYS A 58 -3.37 6.27 -3.16
N SER A 59 -2.79 5.14 -3.57
CA SER A 59 -3.54 3.89 -3.65
C SER A 59 -3.50 3.14 -2.32
N VAL A 60 -4.52 2.33 -2.08
CA VAL A 60 -4.61 1.55 -0.85
C VAL A 60 -5.30 0.21 -1.08
N VAL A 61 -4.54 -0.86 -1.04
CA VAL A 61 -5.08 -2.20 -1.26
C VAL A 61 -5.49 -2.83 0.06
N THR A 62 -6.40 -3.80 -0.01
CA THR A 62 -6.89 -4.49 1.17
C THR A 62 -6.96 -5.99 0.95
N VAL A 63 -6.28 -6.75 1.80
CA VAL A 63 -6.26 -8.20 1.70
C VAL A 63 -6.40 -8.86 3.07
N ALA A 64 -7.10 -9.98 3.12
CA ALA A 64 -7.30 -10.70 4.37
C ALA A 64 -7.79 -9.77 5.48
N GLU A 65 -8.76 -8.93 5.14
CA GLU A 65 -9.30 -7.98 6.11
C GLU A 65 -8.20 -7.07 6.67
N GLN A 66 -7.25 -6.71 5.81
CA GLN A 66 -6.15 -5.86 6.22
C GLN A 66 -5.84 -4.81 5.14
N LYS A 67 -5.84 -3.55 5.53
CA LYS A 67 -5.56 -2.46 4.61
C LYS A 67 -4.07 -2.14 4.58
N TYR A 68 -3.59 -1.70 3.42
CA TYR A 68 -2.17 -1.37 3.26
C TYR A 68 -2.02 -0.04 2.51
N GLN A 69 -1.53 0.97 3.22
CA GLN A 69 -1.32 2.29 2.62
C GLN A 69 0.08 2.80 2.90
N SER A 70 0.78 3.21 1.84
CA SER A 70 2.14 3.71 1.97
C SER A 70 2.14 5.19 2.36
N THR A 71 3.26 5.64 2.92
CA THR A 71 3.38 7.04 3.34
C THR A 71 3.96 7.90 2.22
N LEU A 72 3.90 7.39 0.99
CA LEU A 72 4.41 8.12 -0.16
C LEU A 72 3.38 8.16 -1.29
N TRP A 73 3.02 9.37 -1.69
CA TRP A 73 2.04 9.55 -2.77
C TRP A 73 2.68 9.30 -4.13
N ASP A 74 1.90 9.54 -5.19
CA ASP A 74 2.39 9.34 -6.54
C ASP A 74 1.93 10.47 -7.45
N LYS A 75 2.78 10.84 -8.42
CA LYS A 75 2.46 11.90 -9.35
C LYS A 75 1.14 11.63 -10.06
N SER A 76 0.93 10.38 -10.45
CA SER A 76 -0.30 10.00 -11.14
C SER A 76 -0.97 8.82 -10.44
N LYS A 77 -2.24 8.60 -10.75
CA LYS A 77 -3.00 7.50 -10.14
C LYS A 77 -2.40 6.15 -10.53
N LYS A 78 -2.38 5.86 -11.83
CA LYS A 78 -1.84 4.60 -12.33
C LYS A 78 -0.62 4.18 -11.51
N LEU A 79 0.33 5.09 -11.36
CA LEU A 79 1.54 4.80 -10.59
C LEU A 79 1.20 4.39 -9.16
N ALA A 80 0.34 5.16 -8.52
CA ALA A 80 -0.08 4.88 -7.16
C ALA A 80 -0.45 3.41 -6.99
N GLU A 81 -1.44 2.96 -7.76
CA GLU A 81 -1.89 1.58 -7.69
C GLU A 81 -0.71 0.63 -7.56
N GLN A 82 0.41 1.00 -8.18
CA GLN A 82 1.61 0.18 -8.13
C GLN A 82 2.18 0.12 -6.71
N THR A 83 2.35 1.28 -6.10
CA THR A 83 2.88 1.36 -4.74
C THR A 83 2.14 0.42 -3.80
N ALA A 84 0.81 0.51 -3.82
CA ALA A 84 -0.02 -0.34 -2.96
C ALA A 84 0.50 -1.77 -2.94
N ALA A 85 0.37 -2.46 -4.07
CA ALA A 85 0.82 -3.84 -4.18
C ALA A 85 2.12 -4.06 -3.41
N ILE A 86 3.18 -3.38 -3.83
CA ILE A 86 4.47 -3.50 -3.18
C ILE A 86 4.33 -3.44 -1.66
N VAL A 87 3.77 -2.34 -1.17
CA VAL A 87 3.57 -2.17 0.27
C VAL A 87 2.96 -3.42 0.89
N CYS A 88 2.00 -4.02 0.20
CA CYS A 88 1.34 -5.22 0.68
C CYS A 88 2.30 -6.40 0.70
N LEU A 89 2.71 -6.84 -0.50
CA LEU A 89 3.63 -7.96 -0.62
C LEU A 89 4.65 -7.97 0.51
N ARG A 90 5.26 -6.82 0.76
CA ARG A 90 6.25 -6.69 1.82
C ARG A 90 5.63 -6.99 3.18
N SER A 91 4.54 -6.31 3.49
CA SER A 91 3.85 -6.49 4.77
C SER A 91 3.53 -7.97 4.99
N GLN A 92 3.28 -8.68 3.91
CA GLN A 92 2.95 -10.10 3.99
C GLN A 92 4.21 -10.93 4.21
N GLY A 93 5.37 -10.36 3.89
CA GLY A 93 6.63 -11.06 4.07
C GLY A 93 7.01 -11.86 2.84
N LEU A 94 6.72 -11.33 1.66
CA LEU A 94 7.03 -11.99 0.41
C LEU A 94 8.36 -11.49 -0.16
N PRO A 95 9.05 -12.36 -0.91
CA PRO A 95 10.34 -12.03 -1.52
C PRO A 95 10.20 -11.00 -2.65
N GLU A 96 8.97 -10.54 -2.87
CA GLU A 96 8.70 -9.57 -3.92
C GLU A 96 9.03 -8.15 -3.45
N GLY A 97 10.12 -8.02 -2.70
CA GLY A 97 10.53 -6.72 -2.20
C GLY A 97 12.03 -6.57 -2.14
N ARG A 98 12.73 -7.67 -1.87
CA ARG A 98 14.18 -7.65 -1.78
C ARG A 98 14.78 -6.66 -2.77
N LEU A 99 14.14 -6.54 -3.93
CA LEU A 99 14.60 -5.63 -4.97
C LEU A 99 15.21 -4.36 -4.35
N GLY A 100 14.38 -3.60 -3.66
CA GLY A 100 14.85 -2.38 -3.04
C GLY A 100 14.67 -2.39 -1.53
N GLU A 101 14.88 -3.55 -0.92
CA GLU A 101 14.73 -3.69 0.52
C GLU A 101 15.48 -2.59 1.26
N GLU A 102 16.72 -2.35 0.86
CA GLU A 102 17.54 -1.31 1.48
C GLU A 102 16.69 -0.12 1.91
N SER A 103 16.47 0.01 3.21
CA SER A 103 15.66 1.10 3.75
C SER A 103 15.96 2.40 3.02
N PRO A 104 14.95 3.28 2.93
CA PRO A 104 15.09 4.58 2.25
C PRO A 104 15.98 5.54 3.03
N SER A 105 15.99 6.80 2.61
CA SER A 105 16.81 7.81 3.25
C SER A 105 15.93 8.82 4.00
N LEU A 106 15.70 8.57 5.28
CA LEU A 106 14.88 9.45 6.10
C LEU A 106 14.90 9.01 7.55
N ASN A 107 14.93 9.99 8.46
CA ASN A 107 14.94 9.69 9.90
C ASN A 107 13.82 10.44 10.61
N LYS A 108 12.60 10.26 10.13
CA LYS A 108 11.44 10.91 10.73
C LYS A 108 10.52 9.88 11.39
N ARG A 109 9.45 10.37 12.01
CA ARG A 109 8.50 9.50 12.69
C ARG A 109 7.07 9.97 12.45
N LYS A 110 6.22 9.07 11.98
CA LYS A 110 4.82 9.40 11.71
C LYS A 110 3.95 9.12 12.92
N ARG A 111 3.11 10.09 13.27
CA ARG A 111 2.23 9.96 14.42
C ARG A 111 1.00 9.12 14.07
N GLU A 112 0.60 8.25 14.98
CA GLU A 112 -0.56 7.38 14.76
C GLU A 112 -1.86 8.12 15.12
N ALA A 113 -2.97 7.63 14.59
CA ALA A 113 -4.27 8.23 14.86
C ALA A 113 -5.13 7.33 15.74
N PRO A 114 -5.62 7.87 16.86
CA PRO A 114 -6.46 7.14 17.80
C PRO A 114 -7.83 6.83 17.24
N ASP A 115 -8.19 7.49 16.15
CA ASP A 115 -9.47 7.29 15.50
C ASP A 115 -9.33 6.44 14.24
N GLN A 116 -9.98 5.29 14.22
CA GLN A 116 -9.92 4.39 13.08
C GLN A 116 -11.32 4.10 12.54
N ASP A 117 -12.24 5.02 12.77
CA ASP A 117 -13.62 4.86 12.32
C ASP A 117 -13.91 5.79 11.14
N PRO A 118 -14.72 5.30 10.19
CA PRO A 118 -15.09 6.07 9.00
C PRO A 118 -16.02 7.23 9.32
N GLY A 119 -16.34 7.39 10.61
CA GLY A 119 -17.21 8.47 11.03
C GLY A 119 -18.30 8.76 10.01
N GLY A 120 -19.08 7.74 9.67
CA GLY A 120 -20.15 7.91 8.71
C GLY A 120 -20.49 6.63 7.98
N PRO A 121 -21.42 5.85 8.55
CA PRO A 121 -21.84 4.58 7.96
C PRO A 121 -22.65 4.77 6.68
N ARG A 122 -22.12 4.27 5.57
CA ARG A 122 -22.79 4.40 4.28
C ARG A 122 -22.44 3.22 3.37
N SER A 123 -23.45 2.66 2.73
CA SER A 123 -23.25 1.52 1.83
C SER A 123 -23.00 2.00 0.40
N GLY A 124 -21.91 1.54 -0.19
CA GLY A 124 -21.58 1.93 -1.55
C GLY A 124 -22.76 1.78 -2.49
N PRO A 125 -22.60 2.27 -3.73
CA PRO A 125 -23.64 2.20 -4.75
C PRO A 125 -23.87 0.78 -5.26
N SER A 126 -24.74 0.65 -6.25
CA SER A 126 -25.05 -0.67 -6.82
C SER A 126 -23.89 -1.18 -7.66
N SER A 127 -23.52 -0.40 -8.68
CA SER A 127 -22.41 -0.78 -9.56
C SER A 127 -21.07 -0.66 -8.86
N GLY A 128 -20.62 -1.76 -8.27
CA GLY A 128 -19.35 -1.75 -7.56
C GLY A 128 -18.23 -2.38 -8.37
N GLY A 1 -19.44 -12.33 15.30
CA GLY A 1 -18.56 -12.89 16.30
C GLY A 1 -17.10 -12.80 15.90
N SER A 2 -16.26 -12.33 16.82
CA SER A 2 -14.83 -12.19 16.54
C SER A 2 -14.04 -12.10 17.85
N SER A 3 -13.09 -13.01 18.03
CA SER A 3 -12.26 -13.03 19.22
C SER A 3 -10.81 -12.67 18.90
N GLY A 4 -10.27 -11.70 19.63
CA GLY A 4 -8.90 -11.29 19.40
C GLY A 4 -8.70 -9.81 19.65
N SER A 5 -7.76 -9.48 20.53
CA SER A 5 -7.47 -8.09 20.86
C SER A 5 -6.52 -7.48 19.84
N SER A 6 -7.09 -6.80 18.84
CA SER A 6 -6.31 -6.16 17.80
C SER A 6 -5.42 -5.06 18.37
N GLY A 7 -4.51 -4.55 17.55
CA GLY A 7 -3.61 -3.50 18.00
C GLY A 7 -3.50 -2.37 17.00
N SER A 8 -3.36 -2.72 15.72
CA SER A 8 -3.24 -1.73 14.67
C SER A 8 -4.25 -1.99 13.55
N GLY A 9 -4.89 -0.92 13.07
CA GLY A 9 -5.87 -1.06 12.01
C GLY A 9 -5.23 -1.13 10.64
N ILE A 10 -4.96 0.04 10.05
CA ILE A 10 -4.36 0.11 8.73
C ILE A 10 -2.84 0.15 8.83
N ILE A 11 -2.18 -0.81 8.19
CA ILE A 11 -0.72 -0.88 8.21
C ILE A 11 -0.11 0.13 7.23
N LYS A 12 0.57 1.13 7.78
CA LYS A 12 1.20 2.16 6.95
C LYS A 12 2.71 1.95 6.88
N MET A 13 3.29 2.23 5.72
CA MET A 13 4.72 2.08 5.53
C MET A 13 5.22 2.96 4.38
N ALA A 14 6.44 3.47 4.53
CA ALA A 14 7.03 4.33 3.51
C ALA A 14 7.60 3.51 2.36
N ILE A 15 6.90 3.52 1.23
CA ILE A 15 7.34 2.77 0.06
C ILE A 15 7.03 3.54 -1.23
N ARG A 16 7.92 3.42 -2.20
CA ARG A 16 7.75 4.10 -3.48
C ARG A 16 7.87 3.12 -4.64
N PHE A 17 6.75 2.85 -5.30
CA PHE A 17 6.73 1.93 -6.44
C PHE A 17 7.88 2.22 -7.40
N ASP A 18 8.30 1.20 -8.14
CA ASP A 18 9.38 1.35 -9.10
C ASP A 18 9.12 0.51 -10.35
N ARG A 19 9.67 0.96 -11.47
CA ARG A 19 9.50 0.26 -12.74
C ARG A 19 10.60 -0.77 -12.95
N ARG A 20 11.84 -0.31 -12.99
CA ARG A 20 12.98 -1.19 -13.18
C ARG A 20 12.79 -2.50 -12.41
N ALA A 21 12.43 -2.38 -11.14
CA ALA A 21 12.22 -3.55 -10.29
C ALA A 21 11.56 -4.68 -11.07
N TYR A 22 10.58 -4.33 -11.90
CA TYR A 22 9.86 -5.31 -12.70
C TYR A 22 9.95 -4.98 -14.18
N PRO A 23 9.89 -6.01 -15.03
CA PRO A 23 9.96 -5.85 -16.49
C PRO A 23 8.71 -5.18 -17.06
N PRO A 24 8.81 -4.71 -18.31
CA PRO A 24 7.70 -4.04 -18.99
C PRO A 24 6.57 -5.01 -19.34
N GLN A 25 6.76 -6.28 -19.00
CA GLN A 25 5.75 -7.29 -19.28
C GLN A 25 5.13 -7.81 -17.99
N ILE A 26 5.68 -7.38 -16.86
CA ILE A 26 5.17 -7.80 -15.56
C ILE A 26 4.97 -6.60 -14.64
N THR A 27 3.95 -6.68 -13.78
CA THR A 27 3.65 -5.60 -12.86
C THR A 27 3.52 -6.13 -11.43
N PRO A 28 3.67 -5.23 -10.45
CA PRO A 28 3.58 -5.58 -9.03
C PRO A 28 2.14 -5.93 -8.62
N LYS A 29 1.17 -5.40 -9.36
CA LYS A 29 -0.24 -5.65 -9.07
C LYS A 29 -0.59 -7.11 -9.37
N MET A 30 0.04 -7.67 -10.39
CA MET A 30 -0.21 -9.04 -10.79
C MET A 30 0.55 -10.02 -9.88
N CYS A 31 1.72 -9.60 -9.43
CA CYS A 31 2.55 -10.44 -8.56
C CYS A 31 1.77 -10.85 -7.32
N LEU A 32 1.12 -9.88 -6.68
CA LEU A 32 0.34 -10.15 -5.47
C LEU A 32 -0.89 -11.01 -5.80
N LEU A 33 -1.51 -10.73 -6.93
CA LEU A 33 -2.70 -11.48 -7.36
C LEU A 33 -2.43 -12.98 -7.34
N GLU A 34 -1.42 -13.42 -8.09
CA GLU A 34 -1.06 -14.83 -8.15
C GLU A 34 -0.87 -15.39 -6.75
N TRP A 35 -0.41 -14.56 -5.83
CA TRP A 35 -0.19 -14.98 -4.45
C TRP A 35 -1.51 -15.21 -3.73
N CYS A 36 -2.51 -14.39 -4.05
CA CYS A 36 -3.82 -14.51 -3.44
C CYS A 36 -4.42 -15.89 -3.68
N ARG A 37 -4.43 -16.31 -4.94
CA ARG A 37 -4.97 -17.61 -5.31
C ARG A 37 -4.40 -18.72 -4.42
N ARG A 38 -3.08 -18.77 -4.34
CA ARG A 38 -2.40 -19.77 -3.52
C ARG A 38 -2.93 -19.76 -2.10
N GLU A 39 -3.00 -18.57 -1.50
CA GLU A 39 -3.49 -18.42 -0.14
C GLU A 39 -5.02 -18.44 -0.10
N LYS A 40 -5.63 -18.86 -1.21
CA LYS A 40 -7.07 -18.93 -1.29
C LYS A 40 -7.71 -17.64 -0.78
N LEU A 41 -7.07 -16.52 -1.05
CA LEU A 41 -7.57 -15.22 -0.62
C LEU A 41 -8.36 -14.54 -1.73
N PRO A 42 -9.40 -13.78 -1.34
CA PRO A 42 -10.26 -13.07 -2.30
C PRO A 42 -9.54 -11.89 -2.94
N GLN A 43 -9.72 -11.74 -4.25
CA GLN A 43 -9.08 -10.65 -4.99
C GLN A 43 -9.05 -9.38 -4.16
N PRO A 44 -7.89 -8.69 -4.20
CA PRO A 44 -7.70 -7.44 -3.46
C PRO A 44 -8.53 -6.29 -4.01
N VAL A 45 -8.43 -5.13 -3.38
CA VAL A 45 -9.18 -3.95 -3.81
C VAL A 45 -8.28 -2.72 -3.86
N TYR A 46 -8.12 -2.16 -5.06
CA TYR A 46 -7.28 -0.99 -5.24
C TYR A 46 -8.13 0.28 -5.29
N GLU A 47 -7.83 1.23 -4.40
CA GLU A 47 -8.56 2.48 -4.35
C GLU A 47 -7.61 3.67 -4.23
N THR A 48 -7.65 4.55 -5.22
CA THR A 48 -6.78 5.73 -5.23
C THR A 48 -7.58 7.01 -5.03
N VAL A 49 -7.29 7.72 -3.94
CA VAL A 49 -7.99 8.96 -3.63
C VAL A 49 -7.13 10.17 -4.00
N GLN A 50 -7.75 11.35 -3.96
CA GLN A 50 -7.05 12.59 -4.28
C GLN A 50 -7.14 13.59 -3.14
N ARG A 51 -6.01 13.90 -2.53
CA ARG A 51 -5.96 14.84 -1.42
C ARG A 51 -6.09 16.28 -1.92
N THR A 52 -6.09 17.22 -0.99
CA THR A 52 -6.22 18.64 -1.33
C THR A 52 -4.98 19.42 -0.90
N ILE A 53 -4.26 18.88 0.08
CA ILE A 53 -3.05 19.53 0.58
C ILE A 53 -1.99 19.63 -0.52
N ASP A 54 -1.65 18.50 -1.12
CA ASP A 54 -0.66 18.46 -2.19
C ASP A 54 -1.29 18.02 -3.50
N ARG A 55 -2.62 17.95 -3.53
CA ARG A 55 -3.34 17.54 -4.72
C ARG A 55 -2.67 16.34 -5.39
N MET A 56 -2.12 15.45 -4.56
CA MET A 56 -1.44 14.27 -5.07
C MET A 56 -2.38 13.07 -5.08
N PHE A 57 -1.86 11.92 -5.50
CA PHE A 57 -2.66 10.70 -5.57
C PHE A 57 -2.01 9.58 -4.77
N CYS A 58 -2.84 8.73 -4.16
CA CYS A 58 -2.34 7.61 -3.37
C CYS A 58 -3.31 6.44 -3.40
N SER A 59 -2.78 5.25 -3.64
CA SER A 59 -3.62 4.05 -3.70
C SER A 59 -3.50 3.24 -2.42
N VAL A 60 -4.51 2.42 -2.14
CA VAL A 60 -4.53 1.60 -0.95
C VAL A 60 -5.16 0.24 -1.22
N VAL A 61 -4.37 -0.82 -1.09
CA VAL A 61 -4.85 -2.17 -1.33
C VAL A 61 -5.37 -2.80 -0.05
N THR A 62 -6.30 -3.74 -0.19
CA THR A 62 -6.88 -4.42 0.97
C THR A 62 -6.91 -5.93 0.76
N VAL A 63 -6.39 -6.67 1.74
CA VAL A 63 -6.36 -8.12 1.67
C VAL A 63 -6.51 -8.75 3.05
N ALA A 64 -7.36 -9.78 3.13
CA ALA A 64 -7.59 -10.47 4.39
C ALA A 64 -8.04 -9.49 5.48
N GLU A 65 -9.03 -8.68 5.15
CA GLU A 65 -9.56 -7.70 6.09
C GLU A 65 -8.44 -6.81 6.63
N GLN A 66 -7.46 -6.49 5.77
CA GLN A 66 -6.34 -5.66 6.17
C GLN A 66 -6.05 -4.61 5.10
N LYS A 67 -6.00 -3.35 5.52
CA LYS A 67 -5.72 -2.25 4.60
C LYS A 67 -4.24 -1.88 4.61
N TYR A 68 -3.67 -1.70 3.43
CA TYR A 68 -2.26 -1.35 3.31
C TYR A 68 -2.09 -0.03 2.55
N GLN A 69 -1.63 1.00 3.25
CA GLN A 69 -1.42 2.31 2.64
C GLN A 69 0.04 2.74 2.78
N SER A 70 0.54 3.42 1.74
CA SER A 70 1.92 3.88 1.75
C SER A 70 2.00 5.33 2.22
N THR A 71 3.07 5.65 2.94
CA THR A 71 3.26 7.01 3.46
C THR A 71 3.93 7.90 2.41
N LEU A 72 3.96 7.43 1.17
CA LEU A 72 4.57 8.18 0.08
C LEU A 72 3.62 8.26 -1.12
N TRP A 73 3.15 9.46 -1.42
CA TRP A 73 2.24 9.67 -2.53
C TRP A 73 2.97 9.56 -3.86
N ASP A 74 2.23 9.54 -4.95
CA ASP A 74 2.82 9.45 -6.28
C ASP A 74 2.40 10.64 -7.15
N LYS A 75 3.18 10.89 -8.19
CA LYS A 75 2.89 12.00 -9.10
C LYS A 75 1.65 11.72 -9.94
N SER A 76 1.46 10.45 -10.30
CA SER A 76 0.31 10.06 -11.10
C SER A 76 -0.45 8.92 -10.42
N LYS A 77 -1.77 8.92 -10.58
CA LYS A 77 -2.61 7.89 -9.98
C LYS A 77 -2.11 6.49 -10.36
N LYS A 78 -2.00 6.23 -11.66
CA LYS A 78 -1.54 4.94 -12.15
C LYS A 78 -0.41 4.41 -11.27
N LEU A 79 0.55 5.27 -10.96
CA LEU A 79 1.69 4.88 -10.12
C LEU A 79 1.23 4.52 -8.72
N ALA A 80 0.41 5.40 -8.12
CA ALA A 80 -0.09 5.17 -6.78
C ALA A 80 -0.53 3.72 -6.60
N GLU A 81 -1.27 3.20 -7.56
CA GLU A 81 -1.76 1.83 -7.50
C GLU A 81 -0.59 0.86 -7.37
N GLN A 82 0.31 0.87 -8.35
CA GLN A 82 1.45 -0.01 -8.34
C GLN A 82 2.05 -0.13 -6.94
N THR A 83 2.13 1.00 -6.24
CA THR A 83 2.67 1.03 -4.89
C THR A 83 1.92 0.06 -3.98
N ALA A 84 0.60 0.16 -3.97
CA ALA A 84 -0.23 -0.70 -3.14
C ALA A 84 0.33 -2.11 -3.10
N ALA A 85 0.24 -2.81 -4.23
CA ALA A 85 0.73 -4.18 -4.32
C ALA A 85 2.00 -4.37 -3.49
N ILE A 86 3.10 -3.78 -3.95
CA ILE A 86 4.37 -3.88 -3.24
C ILE A 86 4.17 -3.79 -1.73
N VAL A 87 3.68 -2.64 -1.27
CA VAL A 87 3.44 -2.42 0.16
C VAL A 87 2.86 -3.68 0.81
N CYS A 88 1.96 -4.35 0.09
CA CYS A 88 1.34 -5.56 0.60
C CYS A 88 2.34 -6.70 0.70
N LEU A 89 2.84 -7.15 -0.45
CA LEU A 89 3.81 -8.24 -0.49
C LEU A 89 4.75 -8.18 0.72
N ARG A 90 5.12 -6.97 1.11
CA ARG A 90 6.00 -6.77 2.24
C ARG A 90 5.26 -6.95 3.56
N SER A 91 4.09 -6.34 3.65
CA SER A 91 3.27 -6.43 4.86
C SER A 91 2.91 -7.88 5.16
N GLN A 92 2.64 -8.65 4.11
CA GLN A 92 2.29 -10.05 4.27
C GLN A 92 3.46 -10.86 4.80
N GLY A 93 4.67 -10.34 4.62
CA GLY A 93 5.86 -11.02 5.09
C GLY A 93 6.60 -11.74 3.97
N LEU A 94 6.45 -11.24 2.76
CA LEU A 94 7.11 -11.83 1.59
C LEU A 94 8.34 -11.01 1.18
N PRO A 95 9.35 -11.71 0.66
CA PRO A 95 10.60 -11.07 0.21
C PRO A 95 10.39 -10.22 -1.04
N GLU A 96 9.79 -10.81 -2.06
CA GLU A 96 9.54 -10.10 -3.31
C GLU A 96 10.65 -9.09 -3.60
N GLY A 97 11.89 -9.49 -3.35
CA GLY A 97 13.01 -8.61 -3.58
C GLY A 97 14.04 -9.22 -4.50
N ARG A 98 14.13 -10.55 -4.51
CA ARG A 98 15.08 -11.26 -5.36
C ARG A 98 15.29 -10.52 -6.67
N LEU A 99 14.19 -10.03 -7.25
CA LEU A 99 14.25 -9.31 -8.51
C LEU A 99 15.54 -8.49 -8.62
N GLY A 100 15.68 -7.52 -7.71
CA GLY A 100 16.87 -6.68 -7.71
C GLY A 100 17.36 -6.38 -6.31
N GLU A 101 17.31 -7.38 -5.43
CA GLU A 101 17.75 -7.22 -4.05
C GLU A 101 18.94 -6.25 -3.98
N GLU A 102 19.88 -6.40 -4.90
CA GLU A 102 21.06 -5.54 -4.93
C GLU A 102 20.70 -4.11 -4.53
N SER A 103 21.47 -3.55 -3.60
CA SER A 103 21.24 -2.19 -3.13
C SER A 103 21.72 -1.17 -4.14
N PRO A 104 20.78 -0.39 -4.70
CA PRO A 104 21.10 0.64 -5.69
C PRO A 104 21.86 1.82 -5.09
N SER A 105 21.95 2.91 -5.85
CA SER A 105 22.65 4.10 -5.37
C SER A 105 21.70 5.01 -4.60
N LEU A 106 22.27 5.99 -3.89
CA LEU A 106 21.47 6.92 -3.10
C LEU A 106 21.58 8.33 -3.67
N ASN A 107 20.55 9.13 -3.44
CA ASN A 107 20.52 10.51 -3.92
C ASN A 107 19.41 11.30 -3.25
N LYS A 108 19.42 12.62 -3.45
CA LYS A 108 18.40 13.48 -2.87
C LYS A 108 17.01 12.98 -3.19
N ARG A 109 16.07 13.21 -2.26
CA ARG A 109 14.69 12.78 -2.45
C ARG A 109 13.72 13.88 -2.02
N LYS A 110 13.06 14.50 -2.99
CA LYS A 110 12.10 15.56 -2.71
C LYS A 110 11.25 15.22 -1.49
N ARG A 111 11.29 16.08 -0.48
CA ARG A 111 10.53 15.87 0.75
C ARG A 111 9.03 15.87 0.45
N GLU A 112 8.24 15.71 1.50
CA GLU A 112 6.78 15.69 1.36
C GLU A 112 6.10 15.96 2.69
N ALA A 113 4.96 16.66 2.63
CA ALA A 113 4.21 17.00 3.84
C ALA A 113 3.28 15.85 4.23
N PRO A 114 3.26 15.53 5.54
CA PRO A 114 2.41 14.46 6.07
C PRO A 114 0.93 14.81 6.04
N ASP A 115 0.10 13.82 5.74
CA ASP A 115 -1.34 14.04 5.69
C ASP A 115 -1.98 13.78 7.05
N GLN A 116 -2.73 14.77 7.54
CA GLN A 116 -3.40 14.64 8.83
C GLN A 116 -4.85 14.19 8.66
N ASP A 117 -5.44 14.57 7.54
CA ASP A 117 -6.83 14.21 7.25
C ASP A 117 -6.92 13.37 5.98
N PRO A 118 -6.63 12.07 6.10
CA PRO A 118 -6.67 11.14 4.97
C PRO A 118 -8.09 10.88 4.48
N GLY A 119 -9.07 11.27 5.29
CA GLY A 119 -10.46 11.07 4.92
C GLY A 119 -10.99 9.73 5.36
N GLY A 120 -10.44 8.66 4.80
CA GLY A 120 -10.88 7.32 5.14
C GLY A 120 -12.06 6.86 4.31
N PRO A 121 -11.77 6.33 3.11
CA PRO A 121 -12.80 5.85 2.19
C PRO A 121 -13.47 4.57 2.69
N ARG A 122 -14.80 4.60 2.78
CA ARG A 122 -15.55 3.45 3.24
C ARG A 122 -16.95 3.43 2.62
N SER A 123 -17.26 2.35 1.91
CA SER A 123 -18.57 2.22 1.26
C SER A 123 -19.17 0.85 1.55
N GLY A 124 -20.24 0.84 2.35
CA GLY A 124 -20.90 -0.40 2.69
C GLY A 124 -22.13 -0.19 3.55
N PRO A 125 -23.18 0.40 2.95
CA PRO A 125 -24.44 0.66 3.64
C PRO A 125 -25.21 -0.61 3.97
N SER A 126 -24.96 -1.67 3.20
CA SER A 126 -25.63 -2.94 3.42
C SER A 126 -25.84 -3.20 4.90
N SER A 127 -27.11 -3.17 5.32
CA SER A 127 -27.45 -3.41 6.72
C SER A 127 -27.40 -4.89 7.05
N GLY A 128 -26.72 -5.23 8.15
CA GLY A 128 -26.61 -6.61 8.56
C GLY A 128 -26.73 -6.78 10.06
N GLY A 1 4.62 -16.37 24.47
CA GLY A 1 3.32 -15.74 24.31
C GLY A 1 3.18 -15.02 22.99
N SER A 2 2.10 -14.24 22.86
CA SER A 2 1.84 -13.50 21.63
C SER A 2 2.12 -12.01 21.83
N SER A 3 3.21 -11.54 21.24
CA SER A 3 3.59 -10.14 21.36
C SER A 3 3.36 -9.40 20.04
N GLY A 4 2.63 -8.28 20.11
CA GLY A 4 2.36 -7.50 18.92
C GLY A 4 1.94 -6.09 19.24
N SER A 5 1.09 -5.51 18.39
CA SER A 5 0.61 -4.15 18.59
C SER A 5 -0.80 -4.14 19.16
N SER A 6 -1.03 -3.27 20.14
CA SER A 6 -2.34 -3.17 20.78
C SER A 6 -3.39 -2.72 19.77
N GLY A 7 -3.20 -1.54 19.20
CA GLY A 7 -4.14 -1.01 18.23
C GLY A 7 -3.91 -1.57 16.84
N SER A 8 -4.88 -2.35 16.35
CA SER A 8 -4.77 -2.96 15.03
C SER A 8 -5.66 -2.23 14.03
N GLY A 9 -5.05 -1.65 13.00
CA GLY A 9 -5.81 -0.94 11.99
C GLY A 9 -5.18 -1.04 10.61
N ILE A 10 -4.72 0.09 10.09
CA ILE A 10 -4.09 0.13 8.77
C ILE A 10 -2.58 0.23 8.89
N ILE A 11 -1.88 -0.71 8.26
CA ILE A 11 -0.43 -0.73 8.29
C ILE A 11 0.16 0.25 7.27
N LYS A 12 0.83 1.27 7.76
CA LYS A 12 1.44 2.29 6.90
C LYS A 12 2.95 2.10 6.83
N MET A 13 3.51 2.31 5.65
CA MET A 13 4.95 2.16 5.45
C MET A 13 5.44 3.07 4.31
N ALA A 14 6.63 3.62 4.48
CA ALA A 14 7.20 4.50 3.47
C ALA A 14 7.86 3.69 2.35
N ILE A 15 7.25 3.71 1.17
CA ILE A 15 7.79 2.98 0.03
C ILE A 15 7.47 3.70 -1.28
N ARG A 16 8.35 3.54 -2.26
CA ARG A 16 8.17 4.19 -3.55
C ARG A 16 8.25 3.16 -4.68
N PHE A 17 7.12 2.92 -5.34
CA PHE A 17 7.05 1.96 -6.44
C PHE A 17 8.35 1.99 -7.26
N ASP A 18 8.78 0.82 -7.72
CA ASP A 18 10.00 0.71 -8.50
C ASP A 18 9.73 -0.04 -9.81
N ARG A 19 10.09 0.57 -10.92
CA ARG A 19 9.88 -0.04 -12.24
C ARG A 19 10.87 -1.19 -12.46
N ARG A 20 12.15 -0.85 -12.49
CA ARG A 20 13.19 -1.84 -12.70
C ARG A 20 12.88 -3.13 -11.94
N ALA A 21 12.51 -2.98 -10.68
CA ALA A 21 12.18 -4.13 -9.84
C ALA A 21 11.43 -5.20 -10.63
N TYR A 22 10.49 -4.75 -11.47
CA TYR A 22 9.70 -5.65 -12.28
C TYR A 22 9.86 -5.34 -13.76
N PRO A 23 9.72 -6.38 -14.60
CA PRO A 23 9.84 -6.24 -16.06
C PRO A 23 8.68 -5.46 -16.68
N PRO A 24 8.86 -5.05 -17.94
CA PRO A 24 7.83 -4.28 -18.66
C PRO A 24 6.61 -5.12 -18.99
N GLN A 25 6.64 -6.39 -18.60
CA GLN A 25 5.52 -7.31 -18.85
C GLN A 25 4.87 -7.75 -17.54
N ILE A 26 5.50 -7.39 -16.42
CA ILE A 26 4.98 -7.75 -15.11
C ILE A 26 4.96 -6.54 -14.18
N THR A 27 3.84 -6.35 -13.50
CA THR A 27 3.69 -5.23 -12.58
C THR A 27 3.60 -5.72 -11.13
N PRO A 28 3.84 -4.80 -10.19
CA PRO A 28 3.80 -5.11 -8.75
C PRO A 28 2.38 -5.39 -8.26
N LYS A 29 1.41 -4.70 -8.85
CA LYS A 29 0.01 -4.88 -8.47
C LYS A 29 -0.50 -6.25 -8.90
N MET A 30 -0.18 -6.64 -10.13
CA MET A 30 -0.60 -7.94 -10.65
C MET A 30 0.07 -9.08 -9.89
N CYS A 31 1.25 -8.81 -9.35
CA CYS A 31 2.00 -9.81 -8.59
C CYS A 31 1.21 -10.26 -7.36
N LEU A 32 0.68 -9.28 -6.63
CA LEU A 32 -0.09 -9.58 -5.42
C LEU A 32 -1.28 -10.48 -5.74
N LEU A 33 -1.98 -10.16 -6.82
CA LEU A 33 -3.14 -10.95 -7.24
C LEU A 33 -2.75 -12.39 -7.52
N GLU A 34 -1.61 -12.57 -8.18
CA GLU A 34 -1.12 -13.91 -8.51
C GLU A 34 -0.77 -14.69 -7.25
N TRP A 35 -0.60 -13.97 -6.15
CA TRP A 35 -0.27 -14.60 -4.87
C TRP A 35 -1.53 -14.93 -4.08
N CYS A 36 -2.58 -14.17 -4.31
CA CYS A 36 -3.85 -14.39 -3.63
C CYS A 36 -4.62 -15.53 -4.26
N ARG A 37 -4.43 -15.72 -5.56
CA ARG A 37 -5.11 -16.78 -6.28
C ARG A 37 -4.69 -18.16 -5.78
N ARG A 38 -3.44 -18.26 -5.35
CA ARG A 38 -2.90 -19.51 -4.85
C ARG A 38 -3.23 -19.68 -3.37
N GLU A 39 -3.20 -18.58 -2.63
CA GLU A 39 -3.49 -18.61 -1.20
C GLU A 39 -4.99 -18.75 -0.95
N LYS A 40 -5.75 -18.85 -2.03
CA LYS A 40 -7.20 -18.99 -1.93
C LYS A 40 -7.82 -17.79 -1.21
N LEU A 41 -7.14 -16.65 -1.28
CA LEU A 41 -7.62 -15.44 -0.63
C LEU A 41 -8.51 -14.64 -1.58
N PRO A 42 -9.42 -13.83 -1.00
CA PRO A 42 -10.35 -13.00 -1.77
C PRO A 42 -9.64 -11.85 -2.49
N GLN A 43 -10.04 -11.61 -3.73
CA GLN A 43 -9.45 -10.54 -4.52
C GLN A 43 -9.29 -9.27 -3.69
N PRO A 44 -8.16 -8.57 -3.89
CA PRO A 44 -7.87 -7.33 -3.17
C PRO A 44 -8.78 -6.17 -3.60
N VAL A 45 -8.56 -5.01 -3.02
CA VAL A 45 -9.35 -3.83 -3.34
C VAL A 45 -8.48 -2.59 -3.44
N TYR A 46 -8.24 -2.13 -4.67
CA TYR A 46 -7.42 -0.96 -4.91
C TYR A 46 -8.27 0.31 -4.94
N GLU A 47 -7.97 1.25 -4.04
CA GLU A 47 -8.71 2.50 -3.96
C GLU A 47 -7.76 3.69 -4.00
N THR A 48 -7.82 4.45 -5.09
CA THR A 48 -6.96 5.62 -5.26
C THR A 48 -7.74 6.90 -5.00
N VAL A 49 -7.38 7.60 -3.93
CA VAL A 49 -8.05 8.85 -3.57
C VAL A 49 -7.21 10.05 -3.98
N GLN A 50 -7.84 11.22 -4.02
CA GLN A 50 -7.15 12.44 -4.41
C GLN A 50 -7.28 13.51 -3.33
N ARG A 51 -6.15 13.93 -2.77
CA ARG A 51 -6.14 14.94 -1.72
C ARG A 51 -6.34 16.33 -2.31
N THR A 52 -6.44 17.33 -1.44
CA THR A 52 -6.63 18.71 -1.86
C THR A 52 -5.42 19.57 -1.54
N ILE A 53 -4.59 19.09 -0.61
CA ILE A 53 -3.39 19.81 -0.21
C ILE A 53 -2.32 19.76 -1.31
N ASP A 54 -2.02 18.55 -1.77
CA ASP A 54 -1.02 18.36 -2.82
C ASP A 54 -1.64 17.70 -4.04
N ARG A 55 -2.97 17.71 -4.11
CA ARG A 55 -3.69 17.10 -5.23
C ARG A 55 -2.97 15.86 -5.73
N MET A 56 -2.30 15.15 -4.81
CA MET A 56 -1.57 13.94 -5.17
C MET A 56 -2.49 12.72 -5.13
N PHE A 57 -2.04 11.63 -5.74
CA PHE A 57 -2.83 10.41 -5.78
C PHE A 57 -2.22 9.34 -4.86
N CYS A 58 -3.08 8.63 -4.14
CA CYS A 58 -2.63 7.59 -3.23
C CYS A 58 -3.58 6.39 -3.26
N SER A 59 -3.03 5.21 -3.46
CA SER A 59 -3.82 3.99 -3.51
C SER A 59 -3.66 3.18 -2.22
N VAL A 60 -4.65 2.34 -1.94
CA VAL A 60 -4.62 1.51 -0.75
C VAL A 60 -5.23 0.13 -1.02
N VAL A 61 -4.38 -0.90 -1.02
CA VAL A 61 -4.83 -2.26 -1.26
C VAL A 61 -5.25 -2.94 0.04
N THR A 62 -6.24 -3.82 -0.05
CA THR A 62 -6.74 -4.54 1.11
C THR A 62 -6.78 -6.04 0.86
N VAL A 63 -6.07 -6.80 1.67
CA VAL A 63 -6.03 -8.25 1.53
C VAL A 63 -6.06 -8.93 2.90
N ALA A 64 -6.84 -10.00 3.01
CA ALA A 64 -6.96 -10.74 4.25
C ALA A 64 -7.41 -9.84 5.40
N GLU A 65 -8.48 -9.09 5.16
CA GLU A 65 -9.02 -8.18 6.16
C GLU A 65 -7.93 -7.25 6.70
N GLN A 66 -7.02 -6.85 5.82
CA GLN A 66 -5.93 -5.96 6.20
C GLN A 66 -5.68 -4.91 5.12
N LYS A 67 -5.59 -3.65 5.55
CA LYS A 67 -5.35 -2.55 4.62
C LYS A 67 -3.88 -2.17 4.59
N TYR A 68 -3.35 -1.95 3.40
CA TYR A 68 -1.96 -1.58 3.22
C TYR A 68 -1.82 -0.30 2.41
N GLN A 69 -1.37 0.77 3.07
CA GLN A 69 -1.20 2.05 2.41
C GLN A 69 0.22 2.59 2.61
N SER A 70 0.78 3.19 1.57
CA SER A 70 2.13 3.74 1.64
C SER A 70 2.10 5.19 2.12
N THR A 71 3.10 5.56 2.92
CA THR A 71 3.19 6.91 3.47
C THR A 71 3.77 7.87 2.42
N LEU A 72 3.85 7.41 1.19
CA LEU A 72 4.38 8.22 0.10
C LEU A 72 3.45 8.23 -1.10
N TRP A 73 2.94 9.41 -1.43
CA TRP A 73 2.02 9.55 -2.57
C TRP A 73 2.75 9.33 -3.88
N ASP A 74 2.03 9.47 -5.00
CA ASP A 74 2.61 9.29 -6.32
C ASP A 74 2.20 10.42 -7.25
N LYS A 75 3.05 10.72 -8.22
CA LYS A 75 2.79 11.78 -9.19
C LYS A 75 1.49 11.51 -9.95
N SER A 76 1.31 10.27 -10.37
CA SER A 76 0.11 9.89 -11.12
C SER A 76 -0.72 8.88 -10.32
N LYS A 77 -1.96 8.69 -10.75
CA LYS A 77 -2.86 7.76 -10.08
C LYS A 77 -2.47 6.32 -10.40
N LYS A 78 -2.18 6.04 -11.66
CA LYS A 78 -1.80 4.70 -12.09
C LYS A 78 -0.65 4.18 -11.24
N LEU A 79 0.37 5.01 -11.04
CA LEU A 79 1.53 4.62 -10.24
C LEU A 79 1.12 4.26 -8.82
N ALA A 80 0.43 5.18 -8.16
CA ALA A 80 -0.03 4.95 -6.79
C ALA A 80 -0.46 3.50 -6.59
N GLU A 81 -1.23 2.98 -7.53
CA GLU A 81 -1.70 1.60 -7.45
C GLU A 81 -0.53 0.62 -7.35
N GLN A 82 0.40 0.71 -8.30
CA GLN A 82 1.57 -0.16 -8.30
C GLN A 82 2.23 -0.20 -6.93
N THR A 83 2.37 0.97 -6.31
CA THR A 83 2.99 1.06 -4.99
C THR A 83 2.24 0.19 -3.98
N ALA A 84 0.92 0.22 -4.05
CA ALA A 84 0.10 -0.56 -3.13
C ALA A 84 0.63 -1.98 -2.99
N ALA A 85 0.63 -2.73 -4.09
CA ALA A 85 1.13 -4.10 -4.08
C ALA A 85 2.39 -4.22 -3.22
N ILE A 86 3.49 -3.66 -3.71
CA ILE A 86 4.75 -3.71 -2.99
C ILE A 86 4.53 -3.59 -1.48
N VAL A 87 3.99 -2.47 -1.05
CA VAL A 87 3.73 -2.24 0.36
C VAL A 87 3.05 -3.45 1.00
N CYS A 88 2.17 -4.09 0.25
CA CYS A 88 1.46 -5.27 0.74
C CYS A 88 2.37 -6.48 0.78
N LEU A 89 2.83 -6.90 -0.40
CA LEU A 89 3.72 -8.06 -0.51
C LEU A 89 4.68 -8.12 0.67
N ARG A 90 5.17 -6.96 1.09
CA ARG A 90 6.09 -6.88 2.21
C ARG A 90 5.36 -7.00 3.55
N SER A 91 4.21 -6.33 3.63
CA SER A 91 3.40 -6.36 4.84
C SER A 91 2.97 -7.78 5.19
N GLN A 92 2.70 -8.57 4.15
CA GLN A 92 2.27 -9.95 4.33
C GLN A 92 3.43 -10.81 4.82
N GLY A 93 4.66 -10.37 4.55
CA GLY A 93 5.83 -11.12 4.97
C GLY A 93 6.50 -11.83 3.81
N LEU A 94 6.12 -11.46 2.58
CA LEU A 94 6.68 -12.07 1.40
C LEU A 94 7.93 -11.33 0.94
N PRO A 95 8.90 -12.07 0.37
CA PRO A 95 10.15 -11.50 -0.12
C PRO A 95 9.95 -10.63 -1.36
N GLU A 96 9.28 -11.18 -2.37
CA GLU A 96 9.02 -10.46 -3.60
C GLU A 96 10.16 -9.50 -3.91
N GLY A 97 11.39 -9.93 -3.64
CA GLY A 97 12.55 -9.11 -3.90
C GLY A 97 13.54 -9.77 -4.83
N ARG A 98 13.55 -11.10 -4.82
CA ARG A 98 14.46 -11.86 -5.67
C ARG A 98 14.70 -11.14 -7.00
N LEU A 99 13.67 -10.44 -7.48
CA LEU A 99 13.76 -9.71 -8.74
C LEU A 99 15.06 -8.91 -8.81
N GLY A 100 15.25 -8.01 -7.85
CA GLY A 100 16.44 -7.20 -7.81
C GLY A 100 17.34 -7.54 -6.64
N GLU A 101 17.58 -8.83 -6.44
CA GLU A 101 18.43 -9.28 -5.34
C GLU A 101 19.86 -9.54 -5.82
N GLU A 102 19.98 -10.29 -6.91
CA GLU A 102 21.29 -10.60 -7.48
C GLU A 102 22.16 -9.35 -7.58
N SER A 103 23.47 -9.54 -7.56
CA SER A 103 24.40 -8.42 -7.65
C SER A 103 23.95 -7.41 -8.70
N PRO A 104 24.14 -6.12 -8.41
CA PRO A 104 23.75 -5.03 -9.31
C PRO A 104 24.63 -4.98 -10.55
N SER A 105 24.04 -5.29 -11.70
CA SER A 105 24.77 -5.28 -12.96
C SER A 105 24.19 -4.24 -13.92
N LEU A 106 24.72 -3.03 -13.86
CA LEU A 106 24.25 -1.95 -14.72
C LEU A 106 25.25 -0.79 -14.73
N ASN A 107 25.31 -0.08 -15.86
CA ASN A 107 26.22 1.04 -16.00
C ASN A 107 25.55 2.19 -16.74
N LYS A 108 25.83 3.42 -16.29
CA LYS A 108 25.25 4.61 -16.92
C LYS A 108 26.02 5.86 -16.51
N ARG A 109 26.56 6.56 -17.48
CA ARG A 109 27.32 7.79 -17.22
C ARG A 109 26.42 8.85 -16.60
N LYS A 110 26.70 9.20 -15.35
CA LYS A 110 25.92 10.21 -14.65
C LYS A 110 26.83 11.24 -13.99
N ARG A 111 26.23 12.25 -13.37
CA ARG A 111 26.99 13.30 -12.71
C ARG A 111 26.78 13.25 -11.19
N GLU A 112 27.70 13.85 -10.45
CA GLU A 112 27.61 13.88 -8.99
C GLU A 112 26.16 13.98 -8.54
N ALA A 113 25.86 13.34 -7.41
CA ALA A 113 24.51 13.37 -6.87
C ALA A 113 24.41 14.30 -5.66
N PRO A 114 23.28 15.01 -5.56
CA PRO A 114 23.05 15.96 -4.46
C PRO A 114 22.83 15.25 -3.12
N ASP A 115 22.83 13.92 -3.16
CA ASP A 115 22.64 13.13 -1.95
C ASP A 115 23.33 13.78 -0.76
N GLN A 116 22.56 14.01 0.31
CA GLN A 116 23.10 14.63 1.51
C GLN A 116 22.07 14.60 2.65
N ASP A 117 22.54 14.28 3.84
CA ASP A 117 21.65 14.21 5.01
C ASP A 117 22.42 14.59 6.28
N PRO A 118 21.72 15.26 7.21
CA PRO A 118 22.30 15.70 8.48
C PRO A 118 22.59 14.52 9.41
N GLY A 119 23.23 14.82 10.54
CA GLY A 119 23.56 13.78 11.49
C GLY A 119 24.09 14.34 12.80
N GLY A 120 25.23 13.82 13.25
CA GLY A 120 25.81 14.28 14.49
C GLY A 120 24.80 14.35 15.63
N PRO A 121 24.56 13.21 16.28
CA PRO A 121 23.61 13.12 17.39
C PRO A 121 24.10 13.84 18.64
N ARG A 122 23.17 14.24 19.50
CA ARG A 122 23.51 14.95 20.73
C ARG A 122 22.80 14.33 21.93
N SER A 123 23.27 14.65 23.12
CA SER A 123 22.68 14.13 24.35
C SER A 123 23.03 15.01 25.54
N GLY A 124 22.43 14.71 26.68
CA GLY A 124 22.68 15.48 27.89
C GLY A 124 23.25 14.63 29.01
N PRO A 125 24.14 15.23 29.83
CA PRO A 125 24.76 14.55 30.96
C PRO A 125 23.78 14.25 32.07
N SER A 126 23.84 13.03 32.61
CA SER A 126 22.95 12.63 33.70
C SER A 126 23.73 11.97 34.82
N SER A 127 23.14 11.95 36.01
CA SER A 127 23.78 11.34 37.17
C SER A 127 23.55 9.84 37.20
N GLY A 128 24.63 9.07 37.33
CA GLY A 128 24.52 7.63 37.37
C GLY A 128 25.32 7.02 38.49
N GLY A 1 -19.01 -10.50 25.04
CA GLY A 1 -17.62 -10.10 25.02
C GLY A 1 -17.38 -8.86 24.18
N SER A 2 -16.12 -8.60 23.84
CA SER A 2 -15.78 -7.43 23.03
C SER A 2 -15.39 -7.85 21.62
N SER A 3 -15.38 -6.88 20.70
CA SER A 3 -15.03 -7.14 19.31
C SER A 3 -14.52 -5.87 18.64
N GLY A 4 -13.54 -6.05 17.75
CA GLY A 4 -12.98 -4.91 17.04
C GLY A 4 -11.91 -4.20 17.85
N SER A 5 -10.70 -4.11 17.30
CA SER A 5 -9.60 -3.45 17.97
C SER A 5 -9.94 -2.00 18.29
N SER A 6 -9.12 -1.39 19.13
CA SER A 6 -9.33 0.01 19.52
C SER A 6 -8.03 0.80 19.44
N GLY A 7 -7.26 0.57 18.39
CA GLY A 7 -6.00 1.26 18.21
C GLY A 7 -5.51 1.23 16.78
N SER A 8 -4.29 0.74 16.58
CA SER A 8 -3.71 0.65 15.25
C SER A 8 -4.54 -0.25 14.35
N GLY A 9 -4.83 0.24 13.14
CA GLY A 9 -5.62 -0.54 12.20
C GLY A 9 -4.95 -0.67 10.84
N ILE A 10 -4.87 0.44 10.11
CA ILE A 10 -4.25 0.44 8.80
C ILE A 10 -2.73 0.47 8.91
N ILE A 11 -2.07 -0.49 8.26
CA ILE A 11 -0.62 -0.57 8.28
C ILE A 11 0.01 0.41 7.29
N LYS A 12 0.65 1.45 7.81
CA LYS A 12 1.29 2.45 6.97
C LYS A 12 2.77 2.14 6.78
N MET A 13 3.24 2.28 5.55
CA MET A 13 4.64 2.01 5.23
C MET A 13 5.13 2.94 4.12
N ALA A 14 6.31 3.52 4.33
CA ALA A 14 6.90 4.43 3.35
C ALA A 14 7.58 3.65 2.23
N ILE A 15 6.94 3.60 1.07
CA ILE A 15 7.48 2.90 -0.09
C ILE A 15 7.14 3.61 -1.39
N ARG A 16 8.09 3.63 -2.31
CA ARG A 16 7.89 4.29 -3.61
C ARG A 16 7.99 3.27 -4.75
N PHE A 17 6.85 3.01 -5.39
CA PHE A 17 6.81 2.06 -6.50
C PHE A 17 8.05 2.21 -7.38
N ASP A 18 8.58 1.08 -7.84
CA ASP A 18 9.76 1.08 -8.69
C ASP A 18 9.54 0.19 -9.92
N ARG A 19 9.62 0.80 -11.10
CA ARG A 19 9.43 0.07 -12.35
C ARG A 19 10.56 -0.94 -12.56
N ARG A 20 11.79 -0.43 -12.57
CA ARG A 20 12.95 -1.29 -12.77
C ARG A 20 12.79 -2.62 -12.04
N ALA A 21 12.42 -2.55 -10.77
CA ALA A 21 12.23 -3.75 -9.96
C ALA A 21 11.59 -4.86 -10.77
N TYR A 22 10.59 -4.51 -11.58
CA TYR A 22 9.88 -5.48 -12.41
C TYR A 22 10.04 -5.13 -13.89
N PRO A 23 9.98 -6.16 -14.74
CA PRO A 23 10.11 -6.00 -16.19
C PRO A 23 8.91 -5.31 -16.81
N PRO A 24 9.05 -4.84 -18.05
CA PRO A 24 7.99 -4.15 -18.78
C PRO A 24 6.85 -5.09 -19.16
N GLN A 25 6.98 -6.36 -18.80
CA GLN A 25 5.96 -7.35 -19.10
C GLN A 25 5.27 -7.84 -17.83
N ILE A 26 5.80 -7.42 -16.68
CA ILE A 26 5.23 -7.81 -15.40
C ILE A 26 5.06 -6.60 -14.49
N THR A 27 3.98 -6.61 -13.72
CA THR A 27 3.69 -5.51 -12.79
C THR A 27 3.52 -6.02 -11.37
N PRO A 28 3.71 -5.12 -10.40
CA PRO A 28 3.58 -5.45 -8.98
C PRO A 28 2.14 -5.72 -8.57
N LYS A 29 1.21 -5.34 -9.44
CA LYS A 29 -0.21 -5.55 -9.17
C LYS A 29 -0.60 -7.00 -9.41
N MET A 30 0.07 -7.65 -10.35
CA MET A 30 -0.20 -9.05 -10.67
C MET A 30 0.43 -9.98 -9.64
N CYS A 31 1.67 -9.67 -9.25
CA CYS A 31 2.39 -10.48 -8.29
C CYS A 31 1.53 -10.75 -7.05
N LEU A 32 0.85 -9.73 -6.58
CA LEU A 32 -0.02 -9.85 -5.41
C LEU A 32 -1.26 -10.66 -5.74
N LEU A 33 -1.85 -10.38 -6.90
CA LEU A 33 -3.05 -11.07 -7.34
C LEU A 33 -2.77 -12.56 -7.54
N GLU A 34 -1.55 -12.88 -7.95
CA GLU A 34 -1.17 -14.27 -8.17
C GLU A 34 -0.89 -14.98 -6.85
N TRP A 35 -0.52 -14.21 -5.84
CA TRP A 35 -0.23 -14.76 -4.51
C TRP A 35 -1.52 -15.01 -3.74
N CYS A 36 -2.58 -14.29 -4.11
CA CYS A 36 -3.86 -14.43 -3.43
C CYS A 36 -4.62 -15.64 -3.97
N ARG A 37 -4.60 -15.82 -5.29
CA ARG A 37 -5.29 -16.93 -5.93
C ARG A 37 -4.79 -18.26 -5.38
N ARG A 38 -3.53 -18.29 -4.96
CA ARG A 38 -2.93 -19.49 -4.42
C ARG A 38 -3.19 -19.61 -2.93
N GLU A 39 -3.26 -18.46 -2.25
CA GLU A 39 -3.51 -18.44 -0.81
C GLU A 39 -5.00 -18.57 -0.51
N LYS A 40 -5.78 -18.83 -1.55
CA LYS A 40 -7.23 -18.96 -1.40
C LYS A 40 -7.85 -17.70 -0.79
N LEU A 41 -7.16 -16.57 -0.99
CA LEU A 41 -7.65 -15.30 -0.47
C LEU A 41 -8.54 -14.60 -1.48
N PRO A 42 -9.50 -13.81 -0.97
CA PRO A 42 -10.43 -13.05 -1.81
C PRO A 42 -9.74 -11.92 -2.57
N GLN A 43 -10.10 -11.76 -3.84
CA GLN A 43 -9.52 -10.71 -4.66
C GLN A 43 -9.38 -9.41 -3.88
N PRO A 44 -8.22 -8.75 -4.01
CA PRO A 44 -7.93 -7.49 -3.32
C PRO A 44 -8.77 -6.33 -3.86
N VAL A 45 -8.58 -5.15 -3.28
CA VAL A 45 -9.32 -3.97 -3.69
C VAL A 45 -8.39 -2.76 -3.82
N TYR A 46 -8.23 -2.27 -5.04
CA TYR A 46 -7.37 -1.12 -5.29
C TYR A 46 -8.18 0.17 -5.34
N GLU A 47 -7.82 1.12 -4.49
CA GLU A 47 -8.53 2.39 -4.44
C GLU A 47 -7.54 3.56 -4.32
N THR A 48 -7.55 4.45 -5.29
CA THR A 48 -6.66 5.60 -5.29
C THR A 48 -7.43 6.90 -5.06
N VAL A 49 -7.24 7.50 -3.89
CA VAL A 49 -7.92 8.75 -3.55
C VAL A 49 -7.03 9.95 -3.85
N GLN A 50 -7.64 11.13 -3.91
CA GLN A 50 -6.92 12.36 -4.19
C GLN A 50 -7.06 13.35 -3.03
N ARG A 51 -5.92 13.76 -2.48
CA ARG A 51 -5.91 14.70 -1.36
C ARG A 51 -6.12 16.12 -1.86
N THR A 52 -6.16 17.07 -0.93
CA THR A 52 -6.35 18.47 -1.28
C THR A 52 -5.14 19.31 -0.87
N ILE A 53 -4.28 18.73 -0.03
CA ILE A 53 -3.08 19.42 0.42
C ILE A 53 -2.05 19.54 -0.70
N ASP A 54 -1.73 18.42 -1.33
CA ASP A 54 -0.77 18.40 -2.43
C ASP A 54 -1.39 17.81 -3.68
N ARG A 55 -2.71 17.78 -3.74
CA ARG A 55 -3.43 17.24 -4.88
C ARG A 55 -2.73 15.99 -5.42
N MET A 56 -2.14 15.21 -4.52
CA MET A 56 -1.43 14.00 -4.91
C MET A 56 -2.36 12.79 -4.81
N PHE A 57 -2.00 11.72 -5.53
CA PHE A 57 -2.79 10.50 -5.53
C PHE A 57 -2.09 9.40 -4.74
N CYS A 58 -2.88 8.54 -4.11
CA CYS A 58 -2.35 7.45 -3.31
C CYS A 58 -3.28 6.24 -3.35
N SER A 59 -2.72 5.08 -3.66
CA SER A 59 -3.50 3.85 -3.74
C SER A 59 -3.47 3.10 -2.41
N VAL A 60 -4.55 2.36 -2.14
CA VAL A 60 -4.65 1.60 -0.90
C VAL A 60 -5.28 0.23 -1.14
N VAL A 61 -4.47 -0.82 -1.07
CA VAL A 61 -4.95 -2.18 -1.28
C VAL A 61 -5.41 -2.81 0.04
N THR A 62 -6.44 -3.65 -0.04
CA THR A 62 -6.97 -4.32 1.13
C THR A 62 -7.07 -5.82 0.91
N VAL A 63 -6.37 -6.59 1.75
CA VAL A 63 -6.38 -8.05 1.65
C VAL A 63 -6.48 -8.69 3.02
N ALA A 64 -7.13 -9.85 3.08
CA ALA A 64 -7.28 -10.58 4.34
C ALA A 64 -7.77 -9.65 5.45
N GLU A 65 -8.68 -8.74 5.09
CA GLU A 65 -9.23 -7.79 6.06
C GLU A 65 -8.13 -6.90 6.62
N GLN A 66 -7.20 -6.49 5.75
CA GLN A 66 -6.09 -5.63 6.16
C GLN A 66 -5.82 -4.58 5.10
N LYS A 67 -5.88 -3.31 5.52
CA LYS A 67 -5.64 -2.20 4.61
C LYS A 67 -4.16 -1.80 4.61
N TYR A 68 -3.56 -1.75 3.43
CA TYR A 68 -2.15 -1.38 3.30
C TYR A 68 -2.00 -0.09 2.50
N GLN A 69 -1.75 1.01 3.22
CA GLN A 69 -1.58 2.30 2.57
C GLN A 69 -0.16 2.81 2.74
N SER A 70 0.41 3.37 1.68
CA SER A 70 1.77 3.89 1.71
C SER A 70 1.77 5.35 2.14
N THR A 71 2.79 5.72 2.92
CA THR A 71 2.92 7.10 3.40
C THR A 71 3.55 7.99 2.34
N LEU A 72 3.84 7.42 1.18
CA LEU A 72 4.45 8.16 0.08
C LEU A 72 3.52 8.23 -1.12
N TRP A 73 3.04 9.42 -1.42
CA TRP A 73 2.14 9.61 -2.56
C TRP A 73 2.89 9.52 -3.88
N ASP A 74 2.15 9.42 -4.97
CA ASP A 74 2.75 9.33 -6.30
C ASP A 74 2.33 10.50 -7.17
N LYS A 75 3.10 10.76 -8.23
CA LYS A 75 2.81 11.85 -9.14
C LYS A 75 1.48 11.63 -9.86
N SER A 76 1.28 10.42 -10.33
CA SER A 76 0.04 10.07 -11.04
C SER A 76 -0.65 8.88 -10.38
N LYS A 77 -1.96 8.79 -10.59
CA LYS A 77 -2.74 7.69 -10.01
C LYS A 77 -2.19 6.34 -10.45
N LYS A 78 -2.09 6.15 -11.77
CA LYS A 78 -1.57 4.91 -12.32
C LYS A 78 -0.46 4.33 -11.44
N LEU A 79 0.55 5.15 -11.16
CA LEU A 79 1.67 4.73 -10.34
C LEU A 79 1.19 4.32 -8.94
N ALA A 80 0.49 5.22 -8.27
CA ALA A 80 -0.02 4.95 -6.94
C ALA A 80 -0.47 3.50 -6.80
N GLU A 81 -1.35 3.06 -7.70
CA GLU A 81 -1.85 1.70 -7.68
C GLU A 81 -0.71 0.70 -7.53
N GLN A 82 0.35 0.90 -8.32
CA GLN A 82 1.51 0.01 -8.28
C GLN A 82 2.08 -0.07 -6.87
N THR A 83 2.21 1.08 -6.23
CA THR A 83 2.74 1.15 -4.87
C THR A 83 1.99 0.22 -3.93
N ALA A 84 0.66 0.32 -3.95
CA ALA A 84 -0.18 -0.51 -3.10
C ALA A 84 0.38 -1.94 -3.00
N ALA A 85 0.28 -2.69 -4.09
CA ALA A 85 0.78 -4.06 -4.12
C ALA A 85 2.05 -4.19 -3.29
N ILE A 86 3.14 -3.60 -3.79
CA ILE A 86 4.42 -3.66 -3.09
C ILE A 86 4.23 -3.61 -1.58
N VAL A 87 3.68 -2.50 -1.10
CA VAL A 87 3.43 -2.31 0.33
C VAL A 87 2.85 -3.58 0.95
N CYS A 88 1.94 -4.21 0.24
CA CYS A 88 1.30 -5.43 0.71
C CYS A 88 2.30 -6.59 0.78
N LEU A 89 2.78 -7.00 -0.38
CA LEU A 89 3.76 -8.10 -0.45
C LEU A 89 4.70 -8.07 0.75
N ARG A 90 5.45 -6.98 0.88
CA ARG A 90 6.40 -6.83 1.97
C ARG A 90 5.70 -7.04 3.32
N SER A 91 4.62 -6.29 3.55
CA SER A 91 3.87 -6.39 4.79
C SER A 91 3.53 -7.85 5.10
N GLN A 92 3.17 -8.60 4.07
CA GLN A 92 2.81 -10.01 4.23
C GLN A 92 4.03 -10.83 4.65
N GLY A 93 5.22 -10.31 4.36
CA GLY A 93 6.44 -11.01 4.71
C GLY A 93 6.96 -11.87 3.58
N LEU A 94 6.74 -11.43 2.34
CA LEU A 94 7.19 -12.17 1.17
C LEU A 94 8.55 -11.68 0.69
N PRO A 95 9.34 -12.59 0.10
CA PRO A 95 10.67 -12.26 -0.42
C PRO A 95 10.60 -11.37 -1.65
N GLU A 96 9.39 -10.97 -2.03
CA GLU A 96 9.20 -10.10 -3.19
C GLU A 96 10.25 -9.00 -3.23
N GLY A 97 10.77 -8.63 -2.05
CA GLY A 97 11.77 -7.59 -1.98
C GLY A 97 13.06 -7.99 -2.65
N ARG A 98 13.52 -9.21 -2.39
CA ARG A 98 14.76 -9.71 -2.97
C ARG A 98 14.94 -9.20 -4.39
N LEU A 99 13.87 -9.29 -5.17
CA LEU A 99 13.90 -8.84 -6.57
C LEU A 99 14.33 -7.39 -6.66
N GLY A 100 13.55 -6.51 -6.04
CA GLY A 100 13.87 -5.08 -6.06
C GLY A 100 14.00 -4.51 -4.67
N GLU A 101 14.97 -4.98 -3.90
CA GLU A 101 15.19 -4.50 -2.55
C GLU A 101 16.06 -3.24 -2.56
N GLU A 102 17.16 -3.28 -3.32
CA GLU A 102 18.06 -2.15 -3.41
C GLU A 102 17.43 -1.00 -4.18
N SER A 103 17.97 0.20 -4.00
CA SER A 103 17.46 1.38 -4.69
C SER A 103 18.49 2.51 -4.67
N PRO A 104 19.12 2.75 -5.82
CA PRO A 104 20.14 3.80 -5.96
C PRO A 104 19.53 5.20 -5.90
N SER A 105 20.38 6.20 -5.66
CA SER A 105 19.92 7.58 -5.58
C SER A 105 19.84 8.20 -6.96
N LEU A 106 18.62 8.56 -7.36
CA LEU A 106 18.39 9.18 -8.66
C LEU A 106 16.99 9.77 -8.75
N ASN A 107 16.93 11.09 -8.91
CA ASN A 107 15.65 11.79 -9.00
C ASN A 107 14.73 11.41 -7.84
N LYS A 108 15.31 11.33 -6.64
CA LYS A 108 14.55 10.98 -5.46
C LYS A 108 14.31 12.21 -4.59
N ARG A 109 13.41 12.07 -3.61
CA ARG A 109 13.08 13.17 -2.71
C ARG A 109 13.23 12.74 -1.25
N LYS A 110 14.02 13.50 -0.50
CA LYS A 110 14.24 13.20 0.91
C LYS A 110 12.92 12.88 1.61
N ARG A 111 12.99 12.07 2.66
CA ARG A 111 11.81 11.70 3.43
C ARG A 111 10.90 12.90 3.65
N GLU A 112 9.62 12.64 3.88
CA GLU A 112 8.66 13.70 4.11
C GLU A 112 8.35 13.84 5.60
N ALA A 113 7.58 14.88 5.95
CA ALA A 113 7.22 15.13 7.33
C ALA A 113 5.88 14.49 7.67
N PRO A 114 5.75 13.98 8.90
CA PRO A 114 4.53 13.34 9.37
C PRO A 114 3.39 14.33 9.57
N ASP A 115 3.66 15.60 9.25
CA ASP A 115 2.65 16.64 9.40
C ASP A 115 1.26 16.11 9.08
N GLN A 116 0.43 15.97 10.11
CA GLN A 116 -0.93 15.47 9.94
C GLN A 116 -1.72 15.58 11.24
N ASP A 117 -2.76 16.42 11.22
CA ASP A 117 -3.60 16.62 12.39
C ASP A 117 -4.26 15.30 12.82
N PRO A 118 -3.95 14.87 14.06
CA PRO A 118 -4.50 13.62 14.61
C PRO A 118 -5.99 13.74 14.91
N GLY A 119 -6.51 12.80 15.70
CA GLY A 119 -7.91 12.81 16.05
C GLY A 119 -8.65 11.59 15.52
N GLY A 120 -8.50 11.33 14.23
CA GLY A 120 -9.16 10.20 13.62
C GLY A 120 -10.48 10.57 12.95
N PRO A 121 -10.39 10.97 11.67
CA PRO A 121 -11.57 11.37 10.90
C PRO A 121 -12.48 10.19 10.58
N ARG A 122 -13.52 10.44 9.78
CA ARG A 122 -14.47 9.40 9.41
C ARG A 122 -15.12 8.79 10.64
N SER A 123 -15.59 9.65 11.54
CA SER A 123 -16.23 9.19 12.77
C SER A 123 -17.75 9.37 12.68
N GLY A 124 -18.47 8.76 13.62
CA GLY A 124 -19.91 8.85 13.63
C GLY A 124 -20.47 8.99 15.04
N PRO A 125 -21.73 9.45 15.13
CA PRO A 125 -22.40 9.63 16.41
C PRO A 125 -22.73 8.31 17.10
N SER A 126 -22.64 7.22 16.34
CA SER A 126 -22.92 5.90 16.87
C SER A 126 -24.11 5.94 17.84
N SER A 127 -25.14 6.68 17.45
CA SER A 127 -26.33 6.80 18.28
C SER A 127 -27.05 5.46 18.41
N GLY A 128 -27.56 5.19 19.61
CA GLY A 128 -28.27 3.94 19.85
C GLY A 128 -29.72 4.16 20.22
N GLY A 1 -12.57 -15.54 18.48
CA GLY A 1 -12.42 -15.57 19.91
C GLY A 1 -12.62 -14.22 20.56
N SER A 2 -12.00 -13.19 19.99
CA SER A 2 -12.10 -11.84 20.51
C SER A 2 -12.84 -10.94 19.53
N SER A 3 -13.87 -10.26 20.02
CA SER A 3 -14.66 -9.36 19.18
C SER A 3 -14.19 -7.92 19.33
N GLY A 4 -13.97 -7.25 18.21
CA GLY A 4 -13.52 -5.86 18.25
C GLY A 4 -12.25 -5.66 17.46
N SER A 5 -11.16 -6.25 17.92
CA SER A 5 -9.86 -6.12 17.26
C SER A 5 -9.69 -4.72 16.66
N SER A 6 -10.11 -3.71 17.43
CA SER A 6 -10.00 -2.33 16.98
C SER A 6 -8.66 -1.73 17.38
N GLY A 7 -7.60 -2.51 17.25
CA GLY A 7 -6.27 -2.04 17.59
C GLY A 7 -5.54 -1.43 16.42
N SER A 8 -4.91 -2.27 15.61
CA SER A 8 -4.17 -1.80 14.44
C SER A 8 -5.11 -1.53 13.28
N GLY A 9 -4.98 -0.34 12.69
CA GLY A 9 -5.83 0.03 11.57
C GLY A 9 -5.18 -0.28 10.23
N ILE A 10 -4.64 0.75 9.59
CA ILE A 10 -3.99 0.58 8.29
C ILE A 10 -2.47 0.57 8.43
N ILE A 11 -1.86 -0.53 8.00
CA ILE A 11 -0.41 -0.68 8.09
C ILE A 11 0.29 0.30 7.15
N LYS A 12 0.65 1.47 7.67
CA LYS A 12 1.33 2.48 6.88
C LYS A 12 2.81 2.15 6.71
N MET A 13 3.36 2.49 5.55
CA MET A 13 4.76 2.22 5.26
C MET A 13 5.26 3.11 4.13
N ALA A 14 6.50 3.58 4.26
CA ALA A 14 7.10 4.45 3.26
C ALA A 14 7.72 3.63 2.13
N ILE A 15 7.05 3.61 0.98
CA ILE A 15 7.54 2.87 -0.17
C ILE A 15 7.09 3.52 -1.47
N ARG A 16 8.00 3.56 -2.44
CA ARG A 16 7.70 4.16 -3.75
C ARG A 16 7.87 3.15 -4.87
N PHE A 17 6.82 2.94 -5.64
CA PHE A 17 6.85 1.98 -6.74
C PHE A 17 8.22 1.98 -7.41
N ASP A 18 8.77 0.78 -7.61
CA ASP A 18 10.08 0.63 -8.23
C ASP A 18 9.97 -0.14 -9.54
N ARG A 19 9.72 0.58 -10.63
CA ARG A 19 9.60 -0.04 -11.94
C ARG A 19 10.80 -0.92 -12.25
N ARG A 20 11.99 -0.38 -12.00
CA ARG A 20 13.22 -1.12 -12.24
C ARG A 20 13.22 -2.46 -11.52
N ALA A 21 12.49 -2.52 -10.41
CA ALA A 21 12.40 -3.74 -9.62
C ALA A 21 11.82 -4.89 -10.45
N TYR A 22 10.85 -4.56 -11.28
CA TYR A 22 10.20 -5.57 -12.13
C TYR A 22 10.38 -5.24 -13.60
N PRO A 23 10.42 -6.27 -14.45
CA PRO A 23 10.59 -6.12 -15.90
C PRO A 23 9.35 -5.51 -16.55
N PRO A 24 9.50 -5.08 -17.82
CA PRO A 24 8.41 -4.47 -18.59
C PRO A 24 7.33 -5.48 -18.96
N GLN A 25 7.54 -6.74 -18.57
CA GLN A 25 6.58 -7.80 -18.86
C GLN A 25 5.89 -8.27 -17.58
N ILE A 26 6.38 -7.79 -16.44
CA ILE A 26 5.80 -8.17 -15.15
C ILE A 26 5.54 -6.94 -14.28
N THR A 27 4.43 -6.97 -13.57
CA THR A 27 4.06 -5.86 -12.69
C THR A 27 3.70 -6.35 -11.29
N PRO A 28 3.87 -5.46 -10.30
CA PRO A 28 3.56 -5.78 -8.90
C PRO A 28 2.07 -5.92 -8.65
N LYS A 29 1.27 -5.38 -9.56
CA LYS A 29 -0.18 -5.45 -9.43
C LYS A 29 -0.68 -6.86 -9.69
N MET A 30 0.05 -7.60 -10.53
CA MET A 30 -0.33 -8.98 -10.85
C MET A 30 0.26 -9.95 -9.85
N CYS A 31 1.49 -9.68 -9.40
CA CYS A 31 2.16 -10.54 -8.44
C CYS A 31 1.32 -10.71 -7.18
N LEU A 32 0.63 -9.64 -6.78
CA LEU A 32 -0.21 -9.68 -5.58
C LEU A 32 -1.53 -10.40 -5.87
N LEU A 33 -2.12 -10.10 -7.02
CA LEU A 33 -3.37 -10.73 -7.42
C LEU A 33 -3.20 -12.22 -7.61
N GLU A 34 -2.03 -12.63 -8.08
CA GLU A 34 -1.73 -14.04 -8.31
C GLU A 34 -1.51 -14.77 -6.99
N TRP A 35 -0.83 -14.11 -6.06
CA TRP A 35 -0.55 -14.71 -4.76
C TRP A 35 -1.84 -14.95 -3.99
N CYS A 36 -2.84 -14.11 -4.22
CA CYS A 36 -4.13 -14.23 -3.56
C CYS A 36 -4.77 -15.59 -3.85
N ARG A 37 -4.70 -16.01 -5.11
CA ARG A 37 -5.27 -17.29 -5.52
C ARG A 37 -4.65 -18.44 -4.74
N ARG A 38 -3.32 -18.50 -4.74
CA ARG A 38 -2.60 -19.56 -4.03
C ARG A 38 -3.08 -19.65 -2.58
N GLU A 39 -3.10 -18.52 -1.90
CA GLU A 39 -3.53 -18.47 -0.51
C GLU A 39 -5.05 -18.57 -0.40
N LYS A 40 -5.71 -18.81 -1.54
CA LYS A 40 -7.15 -18.93 -1.57
C LYS A 40 -7.82 -17.70 -0.95
N LEU A 41 -7.12 -16.58 -1.00
CA LEU A 41 -7.63 -15.33 -0.43
C LEU A 41 -8.54 -14.61 -1.43
N PRO A 42 -9.51 -13.85 -0.91
CA PRO A 42 -10.46 -13.10 -1.73
C PRO A 42 -9.80 -11.94 -2.46
N GLN A 43 -10.24 -11.69 -3.70
CA GLN A 43 -9.69 -10.61 -4.50
C GLN A 43 -9.56 -9.33 -3.66
N PRO A 44 -8.43 -8.61 -3.86
CA PRO A 44 -8.16 -7.36 -3.14
C PRO A 44 -9.08 -6.23 -3.57
N VAL A 45 -8.88 -5.06 -2.99
CA VAL A 45 -9.69 -3.89 -3.31
C VAL A 45 -8.82 -2.65 -3.50
N TYR A 46 -8.54 -2.33 -4.76
CA TYR A 46 -7.72 -1.16 -5.09
C TYR A 46 -8.57 0.11 -5.14
N GLU A 47 -8.26 1.03 -4.24
CA GLU A 47 -9.00 2.30 -4.19
C GLU A 47 -8.04 3.49 -4.09
N THR A 48 -8.21 4.44 -5.00
CA THR A 48 -7.36 5.62 -5.03
C THR A 48 -8.15 6.88 -4.65
N VAL A 49 -7.64 7.61 -3.66
CA VAL A 49 -8.30 8.82 -3.20
C VAL A 49 -7.51 10.07 -3.62
N GLN A 50 -8.09 11.24 -3.39
CA GLN A 50 -7.43 12.49 -3.74
C GLN A 50 -7.43 13.45 -2.56
N ARG A 51 -6.24 13.82 -2.11
CA ARG A 51 -6.10 14.73 -0.98
C ARG A 51 -6.25 16.19 -1.43
N THR A 52 -6.15 17.11 -0.48
CA THR A 52 -6.28 18.53 -0.78
C THR A 52 -4.97 19.27 -0.51
N ILE A 53 -4.17 18.73 0.40
CA ILE A 53 -2.89 19.33 0.74
C ILE A 53 -1.98 19.43 -0.48
N ASP A 54 -1.76 18.30 -1.14
CA ASP A 54 -0.91 18.25 -2.32
C ASP A 54 -1.68 17.69 -3.52
N ARG A 55 -3.00 17.70 -3.41
CA ARG A 55 -3.85 17.19 -4.48
C ARG A 55 -3.18 16.02 -5.19
N MET A 56 -2.49 15.18 -4.43
CA MET A 56 -1.81 14.02 -4.98
C MET A 56 -2.71 12.79 -4.94
N PHE A 57 -2.30 11.73 -5.64
CA PHE A 57 -3.07 10.50 -5.69
C PHE A 57 -2.40 9.41 -4.86
N CYS A 58 -3.20 8.43 -4.43
CA CYS A 58 -2.68 7.33 -3.62
C CYS A 58 -3.68 6.18 -3.57
N SER A 59 -3.23 4.98 -3.95
CA SER A 59 -4.09 3.81 -3.94
C SER A 59 -4.01 3.08 -2.60
N VAL A 60 -5.07 2.34 -2.29
CA VAL A 60 -5.13 1.60 -1.03
C VAL A 60 -5.67 0.19 -1.26
N VAL A 61 -4.80 -0.80 -1.13
CA VAL A 61 -5.20 -2.20 -1.31
C VAL A 61 -5.55 -2.85 0.02
N THR A 62 -6.56 -3.71 0.01
CA THR A 62 -7.00 -4.40 1.22
C THR A 62 -7.04 -5.91 1.00
N VAL A 63 -6.29 -6.64 1.83
CA VAL A 63 -6.24 -8.09 1.72
C VAL A 63 -6.24 -8.73 3.11
N ALA A 64 -6.85 -9.91 3.21
CA ALA A 64 -6.92 -10.64 4.47
C ALA A 64 -7.42 -9.73 5.60
N GLU A 65 -8.38 -8.87 5.28
CA GLU A 65 -8.95 -7.96 6.25
C GLU A 65 -7.89 -7.00 6.77
N GLN A 66 -7.00 -6.58 5.87
CA GLN A 66 -5.92 -5.65 6.24
C GLN A 66 -5.70 -4.62 5.14
N LYS A 67 -5.65 -3.35 5.53
CA LYS A 67 -5.44 -2.27 4.57
C LYS A 67 -3.97 -1.85 4.53
N TYR A 68 -3.47 -1.56 3.33
CA TYR A 68 -2.08 -1.16 3.16
C TYR A 68 -1.99 0.14 2.35
N GLN A 69 -1.52 1.20 3.00
CA GLN A 69 -1.38 2.49 2.34
C GLN A 69 0.02 3.07 2.55
N SER A 70 0.65 3.50 1.47
CA SER A 70 1.99 4.06 1.53
C SER A 70 1.95 5.52 1.95
N THR A 71 2.98 5.97 2.64
CA THR A 71 3.06 7.35 3.10
C THR A 71 3.70 8.24 2.04
N LEU A 72 3.94 7.68 0.87
CA LEU A 72 4.54 8.43 -0.24
C LEU A 72 3.60 8.48 -1.43
N TRP A 73 3.21 9.69 -1.82
CA TRP A 73 2.32 9.88 -2.96
C TRP A 73 3.10 9.91 -4.27
N ASP A 74 2.39 9.73 -5.38
CA ASP A 74 3.02 9.74 -6.69
C ASP A 74 2.48 10.88 -7.55
N LYS A 75 3.16 11.14 -8.67
CA LYS A 75 2.75 12.21 -9.57
C LYS A 75 1.44 11.85 -10.28
N SER A 76 1.22 10.55 -10.47
CA SER A 76 0.01 10.08 -11.14
C SER A 76 -0.63 8.94 -10.36
N LYS A 77 -1.92 8.71 -10.59
CA LYS A 77 -2.65 7.65 -9.92
C LYS A 77 -2.16 6.27 -10.37
N LYS A 78 -2.08 6.09 -11.69
CA LYS A 78 -1.63 4.82 -12.25
C LYS A 78 -0.34 4.35 -11.58
N LEU A 79 0.50 5.31 -11.20
CA LEU A 79 1.76 5.00 -10.53
C LEU A 79 1.54 4.67 -9.06
N ALA A 80 0.66 5.43 -8.42
CA ALA A 80 0.35 5.22 -7.01
C ALA A 80 -0.14 3.80 -6.76
N GLU A 81 -0.85 3.24 -7.74
CA GLU A 81 -1.39 1.89 -7.63
C GLU A 81 -0.26 0.87 -7.50
N GLN A 82 0.73 0.98 -8.38
CA GLN A 82 1.87 0.06 -8.37
C GLN A 82 2.53 0.04 -7.01
N THR A 83 2.32 1.10 -6.23
CA THR A 83 2.91 1.20 -4.90
C THR A 83 2.12 0.36 -3.89
N ALA A 84 0.80 0.30 -4.09
CA ALA A 84 -0.06 -0.46 -3.19
C ALA A 84 0.43 -1.91 -3.06
N ALA A 85 0.44 -2.62 -4.18
CA ALA A 85 0.89 -4.02 -4.18
C ALA A 85 2.15 -4.19 -3.34
N ILE A 86 3.26 -3.64 -3.83
CA ILE A 86 4.53 -3.74 -3.13
C ILE A 86 4.34 -3.62 -1.62
N VAL A 87 3.80 -2.49 -1.18
CA VAL A 87 3.56 -2.25 0.23
C VAL A 87 2.91 -3.46 0.88
N CYS A 88 1.99 -4.10 0.17
CA CYS A 88 1.30 -5.27 0.69
C CYS A 88 2.24 -6.47 0.75
N LEU A 89 2.65 -6.96 -0.42
CA LEU A 89 3.55 -8.11 -0.50
C LEU A 89 4.54 -8.10 0.67
N ARG A 90 5.29 -7.01 0.79
CA ARG A 90 6.27 -6.88 1.86
C ARG A 90 5.63 -7.16 3.22
N SER A 91 4.55 -6.46 3.51
CA SER A 91 3.84 -6.61 4.78
C SER A 91 3.38 -8.06 4.96
N GLN A 92 3.22 -8.77 3.85
CA GLN A 92 2.78 -10.16 3.89
C GLN A 92 3.97 -11.10 4.08
N GLY A 93 5.17 -10.58 3.87
CA GLY A 93 6.37 -11.38 4.03
C GLY A 93 6.62 -12.26 2.83
N LEU A 94 6.45 -11.71 1.63
CA LEU A 94 6.67 -12.46 0.40
C LEU A 94 8.00 -12.09 -0.24
N PRO A 95 8.59 -13.05 -0.98
CA PRO A 95 9.88 -12.84 -1.65
C PRO A 95 9.77 -11.86 -2.82
N GLU A 96 8.57 -11.34 -3.03
CA GLU A 96 8.34 -10.39 -4.12
C GLU A 96 8.79 -8.98 -3.71
N GLY A 97 9.94 -8.90 -3.06
CA GLY A 97 10.45 -7.61 -2.63
C GLY A 97 11.96 -7.61 -2.51
N ARG A 98 12.54 -8.74 -2.12
CA ARG A 98 13.98 -8.85 -1.97
C ARG A 98 14.71 -8.07 -3.06
N LEU A 99 14.15 -8.10 -4.27
CA LEU A 99 14.75 -7.39 -5.40
C LEU A 99 15.40 -6.09 -4.94
N GLY A 100 14.62 -5.24 -4.28
CA GLY A 100 15.14 -3.97 -3.79
C GLY A 100 14.84 -3.75 -2.33
N GLU A 101 14.84 -4.82 -1.55
CA GLU A 101 14.56 -4.72 -0.12
C GLU A 101 15.23 -3.50 0.49
N GLU A 102 16.53 -3.36 0.23
CA GLU A 102 17.29 -2.24 0.76
C GLU A 102 16.52 -0.92 0.59
N SER A 103 16.52 -0.10 1.63
CA SER A 103 15.81 1.17 1.60
C SER A 103 16.61 2.21 0.83
N PRO A 104 15.90 3.05 0.05
CA PRO A 104 16.51 4.10 -0.76
C PRO A 104 17.09 5.23 0.09
N SER A 105 18.18 5.82 -0.37
CA SER A 105 18.83 6.91 0.36
C SER A 105 17.89 8.09 0.51
N LEU A 106 17.29 8.21 1.69
CA LEU A 106 16.35 9.30 1.96
C LEU A 106 16.95 10.29 2.96
N ASN A 107 16.89 11.57 2.63
CA ASN A 107 17.42 12.61 3.50
C ASN A 107 16.40 13.72 3.72
N LYS A 108 15.67 13.64 4.83
CA LYS A 108 14.66 14.64 5.16
C LYS A 108 14.58 14.87 6.66
N ARG A 109 14.13 16.04 7.05
CA ARG A 109 14.01 16.39 8.47
C ARG A 109 12.90 17.42 8.68
N LYS A 110 12.01 17.13 9.62
CA LYS A 110 10.90 18.04 9.93
C LYS A 110 10.80 18.28 11.43
N ARG A 111 10.50 19.52 11.81
CA ARG A 111 10.37 19.88 13.21
C ARG A 111 9.01 19.46 13.76
N GLU A 112 8.86 19.50 15.09
CA GLU A 112 7.61 19.11 15.73
C GLU A 112 6.42 19.55 14.90
N ALA A 113 5.31 18.82 15.05
CA ALA A 113 4.09 19.13 14.31
C ALA A 113 2.91 19.34 15.26
N PRO A 114 2.79 20.56 15.80
CA PRO A 114 1.72 20.91 16.73
C PRO A 114 0.35 20.97 16.04
N ASP A 115 -0.38 19.86 16.09
CA ASP A 115 -1.70 19.79 15.48
C ASP A 115 -2.78 20.22 16.46
N GLN A 116 -3.55 21.23 16.08
CA GLN A 116 -4.63 21.75 16.92
C GLN A 116 -5.89 21.98 16.11
N ASP A 117 -7.03 22.00 16.79
CA ASP A 117 -8.32 22.21 16.14
C ASP A 117 -8.72 20.99 15.33
N PRO A 118 -8.77 19.82 16.00
CA PRO A 118 -9.14 18.55 15.35
C PRO A 118 -10.62 18.51 14.98
N GLY A 119 -10.91 18.62 13.69
CA GLY A 119 -12.28 18.59 13.22
C GLY A 119 -12.39 18.83 11.73
N GLY A 120 -12.53 17.74 10.97
CA GLY A 120 -12.65 17.86 9.53
C GLY A 120 -14.04 17.52 9.03
N PRO A 121 -14.94 18.52 9.05
CA PRO A 121 -16.32 18.35 8.60
C PRO A 121 -16.43 18.15 7.09
N ARG A 122 -17.36 17.32 6.66
CA ARG A 122 -17.56 17.05 5.25
C ARG A 122 -18.95 17.50 4.80
N SER A 123 -19.31 18.73 5.15
CA SER A 123 -20.60 19.29 4.79
C SER A 123 -20.93 18.97 3.32
N GLY A 124 -21.89 18.09 3.12
CA GLY A 124 -22.29 17.72 1.78
C GLY A 124 -23.35 16.64 1.76
N PRO A 125 -22.92 15.37 1.66
CA PRO A 125 -23.82 14.22 1.63
C PRO A 125 -24.50 13.99 2.97
N SER A 126 -25.78 14.34 3.04
CA SER A 126 -26.54 14.17 4.28
C SER A 126 -26.92 12.71 4.48
N SER A 127 -27.57 12.13 3.48
CA SER A 127 -27.99 10.73 3.54
C SER A 127 -26.79 9.80 3.72
N GLY A 128 -26.95 8.80 4.57
CA GLY A 128 -25.86 7.86 4.82
C GLY A 128 -26.34 6.59 5.48
N GLY A 1 0.56 -13.80 21.36
CA GLY A 1 -0.62 -14.59 21.67
C GLY A 1 -1.61 -14.63 20.52
N SER A 2 -2.69 -13.87 20.66
CA SER A 2 -3.73 -13.83 19.63
C SER A 2 -3.69 -12.50 18.88
N SER A 3 -3.56 -11.41 19.64
CA SER A 3 -3.51 -10.07 19.06
C SER A 3 -2.08 -9.59 18.89
N GLY A 4 -1.32 -9.64 19.98
CA GLY A 4 0.06 -9.20 19.95
C GLY A 4 0.26 -7.83 20.54
N SER A 5 -0.11 -6.80 19.78
CA SER A 5 0.03 -5.42 20.24
C SER A 5 -1.33 -4.81 20.53
N SER A 6 -1.38 -3.92 21.52
CA SER A 6 -2.62 -3.26 21.91
C SER A 6 -2.81 -1.96 21.13
N GLY A 7 -3.48 -2.06 19.98
CA GLY A 7 -3.71 -0.90 19.16
C GLY A 7 -2.93 -0.93 17.86
N SER A 8 -3.58 -1.39 16.79
CA SER A 8 -2.93 -1.49 15.48
C SER A 8 -3.98 -1.61 14.38
N GLY A 9 -4.02 -0.60 13.51
CA GLY A 9 -4.98 -0.60 12.41
C GLY A 9 -4.30 -0.70 11.06
N ILE A 10 -4.54 0.29 10.21
CA ILE A 10 -3.95 0.31 8.87
C ILE A 10 -2.42 0.31 8.95
N ILE A 11 -1.80 -0.66 8.30
CA ILE A 11 -0.35 -0.77 8.29
C ILE A 11 0.27 0.23 7.31
N LYS A 12 0.96 1.22 7.87
CA LYS A 12 1.61 2.24 7.05
C LYS A 12 3.09 1.93 6.85
N MET A 13 3.62 2.28 5.69
CA MET A 13 5.03 2.04 5.39
C MET A 13 5.49 2.93 4.24
N ALA A 14 6.74 3.39 4.31
CA ALA A 14 7.30 4.25 3.27
C ALA A 14 7.83 3.41 2.10
N ILE A 15 7.08 3.42 1.00
CA ILE A 15 7.48 2.66 -0.19
C ILE A 15 7.04 3.38 -1.46
N ARG A 16 7.83 3.23 -2.52
CA ARG A 16 7.52 3.87 -3.80
C ARG A 16 7.62 2.85 -4.93
N PHE A 17 6.71 2.98 -5.91
CA PHE A 17 6.69 2.07 -7.05
C PHE A 17 8.05 2.02 -7.73
N ASP A 18 8.66 0.84 -7.72
CA ASP A 18 9.97 0.65 -8.34
C ASP A 18 9.86 -0.16 -9.62
N ARG A 19 9.66 0.53 -10.74
CA ARG A 19 9.54 -0.13 -12.03
C ARG A 19 10.80 -0.93 -12.37
N ARG A 20 11.95 -0.40 -11.94
CA ARG A 20 13.23 -1.05 -12.20
C ARG A 20 13.34 -2.36 -11.41
N ALA A 21 12.61 -2.45 -10.31
CA ALA A 21 12.61 -3.65 -9.48
C ALA A 21 12.01 -4.84 -10.23
N TYR A 22 11.01 -4.57 -11.06
CA TYR A 22 10.35 -5.61 -11.83
C TYR A 22 10.56 -5.41 -13.32
N PRO A 23 10.53 -6.51 -14.08
CA PRO A 23 10.71 -6.47 -15.54
C PRO A 23 9.53 -5.84 -16.26
N PRO A 24 9.73 -5.47 -17.53
CA PRO A 24 8.69 -4.85 -18.35
C PRO A 24 7.58 -5.83 -18.71
N GLN A 25 7.72 -7.07 -18.25
CA GLN A 25 6.73 -8.10 -18.53
C GLN A 25 5.98 -8.49 -17.26
N ILE A 26 6.45 -8.00 -16.12
CA ILE A 26 5.82 -8.29 -14.84
C ILE A 26 5.55 -7.02 -14.06
N THR A 27 4.37 -6.94 -13.46
CA THR A 27 3.98 -5.78 -12.67
C THR A 27 3.72 -6.15 -11.22
N PRO A 28 3.84 -5.16 -10.32
CA PRO A 28 3.62 -5.37 -8.89
C PRO A 28 2.15 -5.62 -8.56
N LYS A 29 1.28 -5.39 -9.53
CA LYS A 29 -0.15 -5.59 -9.35
C LYS A 29 -0.54 -7.04 -9.63
N MET A 30 0.22 -7.69 -10.51
CA MET A 30 -0.03 -9.08 -10.87
C MET A 30 0.59 -10.02 -9.84
N CYS A 31 1.67 -9.58 -9.22
CA CYS A 31 2.35 -10.39 -8.22
C CYS A 31 1.48 -10.57 -6.97
N LEU A 32 0.77 -9.51 -6.60
CA LEU A 32 -0.11 -9.56 -5.43
C LEU A 32 -1.37 -10.37 -5.72
N LEU A 33 -1.90 -10.21 -6.93
CA LEU A 33 -3.10 -10.93 -7.34
C LEU A 33 -2.82 -12.41 -7.51
N GLU A 34 -1.70 -12.73 -8.16
CA GLU A 34 -1.32 -14.11 -8.39
C GLU A 34 -1.05 -14.83 -7.07
N TRP A 35 -0.76 -14.06 -6.03
CA TRP A 35 -0.48 -14.63 -4.71
C TRP A 35 -1.78 -14.84 -3.94
N CYS A 36 -2.80 -14.06 -4.27
CA CYS A 36 -4.10 -14.17 -3.60
C CYS A 36 -4.94 -15.28 -4.22
N ARG A 37 -4.78 -15.48 -5.52
CA ARG A 37 -5.52 -16.52 -6.24
C ARG A 37 -5.09 -17.91 -5.79
N ARG A 38 -3.81 -18.04 -5.43
CA ARG A 38 -3.28 -19.32 -5.00
C ARG A 38 -3.53 -19.52 -3.50
N GLU A 39 -3.47 -18.44 -2.73
CA GLU A 39 -3.70 -18.50 -1.30
C GLU A 39 -5.17 -18.67 -0.99
N LYS A 40 -5.99 -18.75 -2.03
CA LYS A 40 -7.43 -18.91 -1.88
C LYS A 40 -8.04 -17.71 -1.19
N LEU A 41 -7.38 -16.56 -1.32
CA LEU A 41 -7.86 -15.32 -0.71
C LEU A 41 -8.72 -14.53 -1.69
N PRO A 42 -9.67 -13.75 -1.16
CA PRO A 42 -10.57 -12.92 -1.96
C PRO A 42 -9.84 -11.75 -2.63
N GLN A 43 -10.16 -11.51 -3.89
CA GLN A 43 -9.53 -10.43 -4.64
C GLN A 43 -9.45 -9.16 -3.79
N PRO A 44 -8.31 -8.45 -3.89
CA PRO A 44 -8.07 -7.23 -3.14
C PRO A 44 -8.95 -6.07 -3.62
N VAL A 45 -8.82 -4.92 -2.97
CA VAL A 45 -9.60 -3.74 -3.33
C VAL A 45 -8.72 -2.50 -3.40
N TYR A 46 -8.55 -1.96 -4.60
CA TYR A 46 -7.74 -0.77 -4.80
C TYR A 46 -8.59 0.50 -4.75
N GLU A 47 -8.31 1.36 -3.78
CA GLU A 47 -9.04 2.61 -3.62
C GLU A 47 -8.09 3.80 -3.57
N THR A 48 -8.07 4.58 -4.65
CA THR A 48 -7.21 5.75 -4.72
C THR A 48 -8.00 7.03 -4.48
N VAL A 49 -7.54 7.82 -3.51
CA VAL A 49 -8.20 9.08 -3.17
C VAL A 49 -7.35 10.27 -3.59
N GLN A 50 -7.99 11.44 -3.68
CA GLN A 50 -7.31 12.66 -4.08
C GLN A 50 -7.30 13.69 -2.95
N ARG A 51 -6.13 13.96 -2.39
CA ARG A 51 -6.00 14.92 -1.31
C ARG A 51 -6.12 16.35 -1.83
N THR A 52 -6.05 17.31 -0.92
CA THR A 52 -6.15 18.72 -1.27
C THR A 52 -4.85 19.46 -0.98
N ILE A 53 -4.10 18.95 0.00
CA ILE A 53 -2.83 19.56 0.38
C ILE A 53 -1.88 19.65 -0.81
N ASP A 54 -1.65 18.52 -1.46
CA ASP A 54 -0.77 18.46 -2.61
C ASP A 54 -1.50 17.95 -3.85
N ARG A 55 -2.82 17.79 -3.72
CA ARG A 55 -3.64 17.30 -4.81
C ARG A 55 -2.99 16.09 -5.49
N MET A 56 -2.34 15.25 -4.69
CA MET A 56 -1.67 14.06 -5.21
C MET A 56 -2.61 12.86 -5.17
N PHE A 57 -2.10 11.70 -5.58
CA PHE A 57 -2.89 10.47 -5.60
C PHE A 57 -2.21 9.39 -4.78
N CYS A 58 -3.03 8.53 -4.16
CA CYS A 58 -2.52 7.44 -3.34
C CYS A 58 -3.52 6.28 -3.29
N SER A 59 -3.10 5.12 -3.78
CA SER A 59 -3.96 3.95 -3.79
C SER A 59 -3.74 3.10 -2.53
N VAL A 60 -4.80 2.45 -2.08
CA VAL A 60 -4.73 1.61 -0.88
C VAL A 60 -5.35 0.24 -1.14
N VAL A 61 -4.54 -0.80 -1.04
CA VAL A 61 -5.00 -2.16 -1.26
C VAL A 61 -5.39 -2.83 0.05
N THR A 62 -6.34 -3.75 -0.02
CA THR A 62 -6.81 -4.47 1.17
C THR A 62 -6.90 -5.96 0.91
N VAL A 63 -6.14 -6.73 1.69
CA VAL A 63 -6.14 -8.19 1.55
C VAL A 63 -6.23 -8.88 2.91
N ALA A 64 -6.96 -9.98 2.96
CA ALA A 64 -7.13 -10.73 4.20
C ALA A 64 -7.60 -9.83 5.33
N GLU A 65 -8.47 -8.88 4.99
CA GLU A 65 -9.01 -7.95 5.98
C GLU A 65 -7.90 -7.05 6.54
N GLN A 66 -6.93 -6.73 5.70
CA GLN A 66 -5.80 -5.89 6.11
C GLN A 66 -5.56 -4.78 5.09
N LYS A 67 -5.56 -3.53 5.56
CA LYS A 67 -5.34 -2.39 4.69
C LYS A 67 -3.85 -2.04 4.63
N TYR A 68 -3.41 -1.55 3.48
CA TYR A 68 -2.02 -1.18 3.29
C TYR A 68 -1.90 0.19 2.61
N GLN A 69 -1.43 1.18 3.36
CA GLN A 69 -1.28 2.53 2.84
C GLN A 69 0.18 2.98 2.91
N SER A 70 0.68 3.52 1.81
CA SER A 70 2.06 3.98 1.74
C SER A 70 2.16 5.46 2.11
N THR A 71 3.22 5.81 2.83
CA THR A 71 3.42 7.19 3.25
C THR A 71 4.00 8.03 2.13
N LEU A 72 3.98 7.49 0.92
CA LEU A 72 4.50 8.19 -0.25
C LEU A 72 3.49 8.20 -1.38
N TRP A 73 2.97 9.38 -1.70
CA TRP A 73 1.99 9.53 -2.76
C TRP A 73 2.63 9.36 -4.13
N ASP A 74 1.83 9.44 -5.18
CA ASP A 74 2.33 9.31 -6.54
C ASP A 74 1.77 10.40 -7.43
N LYS A 75 2.52 10.76 -8.47
CA LYS A 75 2.10 11.80 -9.41
C LYS A 75 0.69 11.52 -9.92
N SER A 76 0.49 10.33 -10.46
CA SER A 76 -0.80 9.94 -10.99
C SER A 76 -1.34 8.68 -10.29
N LYS A 77 -2.62 8.43 -10.47
CA LYS A 77 -3.26 7.27 -9.84
C LYS A 77 -2.65 5.97 -10.37
N LYS A 78 -2.63 5.82 -11.69
CA LYS A 78 -2.07 4.64 -12.32
C LYS A 78 -0.87 4.12 -11.54
N LEU A 79 0.15 4.95 -11.41
CA LEU A 79 1.36 4.58 -10.69
C LEU A 79 1.04 4.25 -9.23
N ALA A 80 0.25 5.11 -8.60
CA ALA A 80 -0.13 4.92 -7.21
C ALA A 80 -0.60 3.49 -6.96
N GLU A 81 -1.37 2.95 -7.90
CA GLU A 81 -1.88 1.59 -7.78
C GLU A 81 -0.74 0.59 -7.58
N GLN A 82 0.31 0.73 -8.39
CA GLN A 82 1.46 -0.14 -8.30
C GLN A 82 2.02 -0.18 -6.89
N THR A 83 2.12 1.00 -6.27
CA THR A 83 2.64 1.11 -4.92
C THR A 83 1.88 0.22 -3.95
N ALA A 84 0.56 0.37 -3.95
CA ALA A 84 -0.30 -0.43 -3.07
C ALA A 84 0.24 -1.85 -2.92
N ALA A 85 0.24 -2.59 -4.02
CA ALA A 85 0.74 -3.97 -4.01
C ALA A 85 2.06 -4.07 -3.27
N ILE A 86 3.11 -3.52 -3.86
CA ILE A 86 4.43 -3.55 -3.25
C ILE A 86 4.35 -3.44 -1.73
N VAL A 87 3.72 -2.37 -1.25
CA VAL A 87 3.56 -2.15 0.18
C VAL A 87 3.00 -3.39 0.86
N CYS A 88 2.00 -4.00 0.25
CA CYS A 88 1.37 -5.19 0.80
C CYS A 88 2.36 -6.35 0.85
N LEU A 89 2.81 -6.80 -0.30
CA LEU A 89 3.76 -7.89 -0.40
C LEU A 89 4.81 -7.81 0.72
N ARG A 90 5.50 -6.68 0.78
CA ARG A 90 6.53 -6.46 1.80
C ARG A 90 5.97 -6.73 3.19
N SER A 91 4.79 -6.17 3.47
CA SER A 91 4.16 -6.35 4.77
C SER A 91 3.85 -7.82 5.03
N GLN A 92 3.38 -8.51 3.99
CA GLN A 92 3.06 -9.93 4.11
C GLN A 92 4.30 -10.76 4.36
N GLY A 93 5.45 -10.22 3.97
CA GLY A 93 6.70 -10.93 4.16
C GLY A 93 7.06 -11.80 2.97
N LEU A 94 6.70 -11.35 1.78
CA LEU A 94 6.99 -12.09 0.56
C LEU A 94 8.27 -11.59 -0.11
N PRO A 95 8.98 -12.49 -0.80
CA PRO A 95 10.23 -12.16 -1.48
C PRO A 95 10.01 -11.26 -2.70
N GLU A 96 8.74 -10.88 -2.91
CA GLU A 96 8.40 -10.03 -4.05
C GLU A 96 8.71 -8.56 -3.74
N GLY A 97 9.89 -8.33 -3.15
CA GLY A 97 10.29 -6.97 -2.81
C GLY A 97 11.78 -6.84 -2.63
N ARG A 98 12.41 -7.90 -2.12
CA ARG A 98 13.86 -7.89 -1.90
C ARG A 98 14.58 -7.16 -3.02
N LEU A 99 14.09 -7.33 -4.24
CA LEU A 99 14.70 -6.69 -5.40
C LEU A 99 15.22 -5.30 -5.05
N GLY A 100 14.31 -4.45 -4.58
CA GLY A 100 14.70 -3.09 -4.21
C GLY A 100 14.16 -2.70 -2.85
N GLU A 101 14.19 -3.63 -1.91
CA GLU A 101 13.70 -3.37 -0.56
C GLU A 101 14.33 -2.11 0.01
N GLU A 102 15.65 -1.99 -0.16
CA GLU A 102 16.38 -0.83 0.35
C GLU A 102 15.59 0.45 0.12
N SER A 103 15.71 1.38 1.07
CA SER A 103 15.00 2.66 0.98
C SER A 103 15.90 3.81 1.41
N PRO A 104 16.16 4.73 0.48
CA PRO A 104 17.00 5.90 0.73
C PRO A 104 16.35 6.90 1.67
N SER A 105 17.16 7.74 2.31
CA SER A 105 16.66 8.75 3.24
C SER A 105 16.15 9.98 2.49
N LEU A 106 15.20 9.76 1.59
CA LEU A 106 14.62 10.85 0.80
C LEU A 106 13.15 11.05 1.15
N ASN A 107 12.90 11.70 2.29
CA ASN A 107 11.53 11.96 2.73
C ASN A 107 11.43 13.31 3.43
N LYS A 108 10.21 13.76 3.67
CA LYS A 108 9.97 15.03 4.34
C LYS A 108 8.99 14.88 5.50
N ARG A 109 8.90 15.90 6.33
CA ARG A 109 8.00 15.88 7.47
C ARG A 109 6.54 16.01 7.03
N LYS A 110 5.83 14.88 7.02
CA LYS A 110 4.42 14.88 6.62
C LYS A 110 3.51 14.96 7.83
N ARG A 111 2.31 15.51 7.62
CA ARG A 111 1.34 15.65 8.70
C ARG A 111 0.01 15.02 8.32
N GLU A 112 -0.31 13.90 8.95
CA GLU A 112 -1.56 13.19 8.67
C GLU A 112 -2.76 13.99 9.19
N ALA A 113 -3.86 13.93 8.45
CA ALA A 113 -5.07 14.64 8.83
C ALA A 113 -6.29 13.72 8.77
N PRO A 114 -7.18 13.86 9.76
CA PRO A 114 -8.41 13.05 9.84
C PRO A 114 -9.41 13.40 8.74
N ASP A 115 -9.19 14.53 8.07
CA ASP A 115 -10.07 14.97 7.00
C ASP A 115 -10.06 13.97 5.85
N GLN A 116 -11.14 13.97 5.06
CA GLN A 116 -11.26 13.07 3.93
C GLN A 116 -12.34 13.54 2.97
N ASP A 117 -12.12 13.30 1.68
CA ASP A 117 -13.08 13.71 0.65
C ASP A 117 -13.58 12.50 -0.12
N PRO A 118 -14.91 12.32 -0.15
CA PRO A 118 -15.55 11.21 -0.86
C PRO A 118 -15.44 11.35 -2.37
N GLY A 119 -15.87 10.30 -3.08
CA GLY A 119 -15.81 10.33 -4.54
C GLY A 119 -17.12 9.93 -5.18
N GLY A 120 -17.07 8.94 -6.07
CA GLY A 120 -18.27 8.48 -6.74
C GLY A 120 -18.01 7.31 -7.66
N PRO A 121 -17.58 6.17 -7.08
CA PRO A 121 -17.29 4.96 -7.84
C PRO A 121 -18.55 4.32 -8.42
N ARG A 122 -18.49 3.96 -9.70
CA ARG A 122 -19.63 3.33 -10.36
C ARG A 122 -19.23 2.83 -11.75
N SER A 123 -19.79 1.69 -12.15
CA SER A 123 -19.49 1.11 -13.45
C SER A 123 -20.77 0.65 -14.15
N GLY A 124 -20.77 0.75 -15.47
CA GLY A 124 -21.94 0.35 -16.23
C GLY A 124 -21.71 -0.94 -17.01
N PRO A 125 -22.58 -1.20 -18.00
CA PRO A 125 -22.48 -2.40 -18.83
C PRO A 125 -21.27 -2.38 -19.76
N SER A 126 -21.02 -1.22 -20.38
CA SER A 126 -19.89 -1.08 -21.30
C SER A 126 -19.35 0.35 -21.26
N SER A 127 -18.03 0.48 -21.29
CA SER A 127 -17.40 1.79 -21.26
C SER A 127 -16.96 2.21 -22.66
N GLY A 128 -17.74 3.09 -23.28
CA GLY A 128 -17.43 3.56 -24.61
C GLY A 128 -18.62 3.47 -25.56
N GLY A 1 -11.93 -25.63 15.35
CA GLY A 1 -11.33 -24.52 14.64
C GLY A 1 -11.59 -23.19 15.30
N SER A 2 -11.03 -23.00 16.50
CA SER A 2 -11.22 -21.77 17.26
C SER A 2 -10.44 -20.63 16.60
N SER A 3 -10.95 -19.40 16.78
CA SER A 3 -10.31 -18.23 16.20
C SER A 3 -10.56 -17.00 17.08
N GLY A 4 -9.48 -16.43 17.61
CA GLY A 4 -9.61 -15.26 18.46
C GLY A 4 -10.03 -14.03 17.68
N SER A 5 -9.59 -12.86 18.14
CA SER A 5 -9.94 -11.60 17.48
C SER A 5 -8.69 -10.88 16.99
N SER A 6 -8.89 -9.84 16.18
CA SER A 6 -7.79 -9.06 15.65
C SER A 6 -8.01 -7.57 15.87
N GLY A 7 -7.04 -6.93 16.53
CA GLY A 7 -7.16 -5.51 16.79
C GLY A 7 -5.99 -4.72 16.24
N SER A 8 -6.25 -3.91 15.21
CA SER A 8 -5.21 -3.11 14.59
C SER A 8 -5.80 -2.10 13.62
N GLY A 9 -4.94 -1.29 13.00
CA GLY A 9 -5.41 -0.29 12.06
C GLY A 9 -4.82 -0.49 10.68
N ILE A 10 -4.25 0.58 10.12
CA ILE A 10 -3.65 0.53 8.80
C ILE A 10 -2.13 0.50 8.88
N ILE A 11 -1.52 -0.54 8.33
CA ILE A 11 -0.07 -0.68 8.35
C ILE A 11 0.58 0.27 7.35
N LYS A 12 0.99 1.44 7.83
CA LYS A 12 1.62 2.43 6.99
C LYS A 12 3.10 2.09 6.77
N MET A 13 3.55 2.26 5.53
CA MET A 13 4.94 1.97 5.18
C MET A 13 5.44 2.91 4.09
N ALA A 14 6.68 3.37 4.24
CA ALA A 14 7.27 4.28 3.26
C ALA A 14 7.83 3.51 2.06
N ILE A 15 7.11 3.59 0.95
CA ILE A 15 7.52 2.90 -0.27
C ILE A 15 6.98 3.61 -1.51
N ARG A 16 7.74 3.53 -2.60
CA ARG A 16 7.35 4.17 -3.85
C ARG A 16 7.48 3.19 -5.02
N PHE A 17 6.41 3.06 -5.80
CA PHE A 17 6.40 2.16 -6.95
C PHE A 17 7.71 2.29 -7.73
N ASP A 18 8.38 1.16 -7.93
CA ASP A 18 9.64 1.15 -8.68
C ASP A 18 9.58 0.14 -9.82
N ARG A 19 8.97 0.55 -10.93
CA ARG A 19 8.84 -0.31 -12.11
C ARG A 19 10.14 -1.09 -12.35
N ARG A 20 11.26 -0.39 -12.24
CA ARG A 20 12.57 -1.00 -12.45
C ARG A 20 12.67 -2.33 -11.72
N ALA A 21 12.32 -2.32 -10.43
CA ALA A 21 12.37 -3.52 -9.61
C ALA A 21 11.79 -4.73 -10.37
N TYR A 22 10.73 -4.49 -11.11
CA TYR A 22 10.08 -5.55 -11.88
C TYR A 22 10.35 -5.39 -13.37
N PRO A 23 10.38 -6.52 -14.09
CA PRO A 23 10.62 -6.54 -15.54
C PRO A 23 9.47 -5.93 -16.33
N PRO A 24 9.73 -5.63 -17.61
CA PRO A 24 8.72 -5.05 -18.51
C PRO A 24 7.61 -6.03 -18.85
N GLN A 25 7.74 -7.26 -18.35
CA GLN A 25 6.74 -8.29 -18.61
C GLN A 25 5.99 -8.66 -17.33
N ILE A 26 6.46 -8.13 -16.21
CA ILE A 26 5.84 -8.40 -14.92
C ILE A 26 5.64 -7.12 -14.12
N THR A 27 4.50 -7.02 -13.44
CA THR A 27 4.19 -5.84 -12.64
C THR A 27 3.94 -6.22 -11.19
N PRO A 28 4.09 -5.24 -10.29
CA PRO A 28 3.89 -5.44 -8.85
C PRO A 28 2.42 -5.69 -8.50
N LYS A 29 1.53 -5.27 -9.38
CA LYS A 29 0.10 -5.45 -9.17
C LYS A 29 -0.35 -6.84 -9.57
N MET A 30 0.32 -7.41 -10.58
CA MET A 30 -0.01 -8.74 -11.06
C MET A 30 0.67 -9.81 -10.20
N CYS A 31 1.68 -9.40 -9.46
CA CYS A 31 2.41 -10.32 -8.59
C CYS A 31 1.60 -10.65 -7.34
N LEU A 32 0.92 -9.64 -6.80
CA LEU A 32 0.12 -9.82 -5.60
C LEU A 32 -1.12 -10.67 -5.90
N LEU A 33 -1.73 -10.43 -7.04
CA LEU A 33 -2.92 -11.17 -7.45
C LEU A 33 -2.64 -12.66 -7.53
N GLU A 34 -1.62 -13.03 -8.31
CA GLU A 34 -1.24 -14.42 -8.47
C GLU A 34 -1.05 -15.09 -7.11
N TRP A 35 -0.60 -14.32 -6.13
CA TRP A 35 -0.37 -14.84 -4.79
C TRP A 35 -1.69 -14.99 -4.04
N CYS A 36 -2.68 -14.19 -4.42
CA CYS A 36 -3.99 -14.23 -3.79
C CYS A 36 -4.80 -15.43 -4.28
N ARG A 37 -4.61 -15.78 -5.54
CA ARG A 37 -5.32 -16.90 -6.14
C ARG A 37 -4.90 -18.22 -5.50
N ARG A 38 -3.60 -18.40 -5.34
CA ARG A 38 -3.07 -19.62 -4.73
C ARG A 38 -3.40 -19.67 -3.24
N GLU A 39 -3.35 -18.51 -2.59
CA GLU A 39 -3.63 -18.43 -1.16
C GLU A 39 -5.14 -18.54 -0.91
N LYS A 40 -5.90 -18.69 -1.97
CA LYS A 40 -7.35 -18.80 -1.87
C LYS A 40 -7.95 -17.57 -1.19
N LEU A 41 -7.28 -16.43 -1.34
CA LEU A 41 -7.73 -15.18 -0.75
C LEU A 41 -8.60 -14.40 -1.75
N PRO A 42 -9.48 -13.56 -1.20
CA PRO A 42 -10.38 -12.73 -2.03
C PRO A 42 -9.63 -11.62 -2.76
N GLN A 43 -10.01 -11.39 -4.01
CA GLN A 43 -9.37 -10.37 -4.83
C GLN A 43 -9.14 -9.09 -4.02
N PRO A 44 -7.95 -8.50 -4.18
CA PRO A 44 -7.56 -7.28 -3.47
C PRO A 44 -8.35 -6.06 -3.97
N VAL A 45 -8.73 -5.19 -3.03
CA VAL A 45 -9.49 -3.99 -3.37
C VAL A 45 -8.57 -2.77 -3.43
N TYR A 46 -8.45 -2.19 -4.62
CA TYR A 46 -7.61 -1.02 -4.82
C TYR A 46 -8.43 0.26 -4.76
N GLU A 47 -7.99 1.19 -3.91
CA GLU A 47 -8.69 2.47 -3.76
C GLU A 47 -7.71 3.63 -3.81
N THR A 48 -7.81 4.43 -4.87
CA THR A 48 -6.92 5.58 -5.04
C THR A 48 -7.64 6.89 -4.72
N VAL A 49 -7.22 7.54 -3.65
CA VAL A 49 -7.83 8.80 -3.23
C VAL A 49 -6.93 9.98 -3.54
N GLN A 50 -7.46 11.19 -3.42
CA GLN A 50 -6.70 12.40 -3.70
C GLN A 50 -6.83 13.40 -2.55
N ARG A 51 -5.71 14.03 -2.19
CA ARG A 51 -5.70 15.00 -1.11
C ARG A 51 -6.03 16.40 -1.63
N THR A 52 -6.08 17.36 -0.72
CA THR A 52 -6.39 18.74 -1.08
C THR A 52 -5.21 19.66 -0.81
N ILE A 53 -4.14 19.11 -0.25
CA ILE A 53 -2.95 19.88 0.06
C ILE A 53 -2.07 20.04 -1.19
N ASP A 54 -1.76 18.92 -1.83
CA ASP A 54 -0.93 18.94 -3.03
C ASP A 54 -1.67 18.33 -4.21
N ARG A 55 -2.91 17.88 -3.97
CA ARG A 55 -3.72 17.27 -5.02
C ARG A 55 -3.06 15.99 -5.54
N MET A 56 -2.33 15.30 -4.65
CA MET A 56 -1.66 14.06 -5.03
C MET A 56 -2.59 12.86 -4.86
N PHE A 57 -2.22 11.75 -5.48
CA PHE A 57 -3.02 10.53 -5.40
C PHE A 57 -2.35 9.50 -4.49
N CYS A 58 -3.16 8.65 -3.88
CA CYS A 58 -2.66 7.61 -2.98
C CYS A 58 -3.53 6.37 -3.04
N SER A 59 -2.92 5.24 -3.41
CA SER A 59 -3.65 3.98 -3.51
C SER A 59 -3.57 3.21 -2.19
N VAL A 60 -4.56 2.35 -1.96
CA VAL A 60 -4.61 1.55 -0.74
C VAL A 60 -5.23 0.18 -1.00
N VAL A 61 -4.42 -0.87 -0.88
CA VAL A 61 -4.88 -2.23 -1.11
C VAL A 61 -5.28 -2.90 0.20
N THR A 62 -6.30 -3.74 0.14
CA THR A 62 -6.79 -4.45 1.33
C THR A 62 -6.86 -5.95 1.07
N VAL A 63 -6.11 -6.71 1.87
CA VAL A 63 -6.10 -8.17 1.74
C VAL A 63 -6.10 -8.84 3.10
N ALA A 64 -6.83 -9.95 3.20
CA ALA A 64 -6.92 -10.70 4.46
C ALA A 64 -7.43 -9.81 5.59
N GLU A 65 -8.44 -9.00 5.29
CA GLU A 65 -9.02 -8.10 6.28
C GLU A 65 -7.97 -7.15 6.83
N GLN A 66 -7.02 -6.77 5.98
CA GLN A 66 -5.96 -5.85 6.37
C GLN A 66 -5.70 -4.81 5.28
N LYS A 67 -5.56 -3.56 5.70
CA LYS A 67 -5.30 -2.47 4.77
C LYS A 67 -3.81 -2.12 4.72
N TYR A 68 -3.37 -1.65 3.56
CA TYR A 68 -1.96 -1.28 3.38
C TYR A 68 -1.84 0.02 2.59
N GLN A 69 -1.44 1.08 3.28
CA GLN A 69 -1.29 2.39 2.64
C GLN A 69 0.13 2.91 2.82
N SER A 70 0.68 3.50 1.75
CA SER A 70 2.04 4.03 1.79
C SER A 70 2.02 5.51 2.17
N THR A 71 3.11 5.96 2.82
CA THR A 71 3.22 7.34 3.23
C THR A 71 3.71 8.22 2.09
N LEU A 72 4.12 7.59 1.00
CA LEU A 72 4.61 8.32 -0.17
C LEU A 72 3.56 8.35 -1.27
N TRP A 73 3.10 9.55 -1.61
CA TRP A 73 2.09 9.71 -2.66
C TRP A 73 2.70 9.48 -4.04
N ASP A 74 1.88 9.60 -5.07
CA ASP A 74 2.33 9.42 -6.44
C ASP A 74 1.87 10.57 -7.34
N LYS A 75 2.70 10.92 -8.31
CA LYS A 75 2.37 12.00 -9.23
C LYS A 75 1.05 11.74 -9.93
N SER A 76 0.79 10.47 -10.25
CA SER A 76 -0.45 10.08 -10.92
C SER A 76 -1.11 8.90 -10.21
N LYS A 77 -2.32 8.58 -10.64
CA LYS A 77 -3.06 7.47 -10.05
C LYS A 77 -2.49 6.13 -10.51
N LYS A 78 -2.42 5.94 -11.82
CA LYS A 78 -1.89 4.71 -12.39
C LYS A 78 -0.67 4.22 -11.60
N LEU A 79 0.19 5.15 -11.22
CA LEU A 79 1.39 4.82 -10.46
C LEU A 79 1.03 4.42 -9.04
N ALA A 80 0.18 5.21 -8.39
CA ALA A 80 -0.25 4.93 -7.03
C ALA A 80 -0.67 3.48 -6.87
N GLU A 81 -1.57 3.03 -7.74
CA GLU A 81 -2.06 1.66 -7.70
C GLU A 81 -0.90 0.66 -7.61
N GLN A 82 0.19 0.99 -8.30
CA GLN A 82 1.37 0.13 -8.30
C GLN A 82 2.00 0.05 -6.92
N THR A 83 2.03 1.19 -6.23
CA THR A 83 2.60 1.26 -4.89
C THR A 83 1.90 0.29 -3.94
N ALA A 84 0.57 0.29 -3.99
CA ALA A 84 -0.22 -0.59 -3.14
C ALA A 84 0.36 -2.00 -3.10
N ALA A 85 0.35 -2.66 -4.26
CA ALA A 85 0.88 -4.02 -4.36
C ALA A 85 2.13 -4.19 -3.51
N ILE A 86 3.23 -3.57 -3.93
CA ILE A 86 4.48 -3.66 -3.21
C ILE A 86 4.26 -3.54 -1.70
N VAL A 87 3.72 -2.40 -1.28
CA VAL A 87 3.44 -2.16 0.13
C VAL A 87 2.78 -3.36 0.78
N CYS A 88 1.94 -4.05 0.01
CA CYS A 88 1.25 -5.23 0.52
C CYS A 88 2.19 -6.44 0.57
N LEU A 89 2.67 -6.86 -0.59
CA LEU A 89 3.57 -8.00 -0.66
C LEU A 89 4.49 -8.05 0.55
N ARG A 90 5.10 -6.92 0.88
CA ARG A 90 6.00 -6.84 2.03
C ARG A 90 5.24 -7.02 3.33
N SER A 91 4.07 -6.40 3.42
CA SER A 91 3.24 -6.48 4.61
C SER A 91 2.78 -7.92 4.85
N GLN A 92 2.70 -8.69 3.78
CA GLN A 92 2.27 -10.08 3.87
C GLN A 92 3.42 -10.97 4.35
N GLY A 93 4.64 -10.47 4.24
CA GLY A 93 5.81 -11.23 4.66
C GLY A 93 6.43 -12.02 3.53
N LEU A 94 6.24 -11.54 2.30
CA LEU A 94 6.79 -12.20 1.13
C LEU A 94 8.22 -11.72 0.83
N PRO A 95 9.01 -12.59 0.22
CA PRO A 95 10.41 -12.28 -0.13
C PRO A 95 10.50 -11.24 -1.25
N GLU A 96 9.36 -10.73 -1.67
CA GLU A 96 9.30 -9.73 -2.74
C GLU A 96 10.25 -8.57 -2.43
N GLY A 97 10.63 -8.44 -1.16
CA GLY A 97 11.53 -7.37 -0.76
C GLY A 97 12.82 -7.36 -1.56
N ARG A 98 13.19 -8.53 -2.08
CA ARG A 98 14.42 -8.65 -2.85
C ARG A 98 14.54 -7.49 -3.85
N LEU A 99 13.42 -6.87 -4.17
CA LEU A 99 13.41 -5.76 -5.12
C LEU A 99 13.72 -4.44 -4.39
N GLY A 100 12.78 -4.01 -3.55
CA GLY A 100 12.98 -2.77 -2.82
C GLY A 100 13.17 -3.00 -1.34
N GLU A 101 13.95 -4.03 -1.00
CA GLU A 101 14.21 -4.36 0.40
C GLU A 101 14.61 -3.11 1.19
N GLU A 102 15.49 -2.31 0.60
CA GLU A 102 15.95 -1.09 1.24
C GLU A 102 14.78 -0.20 1.64
N SER A 103 15.04 0.77 2.51
CA SER A 103 14.01 1.69 2.99
C SER A 103 14.57 3.08 3.17
N PRO A 104 13.87 4.08 2.59
CA PRO A 104 14.28 5.49 2.68
C PRO A 104 14.10 6.05 4.08
N SER A 105 14.91 7.07 4.41
CA SER A 105 14.84 7.70 5.72
C SER A 105 14.55 9.18 5.58
N LEU A 106 13.28 9.52 5.37
CA LEU A 106 12.87 10.92 5.22
C LEU A 106 12.22 11.43 6.50
N ASN A 107 12.18 12.74 6.65
CA ASN A 107 11.58 13.37 7.84
C ASN A 107 10.95 14.70 7.48
N LYS A 108 9.66 14.84 7.78
CA LYS A 108 8.93 16.07 7.50
C LYS A 108 8.32 16.65 8.77
N ARG A 109 7.71 17.82 8.65
CA ARG A 109 7.08 18.48 9.79
C ARG A 109 6.04 17.58 10.44
N LYS A 110 5.40 18.07 11.49
CA LYS A 110 4.37 17.32 12.20
C LYS A 110 3.00 17.56 11.58
N ARG A 111 2.04 16.72 11.94
CA ARG A 111 0.68 16.84 11.42
C ARG A 111 0.19 18.28 11.54
N GLU A 112 0.03 18.94 10.39
CA GLU A 112 -0.43 20.33 10.36
C GLU A 112 -1.83 20.44 10.94
N ALA A 113 -2.40 21.64 10.88
CA ALA A 113 -3.74 21.89 11.39
C ALA A 113 -4.80 21.60 10.34
N PRO A 114 -5.85 20.86 10.74
CA PRO A 114 -6.95 20.49 9.84
C PRO A 114 -7.81 21.69 9.47
N ASP A 115 -8.13 21.82 8.19
CA ASP A 115 -8.96 22.92 7.71
C ASP A 115 -9.63 22.57 6.38
N GLN A 116 -10.65 23.32 6.02
CA GLN A 116 -11.38 23.09 4.79
C GLN A 116 -12.25 24.29 4.43
N ASP A 117 -12.71 24.32 3.18
CA ASP A 117 -13.55 25.42 2.70
C ASP A 117 -14.40 24.98 1.51
N PRO A 118 -15.58 25.61 1.36
CA PRO A 118 -16.50 25.30 0.27
C PRO A 118 -15.96 25.74 -1.09
N GLY A 119 -16.75 25.50 -2.14
CA GLY A 119 -16.34 25.87 -3.48
C GLY A 119 -17.21 26.97 -4.07
N GLY A 120 -17.58 26.80 -5.33
CA GLY A 120 -18.42 27.78 -5.99
C GLY A 120 -19.21 27.19 -7.15
N PRO A 121 -19.99 28.04 -7.83
CA PRO A 121 -20.82 27.61 -8.96
C PRO A 121 -19.98 27.26 -10.19
N ARG A 122 -20.65 26.93 -11.29
CA ARG A 122 -19.96 26.57 -12.53
C ARG A 122 -20.70 27.14 -13.74
N SER A 123 -19.98 27.89 -14.55
CA SER A 123 -20.56 28.50 -15.75
C SER A 123 -19.58 28.46 -16.91
N GLY A 124 -20.09 28.73 -18.11
CA GLY A 124 -19.23 28.72 -19.29
C GLY A 124 -19.79 29.59 -20.41
N PRO A 125 -18.89 30.27 -21.13
CA PRO A 125 -19.26 31.16 -22.23
C PRO A 125 -19.78 30.39 -23.44
N SER A 126 -19.98 31.09 -24.55
CA SER A 126 -20.48 30.48 -25.77
C SER A 126 -19.63 30.89 -26.98
N SER A 127 -19.96 30.34 -28.14
CA SER A 127 -19.23 30.65 -29.36
C SER A 127 -20.03 31.63 -30.24
N GLY A 128 -19.31 32.50 -30.94
CA GLY A 128 -19.96 33.47 -31.79
C GLY A 128 -19.22 34.80 -31.82
N GLY A 1 -9.54 -22.43 26.65
CA GLY A 1 -8.76 -21.58 25.76
C GLY A 1 -8.69 -20.15 26.26
N SER A 2 -8.03 -19.28 25.50
CA SER A 2 -7.89 -17.88 25.88
C SER A 2 -8.39 -16.96 24.77
N SER A 3 -9.55 -16.36 24.98
CA SER A 3 -10.14 -15.46 24.00
C SER A 3 -9.18 -14.34 23.64
N GLY A 4 -8.81 -14.26 22.36
CA GLY A 4 -7.90 -13.23 21.91
C GLY A 4 -8.38 -12.54 20.65
N SER A 5 -8.40 -11.21 20.68
CA SER A 5 -8.84 -10.43 19.53
C SER A 5 -7.88 -10.59 18.35
N SER A 6 -8.33 -10.17 17.17
CA SER A 6 -7.52 -10.28 15.96
C SER A 6 -6.60 -9.07 15.82
N GLY A 7 -7.18 -7.87 15.92
CA GLY A 7 -6.41 -6.66 15.80
C GLY A 7 -7.11 -5.61 14.97
N SER A 8 -6.47 -4.45 14.81
CA SER A 8 -7.04 -3.35 14.04
C SER A 8 -6.03 -2.23 13.85
N GLY A 9 -6.13 -1.53 12.72
CA GLY A 9 -5.21 -0.44 12.44
C GLY A 9 -4.54 -0.59 11.09
N ILE A 10 -4.66 0.43 10.25
CA ILE A 10 -4.07 0.42 8.93
C ILE A 10 -2.55 0.43 9.01
N ILE A 11 -1.91 -0.54 8.37
CA ILE A 11 -0.46 -0.63 8.36
C ILE A 11 0.15 0.30 7.32
N LYS A 12 0.87 1.32 7.79
CA LYS A 12 1.51 2.28 6.90
C LYS A 12 3.00 1.96 6.74
N MET A 13 3.53 2.23 5.55
CA MET A 13 4.94 1.98 5.28
C MET A 13 5.43 2.85 4.13
N ALA A 14 6.66 3.35 4.26
CA ALA A 14 7.24 4.20 3.23
C ALA A 14 7.82 3.37 2.09
N ILE A 15 7.17 3.42 0.92
CA ILE A 15 7.61 2.68 -0.24
C ILE A 15 7.18 3.35 -1.53
N ARG A 16 8.01 3.26 -2.55
CA ARG A 16 7.71 3.87 -3.85
C ARG A 16 7.87 2.85 -4.98
N PHE A 17 6.87 2.78 -5.84
CA PHE A 17 6.89 1.85 -6.97
C PHE A 17 7.97 2.25 -7.98
N ASP A 18 8.81 1.30 -8.33
CA ASP A 18 9.89 1.54 -9.30
C ASP A 18 9.80 0.58 -10.47
N ARG A 19 9.46 1.11 -11.64
CA ARG A 19 9.34 0.29 -12.84
C ARG A 19 10.62 -0.52 -13.08
N ARG A 20 11.73 0.17 -13.24
CA ARG A 20 13.01 -0.49 -13.48
C ARG A 20 13.14 -1.74 -12.62
N ALA A 21 12.85 -1.61 -11.33
CA ALA A 21 12.92 -2.73 -10.40
C ALA A 21 12.37 -4.01 -11.03
N TYR A 22 11.26 -3.87 -11.74
CA TYR A 22 10.63 -5.02 -12.40
C TYR A 22 10.68 -4.87 -13.92
N PRO A 23 10.75 -6.01 -14.62
CA PRO A 23 10.81 -6.04 -16.08
C PRO A 23 9.49 -5.61 -16.73
N PRO A 24 9.54 -5.29 -18.02
CA PRO A 24 8.35 -4.86 -18.78
C PRO A 24 7.37 -6.00 -19.00
N GLN A 25 7.74 -7.19 -18.55
CA GLN A 25 6.88 -8.37 -18.70
C GLN A 25 6.28 -8.77 -17.36
N ILE A 26 6.76 -8.16 -16.29
CA ILE A 26 6.26 -8.46 -14.95
C ILE A 26 5.93 -7.18 -14.19
N THR A 27 4.89 -7.24 -13.36
CA THR A 27 4.47 -6.09 -12.57
C THR A 27 4.14 -6.49 -11.13
N PRO A 28 4.32 -5.54 -10.20
CA PRO A 28 4.05 -5.78 -8.78
C PRO A 28 2.56 -5.93 -8.48
N LYS A 29 1.73 -5.41 -9.38
CA LYS A 29 0.29 -5.49 -9.22
C LYS A 29 -0.21 -6.92 -9.44
N MET A 30 0.47 -7.64 -10.33
CA MET A 30 0.10 -9.02 -10.62
C MET A 30 0.67 -9.97 -9.57
N CYS A 31 1.86 -9.66 -9.08
CA CYS A 31 2.52 -10.49 -8.07
C CYS A 31 1.61 -10.71 -6.87
N LEU A 32 0.80 -9.69 -6.55
CA LEU A 32 -0.12 -9.78 -5.42
C LEU A 32 -1.34 -10.63 -5.76
N LEU A 33 -2.03 -10.25 -6.83
CA LEU A 33 -3.21 -10.97 -7.28
C LEU A 33 -2.90 -12.44 -7.51
N GLU A 34 -1.69 -12.71 -8.00
CA GLU A 34 -1.26 -14.08 -8.26
C GLU A 34 -0.99 -14.83 -6.97
N TRP A 35 -0.64 -14.09 -5.92
CA TRP A 35 -0.35 -14.68 -4.62
C TRP A 35 -1.63 -14.93 -3.84
N CYS A 36 -2.65 -14.12 -4.12
CA CYS A 36 -3.94 -14.26 -3.44
C CYS A 36 -4.65 -15.53 -3.90
N ARG A 37 -4.68 -15.75 -5.20
CA ARG A 37 -5.34 -16.92 -5.77
C ARG A 37 -4.95 -18.18 -5.01
N ARG A 38 -3.65 -18.37 -4.82
CA ARG A 38 -3.13 -19.53 -4.11
C ARG A 38 -3.52 -19.49 -2.63
N GLU A 39 -3.57 -18.28 -2.07
CA GLU A 39 -3.93 -18.10 -0.67
C GLU A 39 -5.44 -18.15 -0.49
N LYS A 40 -6.15 -18.55 -1.53
CA LYS A 40 -7.61 -18.63 -1.49
C LYS A 40 -8.20 -17.37 -0.89
N LEU A 41 -7.50 -16.26 -1.04
CA LEU A 41 -7.96 -14.97 -0.51
C LEU A 41 -8.78 -14.23 -1.56
N PRO A 42 -9.68 -13.35 -1.09
CA PRO A 42 -10.53 -12.55 -1.96
C PRO A 42 -9.76 -11.48 -2.73
N GLN A 43 -10.07 -11.34 -4.02
CA GLN A 43 -9.39 -10.36 -4.86
C GLN A 43 -9.16 -9.06 -4.11
N PRO A 44 -7.99 -8.45 -4.32
CA PRO A 44 -7.61 -7.19 -3.67
C PRO A 44 -8.42 -6.01 -4.19
N VAL A 45 -8.80 -5.11 -3.28
CA VAL A 45 -9.57 -3.94 -3.65
C VAL A 45 -8.71 -2.68 -3.65
N TYR A 46 -8.59 -2.04 -4.80
CA TYR A 46 -7.79 -0.83 -4.93
C TYR A 46 -8.66 0.42 -4.82
N GLU A 47 -8.20 1.38 -4.04
CA GLU A 47 -8.95 2.62 -3.84
C GLU A 47 -8.00 3.83 -3.85
N THR A 48 -8.08 4.64 -4.90
CA THR A 48 -7.23 5.82 -5.02
C THR A 48 -7.99 7.08 -4.63
N VAL A 49 -7.51 7.76 -3.59
CA VAL A 49 -8.13 8.99 -3.11
C VAL A 49 -7.35 10.21 -3.57
N GLN A 50 -7.98 11.37 -3.47
CA GLN A 50 -7.35 12.62 -3.86
C GLN A 50 -7.35 13.63 -2.71
N ARG A 51 -6.16 14.01 -2.26
CA ARG A 51 -6.04 14.97 -1.17
C ARG A 51 -6.19 16.40 -1.68
N THR A 52 -6.12 17.36 -0.75
CA THR A 52 -6.26 18.77 -1.10
C THR A 52 -5.00 19.54 -0.75
N ILE A 53 -4.12 18.92 0.03
CA ILE A 53 -2.87 19.55 0.43
C ILE A 53 -1.91 19.66 -0.74
N ASP A 54 -1.67 18.53 -1.41
CA ASP A 54 -0.77 18.48 -2.56
C ASP A 54 -1.49 17.95 -3.79
N ARG A 55 -2.81 17.85 -3.70
CA ARG A 55 -3.61 17.34 -4.82
C ARG A 55 -2.93 16.14 -5.47
N MET A 56 -2.38 15.26 -4.65
CA MET A 56 -1.71 14.06 -5.15
C MET A 56 -2.66 12.87 -5.15
N PHE A 57 -2.15 11.71 -5.58
CA PHE A 57 -2.95 10.50 -5.63
C PHE A 57 -2.34 9.41 -4.75
N CYS A 58 -3.20 8.67 -4.04
CA CYS A 58 -2.76 7.60 -3.16
C CYS A 58 -3.73 6.44 -3.19
N SER A 59 -3.22 5.24 -3.43
CA SER A 59 -4.06 4.05 -3.49
C SER A 59 -3.93 3.24 -2.20
N VAL A 60 -4.96 2.46 -1.90
CA VAL A 60 -4.97 1.63 -0.69
C VAL A 60 -5.59 0.27 -0.96
N VAL A 61 -4.74 -0.77 -0.97
CA VAL A 61 -5.21 -2.13 -1.21
C VAL A 61 -5.60 -2.82 0.09
N THR A 62 -6.68 -3.59 0.04
CA THR A 62 -7.16 -4.32 1.22
C THR A 62 -7.22 -5.81 0.96
N VAL A 63 -6.53 -6.58 1.80
CA VAL A 63 -6.52 -8.04 1.67
C VAL A 63 -6.60 -8.72 3.02
N ALA A 64 -7.31 -9.85 3.08
CA ALA A 64 -7.45 -10.59 4.31
C ALA A 64 -7.87 -9.68 5.47
N GLU A 65 -8.92 -8.89 5.24
CA GLU A 65 -9.41 -7.97 6.25
C GLU A 65 -8.28 -7.08 6.78
N GLN A 66 -7.38 -6.70 5.88
CA GLN A 66 -6.25 -5.84 6.26
C GLN A 66 -6.02 -4.76 5.19
N LYS A 67 -5.81 -3.54 5.66
CA LYS A 67 -5.57 -2.42 4.76
C LYS A 67 -4.09 -2.06 4.71
N TYR A 68 -3.60 -1.73 3.52
CA TYR A 68 -2.20 -1.37 3.34
C TYR A 68 -2.06 -0.06 2.57
N GLN A 69 -1.41 0.92 3.18
CA GLN A 69 -1.20 2.22 2.55
C GLN A 69 0.22 2.70 2.74
N SER A 70 0.72 3.45 1.76
CA SER A 70 2.08 3.98 1.82
C SER A 70 2.08 5.46 2.19
N THR A 71 3.07 5.87 2.98
CA THR A 71 3.18 7.25 3.41
C THR A 71 3.69 8.14 2.28
N LEU A 72 4.00 7.53 1.15
CA LEU A 72 4.50 8.26 -0.01
C LEU A 72 3.50 8.21 -1.15
N TRP A 73 2.91 9.36 -1.48
CA TRP A 73 1.94 9.46 -2.55
C TRP A 73 2.61 9.25 -3.90
N ASP A 74 1.82 9.38 -4.97
CA ASP A 74 2.33 9.21 -6.33
C ASP A 74 1.92 10.38 -7.22
N LYS A 75 2.73 10.67 -8.22
CA LYS A 75 2.45 11.76 -9.15
C LYS A 75 1.26 11.42 -10.05
N SER A 76 1.08 10.13 -10.33
CA SER A 76 -0.01 9.68 -11.17
C SER A 76 -0.79 8.55 -10.50
N LYS A 77 -2.09 8.50 -10.76
CA LYS A 77 -2.95 7.47 -10.18
C LYS A 77 -2.45 6.08 -10.55
N LYS A 78 -2.22 5.85 -11.84
CA LYS A 78 -1.75 4.56 -12.32
C LYS A 78 -0.58 4.06 -11.48
N LEU A 79 0.24 5.00 -10.98
CA LEU A 79 1.39 4.65 -10.15
C LEU A 79 0.95 4.28 -8.75
N ALA A 80 0.15 5.15 -8.12
CA ALA A 80 -0.34 4.89 -6.77
C ALA A 80 -0.81 3.46 -6.62
N GLU A 81 -1.32 2.89 -7.70
CA GLU A 81 -1.80 1.51 -7.68
C GLU A 81 -0.65 0.52 -7.56
N GLN A 82 0.44 0.81 -8.25
CA GLN A 82 1.63 -0.05 -8.23
C GLN A 82 2.30 0.00 -6.86
N THR A 83 2.13 1.11 -6.16
CA THR A 83 2.72 1.29 -4.84
C THR A 83 2.06 0.36 -3.81
N ALA A 84 0.73 0.26 -3.89
CA ALA A 84 -0.02 -0.58 -2.97
C ALA A 84 0.51 -2.02 -2.98
N ALA A 85 0.36 -2.69 -4.12
CA ALA A 85 0.81 -4.06 -4.26
C ALA A 85 2.11 -4.29 -3.49
N ILE A 86 3.17 -3.59 -3.89
CA ILE A 86 4.47 -3.72 -3.25
C ILE A 86 4.32 -3.67 -1.72
N VAL A 87 3.71 -2.60 -1.23
CA VAL A 87 3.50 -2.43 0.21
C VAL A 87 2.86 -3.67 0.82
N CYS A 88 1.90 -4.25 0.11
CA CYS A 88 1.21 -5.43 0.58
C CYS A 88 2.16 -6.61 0.69
N LEU A 89 2.76 -7.00 -0.43
CA LEU A 89 3.69 -8.12 -0.48
C LEU A 89 4.62 -8.09 0.74
N ARG A 90 5.23 -6.94 0.99
CA ARG A 90 6.13 -6.78 2.11
C ARG A 90 5.42 -7.05 3.44
N SER A 91 4.16 -6.63 3.52
CA SER A 91 3.36 -6.83 4.72
C SER A 91 3.17 -8.31 5.01
N GLN A 92 3.08 -9.10 3.95
CA GLN A 92 2.89 -10.54 4.08
C GLN A 92 4.21 -11.23 4.41
N GLY A 93 5.31 -10.65 3.96
CA GLY A 93 6.62 -11.22 4.22
C GLY A 93 7.07 -12.17 3.12
N LEU A 94 6.75 -11.81 1.88
CA LEU A 94 7.12 -12.64 0.73
C LEU A 94 8.46 -12.21 0.16
N PRO A 95 9.19 -13.16 -0.45
CA PRO A 95 10.50 -12.89 -1.06
C PRO A 95 10.39 -12.03 -2.30
N GLU A 96 9.18 -11.61 -2.64
CA GLU A 96 8.95 -10.78 -3.81
C GLU A 96 10.08 -9.76 -3.98
N GLY A 97 10.61 -9.29 -2.86
CA GLY A 97 11.69 -8.31 -2.92
C GLY A 97 13.05 -8.95 -3.13
N ARG A 98 13.05 -10.13 -3.77
CA ARG A 98 14.29 -10.85 -4.03
C ARG A 98 15.38 -9.90 -4.52
N LEU A 99 14.98 -8.90 -5.30
CA LEU A 99 15.92 -7.92 -5.83
C LEU A 99 16.97 -7.55 -4.78
N GLY A 100 16.51 -6.95 -3.68
CA GLY A 100 17.41 -6.55 -2.61
C GLY A 100 17.24 -7.39 -1.37
N GLU A 101 17.19 -8.71 -1.54
CA GLU A 101 17.02 -9.62 -0.42
C GLU A 101 18.37 -10.15 0.06
N GLU A 102 19.17 -10.66 -0.88
CA GLU A 102 20.48 -11.20 -0.55
C GLU A 102 21.13 -10.40 0.59
N SER A 103 21.87 -11.11 1.44
CA SER A 103 22.54 -10.47 2.57
C SER A 103 23.53 -9.42 2.09
N PRO A 104 24.52 -9.84 1.31
CA PRO A 104 25.55 -8.95 0.76
C PRO A 104 25.00 -8.00 -0.28
N SER A 105 24.83 -6.74 0.09
CA SER A 105 24.30 -5.73 -0.81
C SER A 105 24.46 -4.33 -0.22
N LEU A 106 24.67 -3.35 -1.09
CA LEU A 106 24.83 -1.96 -0.65
C LEU A 106 23.53 -1.41 -0.08
N ASN A 107 23.49 -1.24 1.23
CA ASN A 107 22.32 -0.71 1.90
C ASN A 107 22.65 0.55 2.69
N LYS A 108 21.62 1.36 2.95
CA LYS A 108 21.81 2.60 3.70
C LYS A 108 20.47 3.15 4.17
N ARG A 109 20.49 3.84 5.31
CA ARG A 109 19.28 4.42 5.88
C ARG A 109 18.63 5.39 4.90
N LYS A 110 17.49 5.95 5.29
CA LYS A 110 16.76 6.90 4.46
C LYS A 110 16.49 8.20 5.21
N ARG A 111 16.22 9.26 4.46
CA ARG A 111 15.94 10.56 5.05
C ARG A 111 14.65 10.52 5.87
N GLU A 112 14.65 11.22 7.00
CA GLU A 112 13.48 11.25 7.86
C GLU A 112 12.42 12.20 7.29
N ALA A 113 11.16 11.78 7.35
CA ALA A 113 10.06 12.58 6.86
C ALA A 113 8.99 12.78 7.93
N PRO A 114 9.19 13.78 8.80
CA PRO A 114 8.26 14.09 9.88
C PRO A 114 6.96 14.69 9.37
N ASP A 115 6.95 15.09 8.11
CA ASP A 115 5.76 15.67 7.50
C ASP A 115 4.54 14.79 7.73
N GLN A 116 3.41 15.43 7.98
CA GLN A 116 2.16 14.71 8.23
C GLN A 116 2.42 13.45 9.06
N ASP A 117 3.13 13.60 10.17
CA ASP A 117 3.45 12.49 11.04
C ASP A 117 2.18 11.74 11.44
N PRO A 118 2.29 10.40 11.53
CA PRO A 118 1.16 9.55 11.90
C PRO A 118 0.77 9.70 13.36
N GLY A 119 -0.53 9.88 13.62
CA GLY A 119 -1.01 10.04 14.97
C GLY A 119 -2.08 11.11 15.09
N GLY A 120 -3.23 10.87 14.46
CA GLY A 120 -4.31 11.83 14.51
C GLY A 120 -5.09 11.76 15.80
N PRO A 121 -5.58 12.92 16.26
CA PRO A 121 -6.36 13.02 17.51
C PRO A 121 -7.73 12.37 17.39
N ARG A 122 -8.20 11.78 18.48
CA ARG A 122 -9.50 11.13 18.49
C ARG A 122 -10.57 12.03 19.11
N SER A 123 -11.59 12.36 18.33
CA SER A 123 -12.67 13.21 18.79
C SER A 123 -13.98 12.88 18.09
N GLY A 124 -15.09 13.02 18.81
CA GLY A 124 -16.39 12.73 18.23
C GLY A 124 -17.53 13.28 19.07
N PRO A 125 -18.68 13.50 18.43
CA PRO A 125 -19.87 14.03 19.10
C PRO A 125 -20.49 13.03 20.06
N SER A 126 -21.62 13.40 20.66
CA SER A 126 -22.30 12.54 21.61
C SER A 126 -23.70 12.18 21.11
N SER A 127 -24.11 10.94 21.33
CA SER A 127 -25.42 10.47 20.90
C SER A 127 -26.36 10.31 22.09
N GLY A 128 -27.64 10.56 21.87
CA GLY A 128 -28.62 10.44 22.94
C GLY A 128 -29.66 11.55 22.91
#